data_9UDA
#
_entry.id   9UDA
#
_cell.length_a   1.00
_cell.length_b   1.00
_cell.length_c   1.00
_cell.angle_alpha   90.00
_cell.angle_beta   90.00
_cell.angle_gamma   90.00
#
_symmetry.space_group_name_H-M   'P 1'
#
loop_
_entity.id
_entity.type
_entity.pdbx_description
1 polymer 'Na(+)-translocating NADH-quinone reductase subunit A'
2 polymer 'Na(+)-translocating NADH-quinone reductase subunit B'
3 polymer 'Na(+)-translocating NADH-quinone reductase subunit C'
4 polymer 'Na(+)-translocating NADH-quinone reductase subunit D'
5 polymer 'Na(+)-translocating NADH-quinone reductase subunit E'
6 polymer 'Na(+)-translocating NADH-quinone reductase subunit F'
7 non-polymer 'FLAVIN MONONUCLEOTIDE'
8 non-polymer RIBOFLAVIN
9 non-polymer Korormicin
10 non-polymer 'CALCIUM ION'
11 non-polymer 'FE2/S2 (INORGANIC) CLUSTER'
12 non-polymer 'FLAVIN-ADENINE DINUCLEOTIDE'
13 water water
#
loop_
_entity_poly.entity_id
_entity_poly.type
_entity_poly.pdbx_seq_one_letter_code
_entity_poly.pdbx_strand_id
1 'polypeptide(L)'
;MITIKKGLDLPIAGTPSQVISDGKAIKKVALLGEEYVGMRPTMHVRVGDEVKKAQILFEDKKNPGVKFTSPVSGKVVEIN
RGAKRVLQSVVIEVAGDDQVTFDKFEANQLASLNRDAIKTQLVESGLWTAFRTRPFSKVPAIDSTSEAIFVTAMDTNPLA
AEPTVVINEQSEAFVAGLDVLSALTTGKVYVCKKGTSLPRSQQPNVEEHVFDGPHPAGLAGTHMHFLYPVSADHVAWSIN
YQDVIAVGQLFLTGELYTQRVVSLAGPVVNKPRLVRTVMGASLEQLVDSEIMPGEVRIISGSVLSGTKATGPHAYLGRYH
LQVSVLREGRDKELFGWAMPGKNKFSVTRSFLGHLFKGQVYNMTTTTNGSDRSMVPIGNYEKVMPLDMEPTLLLRDLCAG
DSDSAVRLGALELDEEDLALCTFVCPGKYEYGQLLRECLDKIEKEG
;
A
2 'polypeptide(L)'
;MGLKKFLEDIEHHFEPGGKHEKWFALYEAAATLFYTPGLVTKRSSHVRDSVDLKRIMIMVWLAVFPAMFWGMYNAGGQAI
AALNHLYSGDQLAAIVAGNWHYWLTEMLGGTMSSDAGWGSKMLLGATYFLPIYATVFIVGAFWEVLFCMVRKHEVNEGFF
VTSILFALIVPPTLPLWQAALGITFGVVVAKEVFGGTGRNFLNPALAGRAFLFFAYPAQISGDLVWTAADGYSGATALSQ
WAQGGAGALINNATGQTITWMDAFIGNIPGSIGEVSTLALMIGAAFIVYMGIASWRIIGGVMIGMILLSTLFNVIGSDTN
AMFNMPWHWHLVLGGFAFGMFFMATDPVSASFTNSGKWAYGILIGVMCVLIRVVNPAYPEGMMLAILFANLFAPLFDHVV
VERNIKRRLARYGKQ
;
B
3 'polypeptide(L)'
;MASNNDSIKKTLFVVIALSLVCSIIVSAAAVGLRDKQKENAALDKQSKILQVAGIEAKGSKQIVELFNKSIEPRLVDFNT
GDFVEGDAANYDQRKAAKEASESIKLTAEQDKAKIQRRANVGVVYLVKDGDKTSKVILPVHGNGLWSMMYAFVAVETDGN
TVSGLTYYEQGETPGLGGEVENPAWRAQWVGKKLFDENHKPAIKIVKGGAPQGSEHGVDGLSGATLTSNGVQNTFDFWLG
DMGFGPFLTKVRDGGLN
;
C
4 'polypeptide(L)'
;MSSAKELKKSVLAPVLDNNPIALQVLGVCSALAVTTKLETAFVMTLAVMFVTALSNFFVSLIRNHIPNSVRIIVQMAIIA
SLVIVVDQILKAYLYDISKQLSVFVGLIITNCIVMGRAEAFAMKSEPIPSFIDGIGNGLGYGFVLMTVGFFRELLGSGKL
FGLEVLPLISNGGWYQPNGLMLLAPSAFFLIGFMIWAIRTFKPEQVEAKE
;
D
5 'polypeptide(L)'
;MEHYISLLVKSIFIENMALSFFLGMCTFLAVSKKVKTSFGLGIAVIVVLTISVPVNNLVYNLVLKPDALVEGVDLSFLNF
ITFIGVIAALVQILEMILDRFFPPLYNALGIFLPLITVNCAIFGGVSFMVQRDYSFAESVVYGFGSGVGWMLAIVALAGI
REKMKYSDVPPGLRGLGITFITAGLMALGFMSFSGVQL
;
E
6 'polypeptide(L)'
;MSTIIFGVVMFTLIILALVLVILFAKSKLVPTGDITISINGDPEKAIVTQPGGKLLTALAGAGVFVSSACGGGGSCGQCR
VKIKSGGGDILPTELDHISKGEAREGERLACQVAVKADMDLELPEEIFGVKKWECTVISNDNKATFIKELKLAIPDGESV
PFRAGGYIQIEAPAHHVKYADFDVPEKYRGDWDKFNLFRYESKVDEPIIRAYSMANYPEEFGIIMLNVRIATPPPNNPNV
PPGQMSSYIWSLKAGDKCTISGPFGEFFAKDTDAEMVFIGGGAGMAPMRSHIFDQLKRLKSKRKMSYWYGARSKREMFYV
EDFDGLAAENDNFVWHCALSDPQPEDNWTGYTGFIHNVLYENYLKDHEAPEDCEYYMCGPPMMNAAVINMLKNLGVEEEN
ILLDDFGGHHHHHH
;
F
#
# COMPACT_ATOMS: atom_id res chain seq x y z
N MET A 1 33.91 28.35 3.49
CA MET A 1 33.56 28.03 2.08
C MET A 1 32.86 26.68 2.01
N ILE A 2 31.81 26.58 1.20
CA ILE A 2 31.09 25.35 0.97
C ILE A 2 31.41 24.88 -0.45
N THR A 3 31.74 23.60 -0.59
CA THR A 3 32.10 23.01 -1.88
C THR A 3 31.05 21.97 -2.25
N ILE A 4 30.34 22.21 -3.35
CA ILE A 4 29.39 21.24 -3.85
C ILE A 4 30.12 20.25 -4.76
N LYS A 5 29.83 18.96 -4.59
CA LYS A 5 30.42 17.91 -5.40
C LYS A 5 29.42 17.22 -6.29
N LYS A 6 28.17 17.09 -5.86
CA LYS A 6 27.12 16.52 -6.69
C LYS A 6 26.46 17.63 -7.49
N GLY A 7 26.47 17.49 -8.81
CA GLY A 7 25.94 18.52 -9.68
C GLY A 7 26.27 18.20 -11.12
N LEU A 8 26.08 19.20 -11.97
CA LEU A 8 26.34 19.04 -13.40
C LEU A 8 26.47 20.39 -14.05
N ASP A 9 27.61 20.64 -14.70
CA ASP A 9 27.77 21.81 -15.56
C ASP A 9 27.46 21.39 -16.99
N LEU A 10 26.31 21.81 -17.49
CA LEU A 10 25.84 21.33 -18.79
C LEU A 10 26.77 21.83 -19.89
N PRO A 11 27.38 20.93 -20.71
CA PRO A 11 28.30 21.35 -21.77
C PRO A 11 27.60 21.73 -23.07
N ILE A 12 26.70 22.72 -23.00
CA ILE A 12 25.99 23.15 -24.18
C ILE A 12 26.82 24.19 -24.93
N ALA A 13 26.70 24.19 -26.25
CA ALA A 13 27.51 25.07 -27.08
C ALA A 13 26.95 26.49 -27.08
N GLY A 14 27.76 27.42 -27.57
CA GLY A 14 27.34 28.80 -27.65
C GLY A 14 27.56 29.62 -26.40
N THR A 15 28.76 29.57 -25.84
CA THR A 15 29.01 30.24 -24.56
C THR A 15 29.22 31.74 -24.79
N PRO A 16 28.55 32.60 -24.02
CA PRO A 16 28.67 34.04 -24.26
C PRO A 16 30.06 34.56 -23.96
N SER A 17 30.45 35.63 -24.66
CA SER A 17 31.66 36.35 -24.32
C SER A 17 31.32 37.42 -23.30
N GLN A 18 32.01 37.38 -22.16
CA GLN A 18 31.63 38.22 -21.03
C GLN A 18 32.08 39.67 -21.26
N VAL A 19 31.50 40.31 -22.26
CA VAL A 19 31.75 41.72 -22.57
C VAL A 19 30.41 42.36 -22.88
N ILE A 20 30.12 43.49 -22.23
CA ILE A 20 28.82 44.15 -22.38
C ILE A 20 28.83 45.01 -23.63
N SER A 21 27.70 45.04 -24.33
CA SER A 21 27.54 45.84 -25.53
C SER A 21 26.10 46.32 -25.62
N ASP A 22 25.88 47.33 -26.45
CA ASP A 22 24.54 47.90 -26.61
C ASP A 22 23.62 46.90 -27.29
N GLY A 23 22.35 46.92 -26.92
CA GLY A 23 21.37 46.04 -27.50
C GLY A 23 20.53 46.72 -28.58
N LYS A 24 19.70 45.92 -29.23
CA LYS A 24 18.81 46.44 -30.26
C LYS A 24 17.83 47.45 -29.66
N ALA A 25 17.13 48.15 -30.53
CA ALA A 25 16.10 49.07 -30.08
C ALA A 25 14.85 48.32 -29.68
N ILE A 26 14.29 48.67 -28.53
CA ILE A 26 13.11 48.02 -27.98
C ILE A 26 11.95 49.00 -28.04
N LYS A 27 10.84 48.55 -28.62
CA LYS A 27 9.65 49.38 -28.76
C LYS A 27 8.45 48.87 -27.97
N LYS A 28 8.55 47.69 -27.37
CA LYS A 28 7.48 47.14 -26.55
C LYS A 28 8.07 46.47 -25.32
N VAL A 29 7.35 46.58 -24.20
CA VAL A 29 7.66 45.82 -22.99
C VAL A 29 6.35 45.31 -22.43
N ALA A 30 6.44 44.35 -21.51
CA ALA A 30 5.25 43.75 -20.93
C ALA A 30 5.55 43.15 -19.57
N LEU A 31 4.51 43.06 -18.75
CA LEU A 31 4.56 42.33 -17.49
C LEU A 31 3.79 41.03 -17.65
N LEU A 32 4.45 39.92 -17.33
CA LEU A 32 3.87 38.60 -17.48
C LEU A 32 3.11 38.24 -16.22
N GLY A 33 1.81 37.97 -16.35
CA GLY A 33 0.98 37.77 -15.19
C GLY A 33 1.15 36.40 -14.56
N GLU A 34 1.50 35.40 -15.37
CA GLU A 34 1.53 34.02 -14.88
C GLU A 34 2.83 33.66 -14.17
N GLU A 35 3.83 34.54 -14.17
CA GLU A 35 5.11 34.21 -13.55
C GLU A 35 5.15 34.52 -12.07
N TYR A 36 4.08 35.12 -11.51
CA TYR A 36 4.00 35.39 -10.09
C TYR A 36 3.12 34.33 -9.44
N VAL A 37 3.67 33.64 -8.44
CA VAL A 37 2.96 32.54 -7.83
C VAL A 37 1.77 33.06 -7.04
N GLY A 38 0.60 32.46 -7.26
CA GLY A 38 -0.59 32.79 -6.50
C GLY A 38 -1.16 34.15 -6.78
N MET A 39 -0.87 34.76 -7.92
CA MET A 39 -1.32 36.11 -8.20
C MET A 39 -2.68 36.10 -8.88
N ARG A 40 -3.58 36.95 -8.41
CA ARG A 40 -4.87 37.20 -9.06
C ARG A 40 -5.01 38.70 -9.24
N PRO A 41 -4.91 39.22 -10.46
CA PRO A 41 -4.75 40.68 -10.62
C PRO A 41 -6.08 41.43 -10.58
N THR A 42 -5.99 42.70 -10.17
CA THR A 42 -7.06 43.67 -10.33
C THR A 42 -6.51 44.79 -11.22
N MET A 43 -7.10 44.94 -12.40
CA MET A 43 -6.50 45.81 -13.41
C MET A 43 -6.80 47.26 -13.11
N HIS A 44 -5.76 48.10 -13.14
CA HIS A 44 -5.90 49.54 -12.97
C HIS A 44 -5.75 50.29 -14.28
N VAL A 45 -5.60 49.59 -15.40
CA VAL A 45 -5.48 50.20 -16.72
C VAL A 45 -6.33 49.43 -17.71
N ARG A 46 -6.64 50.08 -18.83
CA ARG A 46 -7.33 49.46 -19.94
C ARG A 46 -6.67 49.90 -21.24
N VAL A 47 -6.89 49.12 -22.29
CA VAL A 47 -6.21 49.37 -23.56
C VAL A 47 -6.44 50.80 -24.00
N GLY A 48 -5.39 51.44 -24.51
CA GLY A 48 -5.44 52.81 -24.95
C GLY A 48 -4.96 53.83 -23.94
N ASP A 49 -4.75 53.42 -22.69
CA ASP A 49 -4.33 54.35 -21.65
C ASP A 49 -2.85 54.67 -21.78
N GLU A 50 -2.50 55.91 -21.44
CA GLU A 50 -1.10 56.31 -21.34
C GLU A 50 -0.63 56.19 -19.90
N VAL A 51 0.59 55.71 -19.71
CA VAL A 51 1.12 55.40 -18.39
C VAL A 51 2.48 56.06 -18.24
N LYS A 52 2.89 56.25 -16.99
CA LYS A 52 4.22 56.73 -16.65
C LYS A 52 5.06 55.58 -16.12
N LYS A 53 6.38 55.79 -16.11
CA LYS A 53 7.24 54.81 -15.45
C LYS A 53 6.94 54.77 -13.97
N ALA A 54 6.85 53.56 -13.42
CA ALA A 54 6.51 53.30 -12.02
C ALA A 54 5.04 53.53 -11.72
N GLN A 55 4.20 53.76 -12.72
CA GLN A 55 2.76 53.85 -12.49
C GLN A 55 2.17 52.46 -12.37
N ILE A 56 1.22 52.31 -11.44
CA ILE A 56 0.65 51.00 -11.15
C ILE A 56 -0.15 50.51 -12.35
N LEU A 57 0.02 49.23 -12.67
CA LEU A 57 -0.78 48.57 -13.70
C LEU A 57 -1.86 47.68 -13.11
N PHE A 58 -1.54 46.89 -12.09
CA PHE A 58 -2.55 46.10 -11.40
C PHE A 58 -2.04 45.75 -10.01
N GLU A 59 -2.98 45.34 -9.17
CA GLU A 59 -2.70 44.91 -7.81
C GLU A 59 -2.93 43.41 -7.69
N ASP A 60 -2.75 42.88 -6.49
CA ASP A 60 -2.98 41.47 -6.23
C ASP A 60 -4.15 41.31 -5.26
N LYS A 61 -5.13 40.50 -5.64
CA LYS A 61 -6.27 40.25 -4.77
C LYS A 61 -5.86 39.45 -3.53
N LYS A 62 -5.00 38.46 -3.72
CA LYS A 62 -4.61 37.55 -2.64
C LYS A 62 -3.41 38.07 -1.85
N ASN A 63 -2.84 39.21 -2.25
CA ASN A 63 -1.72 39.82 -1.53
C ASN A 63 -1.96 41.32 -1.46
N PRO A 64 -2.84 41.76 -0.55
CA PRO A 64 -3.27 43.16 -0.56
C PRO A 64 -2.09 44.12 -0.39
N GLY A 65 -2.13 45.22 -1.14
CA GLY A 65 -1.15 46.28 -1.01
C GLY A 65 0.05 46.15 -1.93
N VAL A 66 0.21 45.02 -2.62
CA VAL A 66 1.35 44.84 -3.52
C VAL A 66 0.97 45.42 -4.89
N LYS A 67 1.83 46.27 -5.42
CA LYS A 67 1.57 46.98 -6.67
C LYS A 67 2.56 46.53 -7.74
N PHE A 68 2.05 46.28 -8.94
CA PHE A 68 2.85 45.96 -10.11
C PHE A 68 2.81 47.16 -11.03
N THR A 69 3.97 47.74 -11.32
CA THR A 69 4.05 49.04 -11.98
C THR A 69 4.71 48.92 -13.35
N SER A 70 4.61 49.99 -14.12
CA SER A 70 5.10 49.98 -15.49
C SER A 70 6.60 50.25 -15.52
N PRO A 71 7.38 49.50 -16.31
CA PRO A 71 8.82 49.78 -16.40
C PRO A 71 9.17 50.88 -17.37
N VAL A 72 8.24 51.37 -18.18
CA VAL A 72 8.51 52.41 -19.17
C VAL A 72 7.30 53.32 -19.28
N SER A 73 7.53 54.50 -19.85
CA SER A 73 6.45 55.40 -20.21
C SER A 73 5.97 55.09 -21.62
N GLY A 74 4.66 55.06 -21.80
CA GLY A 74 4.11 54.73 -23.10
C GLY A 74 2.61 54.56 -23.05
N LYS A 75 2.11 53.69 -23.92
CA LYS A 75 0.69 53.46 -24.10
C LYS A 75 0.40 51.97 -24.02
N VAL A 76 -0.66 51.61 -23.30
CA VAL A 76 -1.07 50.22 -23.17
C VAL A 76 -1.72 49.80 -24.48
N VAL A 77 -1.17 48.77 -25.13
CA VAL A 77 -1.66 48.36 -26.44
C VAL A 77 -2.39 47.03 -26.38
N GLU A 78 -2.04 46.15 -25.44
CA GLU A 78 -2.64 44.82 -25.37
C GLU A 78 -2.77 44.40 -23.92
N ILE A 79 -3.86 43.68 -23.64
CA ILE A 79 -4.04 42.97 -22.36
C ILE A 79 -4.46 41.56 -22.74
N ASN A 80 -3.48 40.66 -22.82
CA ASN A 80 -3.72 39.31 -23.33
C ASN A 80 -4.27 38.41 -22.24
N ARG A 81 -5.24 37.59 -22.61
CA ARG A 81 -5.87 36.66 -21.67
C ARG A 81 -6.07 35.31 -22.35
N GLY A 82 -6.07 34.25 -21.56
CA GLY A 82 -6.17 32.90 -22.09
C GLY A 82 -7.33 32.12 -21.53
N ALA A 83 -7.13 30.82 -21.33
CA ALA A 83 -8.19 29.96 -20.83
C ALA A 83 -8.68 30.44 -19.47
N LYS A 84 -10.00 30.48 -19.31
CA LYS A 84 -10.62 30.98 -18.08
C LYS A 84 -10.18 32.41 -17.79
N ARG A 85 -9.91 33.16 -18.86
CA ARG A 85 -9.59 34.58 -18.79
C ARG A 85 -8.40 34.85 -17.85
N VAL A 86 -7.43 33.93 -17.81
CA VAL A 86 -6.22 34.19 -17.04
C VAL A 86 -5.39 35.23 -17.76
N LEU A 87 -4.86 36.19 -17.01
CA LEU A 87 -4.06 37.25 -17.60
C LEU A 87 -2.70 36.71 -18.00
N GLN A 88 -2.32 36.93 -19.25
CA GLN A 88 -1.04 36.46 -19.76
C GLN A 88 0.02 37.55 -19.74
N SER A 89 -0.30 38.73 -20.26
CA SER A 89 0.67 39.82 -20.29
C SER A 89 -0.06 41.14 -20.54
N VAL A 90 0.56 42.21 -20.07
CA VAL A 90 0.11 43.58 -20.32
C VAL A 90 1.22 44.30 -21.07
N VAL A 91 0.94 44.66 -22.31
CA VAL A 91 1.96 45.16 -23.24
C VAL A 91 1.87 46.67 -23.31
N ILE A 92 3.00 47.34 -23.10
CA ILE A 92 3.09 48.80 -23.19
C ILE A 92 4.01 49.14 -24.36
N GLU A 93 3.58 50.09 -25.18
CA GLU A 93 4.37 50.56 -26.31
C GLU A 93 5.13 51.82 -25.90
N VAL A 94 6.45 51.78 -26.02
CA VAL A 94 7.28 52.82 -25.44
C VAL A 94 7.03 54.14 -26.16
N ALA A 95 6.88 55.21 -25.38
CA ALA A 95 6.73 56.56 -25.92
C ALA A 95 6.88 57.55 -24.78
N GLY A 96 7.69 58.57 -24.98
CA GLY A 96 7.88 59.60 -23.98
C GLY A 96 8.83 59.16 -22.87
N ASP A 97 8.96 60.03 -21.87
CA ASP A 97 9.84 59.77 -20.74
C ASP A 97 9.24 60.19 -19.40
N ASP A 98 7.93 60.24 -19.28
CA ASP A 98 7.31 60.60 -18.00
C ASP A 98 7.59 59.52 -16.96
N GLN A 99 7.65 59.92 -15.70
CA GLN A 99 7.93 58.98 -14.63
C GLN A 99 7.40 59.50 -13.31
N VAL A 100 7.19 58.58 -12.37
CA VAL A 100 6.88 58.93 -10.99
C VAL A 100 8.18 58.87 -10.18
N THR A 101 8.38 59.87 -9.32
CA THR A 101 9.62 59.98 -8.56
C THR A 101 9.32 59.85 -7.08
N PHE A 102 10.37 59.56 -6.31
CA PHE A 102 10.27 59.28 -4.89
C PHE A 102 11.36 60.03 -4.14
N ASP A 103 11.49 59.72 -2.85
CA ASP A 103 12.48 60.38 -2.01
C ASP A 103 13.87 59.82 -2.28
N LYS A 104 14.87 60.68 -2.09
CA LYS A 104 16.26 60.31 -2.28
C LYS A 104 17.06 60.69 -1.04
N PHE A 105 18.11 59.91 -0.77
CA PHE A 105 18.91 60.08 0.44
C PHE A 105 20.39 60.03 0.09
N GLU A 106 21.20 60.46 1.03
CA GLU A 106 22.65 60.36 0.89
C GLU A 106 23.11 58.93 1.18
N ALA A 107 24.28 58.58 0.66
CA ALA A 107 24.77 57.22 0.78
C ALA A 107 24.97 56.82 2.24
N ASN A 108 25.37 57.75 3.10
CA ASN A 108 25.66 57.42 4.48
C ASN A 108 24.41 57.33 5.35
N GLN A 109 23.26 57.79 4.84
CA GLN A 109 22.03 57.71 5.63
C GLN A 109 21.29 56.40 5.41
N LEU A 110 21.65 55.63 4.40
CA LEU A 110 20.85 54.49 4.00
C LEU A 110 20.85 53.39 5.06
N ALA A 111 21.96 53.23 5.78
CA ALA A 111 22.08 52.12 6.72
C ALA A 111 21.22 52.30 7.96
N SER A 112 20.66 53.49 8.19
CA SER A 112 19.90 53.76 9.40
C SER A 112 18.49 54.25 9.12
N LEU A 113 17.94 54.00 7.94
CA LEU A 113 16.58 54.41 7.65
C LEU A 113 15.59 53.54 8.41
N ASN A 114 14.37 54.04 8.55
CA ASN A 114 13.32 53.28 9.22
C ASN A 114 12.83 52.16 8.31
N ARG A 115 12.59 51.00 8.91
CA ARG A 115 12.12 49.85 8.14
C ARG A 115 10.79 50.15 7.45
N ASP A 116 9.89 50.83 8.15
CA ASP A 116 8.60 51.18 7.55
C ASP A 116 8.77 52.12 6.38
N ALA A 117 9.64 53.12 6.48
CA ALA A 117 9.88 54.01 5.35
C ALA A 117 10.46 53.25 4.17
N ILE A 118 11.41 52.35 4.43
CA ILE A 118 12.00 51.54 3.35
C ILE A 118 10.91 50.74 2.66
N LYS A 119 10.06 50.08 3.45
CA LYS A 119 9.02 49.25 2.87
C LYS A 119 8.01 50.08 2.08
N THR A 120 7.65 51.26 2.59
CA THR A 120 6.73 52.12 1.87
C THR A 120 7.32 52.52 0.52
N GLN A 121 8.59 52.96 0.51
CA GLN A 121 9.20 53.36 -0.75
C GLN A 121 9.24 52.18 -1.74
N LEU A 122 9.67 51.01 -1.28
CA LEU A 122 9.76 49.88 -2.18
C LEU A 122 8.39 49.49 -2.74
N VAL A 123 7.38 49.40 -1.87
CA VAL A 123 6.05 48.99 -2.30
C VAL A 123 5.48 50.00 -3.29
N GLU A 124 5.62 51.29 -2.99
CA GLU A 124 5.07 52.31 -3.89
C GLU A 124 5.78 52.29 -5.24
N SER A 125 7.10 52.14 -5.25
CA SER A 125 7.81 52.09 -6.53
C SER A 125 7.59 50.78 -7.27
N GLY A 126 7.06 49.77 -6.60
CA GLY A 126 6.82 48.49 -7.24
C GLY A 126 8.02 47.57 -7.27
N LEU A 127 9.15 48.02 -6.74
CA LEU A 127 10.34 47.18 -6.65
C LEU A 127 10.21 46.13 -5.56
N TRP A 128 9.14 46.18 -4.76
CA TRP A 128 8.90 45.17 -3.73
C TRP A 128 8.75 43.78 -4.31
N THR A 129 8.45 43.66 -5.60
CA THR A 129 8.22 42.35 -6.19
C THR A 129 9.52 41.65 -6.59
N ALA A 130 10.66 42.30 -6.39
CA ALA A 130 11.94 41.62 -6.62
C ALA A 130 12.19 40.54 -5.58
N PHE A 131 11.60 40.66 -4.40
CA PHE A 131 11.75 39.67 -3.36
C PHE A 131 10.86 38.47 -3.60
N ARG A 132 11.32 37.31 -3.14
CA ARG A 132 10.52 36.10 -3.14
C ARG A 132 10.75 35.37 -1.82
N THR A 133 9.78 34.54 -1.44
CA THR A 133 9.78 33.91 -0.13
C THR A 133 9.93 32.40 -0.27
N ARG A 134 10.85 31.85 0.50
CA ARG A 134 10.98 30.41 0.64
C ARG A 134 10.48 30.04 2.04
N PRO A 135 9.45 29.20 2.18
CA PRO A 135 8.73 28.44 1.14
C PRO A 135 7.84 29.23 0.16
N PHE A 136 7.46 28.53 -0.91
CA PHE A 136 6.40 28.93 -1.84
C PHE A 136 6.80 29.99 -2.87
N SER A 137 7.99 30.57 -2.74
CA SER A 137 8.51 31.50 -3.75
C SER A 137 7.48 32.56 -4.14
N LYS A 138 6.84 33.18 -3.16
CA LYS A 138 5.85 34.22 -3.41
C LYS A 138 6.39 35.59 -2.98
N VAL A 139 5.75 36.63 -3.49
CA VAL A 139 6.13 37.99 -3.05
C VAL A 139 5.77 38.15 -1.59
N PRO A 140 6.66 38.65 -0.73
CA PRO A 140 6.34 38.74 0.70
C PRO A 140 5.17 39.66 0.95
N ALA A 141 4.41 39.36 2.00
CA ALA A 141 3.36 40.27 2.44
C ALA A 141 3.97 41.54 3.02
N ILE A 142 3.38 42.68 2.69
CA ILE A 142 3.96 43.95 3.07
C ILE A 142 4.01 44.14 4.58
N ASP A 143 3.25 43.35 5.34
CA ASP A 143 3.23 43.50 6.78
C ASP A 143 4.20 42.55 7.49
N SER A 144 4.95 41.74 6.75
CA SER A 144 5.81 40.74 7.35
C SER A 144 7.28 41.13 7.24
N THR A 145 8.11 40.44 8.03
CA THR A 145 9.56 40.60 7.99
C THR A 145 10.20 39.22 7.95
N SER A 146 11.52 39.20 7.81
CA SER A 146 12.28 37.96 7.78
C SER A 146 13.63 38.17 8.45
N GLU A 147 14.14 37.08 9.04
CA GLU A 147 15.45 37.15 9.70
C GLU A 147 16.60 37.04 8.72
N ALA A 148 16.38 36.48 7.54
CA ALA A 148 17.45 36.22 6.58
C ALA A 148 17.03 36.70 5.20
N ILE A 149 17.87 37.53 4.59
CA ILE A 149 17.72 37.93 3.19
C ILE A 149 18.96 37.44 2.45
N PHE A 150 18.74 36.66 1.41
CA PHE A 150 19.83 36.07 0.63
C PHE A 150 20.00 36.85 -0.66
N VAL A 151 21.22 37.32 -0.91
CA VAL A 151 21.58 38.00 -2.14
C VAL A 151 22.33 37.01 -3.00
N THR A 152 21.94 36.87 -4.26
CA THR A 152 22.56 35.91 -5.17
C THR A 152 23.51 36.68 -6.07
N ALA A 153 24.79 36.65 -5.75
CA ALA A 153 25.82 37.36 -6.50
C ALA A 153 26.64 36.41 -7.37
N MET A 154 26.12 35.22 -7.63
CA MET A 154 26.76 34.25 -8.49
C MET A 154 25.72 33.64 -9.41
N ASP A 155 26.18 33.09 -10.53
CA ASP A 155 25.26 32.47 -11.50
C ASP A 155 25.98 31.27 -12.10
N THR A 156 25.44 30.08 -11.85
CA THR A 156 25.99 28.84 -12.38
C THR A 156 25.12 28.22 -13.46
N ASN A 157 24.05 28.90 -13.88
CA ASN A 157 23.24 28.39 -14.97
C ASN A 157 24.07 28.31 -16.24
N PRO A 158 23.79 27.34 -17.12
CA PRO A 158 24.52 27.28 -18.38
C PRO A 158 24.28 28.53 -19.22
N LEU A 159 25.34 29.04 -19.83
CA LEU A 159 25.29 30.22 -20.69
C LEU A 159 24.90 31.47 -19.93
N ALA A 160 25.10 31.49 -18.61
CA ALA A 160 24.70 32.65 -17.82
C ALA A 160 25.76 33.75 -17.88
N ALA A 161 25.34 34.94 -17.49
CA ALA A 161 26.26 36.08 -17.46
C ALA A 161 27.14 36.03 -16.22
N GLU A 162 28.21 36.81 -16.24
CA GLU A 162 29.14 36.86 -15.12
C GLU A 162 28.77 38.03 -14.21
N PRO A 163 28.28 37.77 -12.99
CA PRO A 163 27.85 38.89 -12.13
C PRO A 163 28.94 39.90 -11.83
N THR A 164 30.21 39.48 -11.83
CA THR A 164 31.28 40.42 -11.50
C THR A 164 31.38 41.53 -12.54
N VAL A 165 31.25 41.19 -13.83
CA VAL A 165 31.36 42.18 -14.88
C VAL A 165 30.28 43.24 -14.72
N VAL A 166 29.06 42.82 -14.39
CA VAL A 166 27.95 43.75 -14.23
C VAL A 166 28.13 44.58 -12.98
N ILE A 167 28.51 43.95 -11.87
CA ILE A 167 28.57 44.66 -10.59
C ILE A 167 29.69 45.69 -10.59
N ASN A 168 30.82 45.37 -11.22
CA ASN A 168 31.95 46.29 -11.21
C ASN A 168 31.63 47.63 -11.87
N GLU A 169 30.58 47.70 -12.69
CA GLU A 169 30.15 48.97 -13.26
C GLU A 169 29.21 49.75 -12.36
N GLN A 170 28.64 49.11 -11.35
CA GLN A 170 27.63 49.72 -10.48
C GLN A 170 27.98 49.47 -9.02
N SER A 171 29.23 49.71 -8.64
CA SER A 171 29.68 49.39 -7.29
C SER A 171 28.93 50.21 -6.24
N GLU A 172 28.79 51.52 -6.49
CA GLU A 172 28.10 52.37 -5.52
C GLU A 172 26.66 51.93 -5.33
N ALA A 173 25.96 51.65 -6.42
CA ALA A 173 24.58 51.21 -6.33
C ALA A 173 24.47 49.87 -5.61
N PHE A 174 25.39 48.95 -5.88
CA PHE A 174 25.36 47.65 -5.22
C PHE A 174 25.55 47.81 -3.71
N VAL A 175 26.51 48.64 -3.31
CA VAL A 175 26.77 48.84 -1.88
C VAL A 175 25.59 49.54 -1.21
N ALA A 176 25.00 50.52 -1.89
CA ALA A 176 23.83 51.20 -1.33
C ALA A 176 22.67 50.24 -1.15
N GLY A 177 22.44 49.37 -2.14
CA GLY A 177 21.40 48.37 -2.00
C GLY A 177 21.66 47.42 -0.85
N LEU A 178 22.92 47.04 -0.66
CA LEU A 178 23.25 46.17 0.47
C LEU A 178 22.98 46.88 1.80
N ASP A 179 23.30 48.17 1.87
CA ASP A 179 23.00 48.92 3.09
C ASP A 179 21.50 48.99 3.35
N VAL A 180 20.71 49.24 2.30
CA VAL A 180 19.26 49.29 2.47
C VAL A 180 18.73 47.94 2.93
N LEU A 181 19.25 46.85 2.36
CA LEU A 181 18.83 45.52 2.79
C LEU A 181 19.22 45.26 4.24
N SER A 182 20.40 45.71 4.65
CA SER A 182 20.81 45.54 6.05
C SER A 182 19.85 46.27 6.98
N ALA A 183 19.45 47.49 6.62
CA ALA A 183 18.44 48.18 7.42
C ALA A 183 17.09 47.46 7.39
N LEU A 184 16.73 46.87 6.26
CA LEU A 184 15.42 46.25 6.12
C LEU A 184 15.31 44.95 6.90
N THR A 185 16.41 44.21 7.03
CA THR A 185 16.33 42.87 7.61
C THR A 185 16.28 42.94 9.13
N THR A 186 15.68 41.92 9.72
CA THR A 186 15.65 41.80 11.18
C THR A 186 16.79 40.96 11.72
N GLY A 187 17.38 40.12 10.88
CA GLY A 187 18.54 39.32 11.25
C GLY A 187 19.78 39.70 10.47
N LYS A 188 20.09 38.94 9.43
CA LYS A 188 21.32 39.09 8.68
C LYS A 188 21.03 39.17 7.19
N VAL A 189 22.03 39.60 6.43
CA VAL A 189 22.01 39.58 4.97
C VAL A 189 23.15 38.68 4.52
N TYR A 190 22.83 37.66 3.72
CA TYR A 190 23.79 36.68 3.25
C TYR A 190 24.12 36.98 1.79
N VAL A 191 25.35 37.39 1.53
CA VAL A 191 25.81 37.67 0.18
C VAL A 191 26.54 36.42 -0.31
N CYS A 192 25.90 35.67 -1.19
CA CYS A 192 26.43 34.41 -1.69
C CYS A 192 27.12 34.65 -3.02
N LYS A 193 28.35 34.16 -3.14
CA LYS A 193 29.23 34.56 -4.23
C LYS A 193 30.25 33.46 -4.49
N LYS A 194 31.02 33.65 -5.57
CA LYS A 194 32.17 32.80 -5.84
C LYS A 194 33.40 33.35 -5.14
N GLY A 195 34.57 32.79 -5.45
CA GLY A 195 35.78 33.10 -4.71
C GLY A 195 36.42 34.44 -5.05
N THR A 196 35.88 35.16 -6.03
CA THR A 196 36.51 36.41 -6.43
C THR A 196 35.90 37.59 -5.67
N SER A 197 36.57 38.74 -5.78
CA SER A 197 36.23 39.88 -4.94
C SER A 197 35.04 40.65 -5.51
N LEU A 198 34.26 41.24 -4.61
CA LEU A 198 33.13 42.08 -4.92
C LEU A 198 33.16 43.31 -4.01
N PRO A 199 32.46 44.38 -4.37
CA PRO A 199 32.30 45.49 -3.43
C PRO A 199 31.60 45.01 -2.17
N ARG A 200 31.98 45.58 -1.03
CA ARG A 200 31.55 45.10 0.27
C ARG A 200 30.82 46.19 1.04
N SER A 201 29.81 45.78 1.81
CA SER A 201 29.16 46.66 2.76
C SER A 201 29.88 46.58 4.10
N GLN A 202 30.02 47.73 4.76
CA GLN A 202 30.75 47.82 6.02
C GLN A 202 29.87 47.52 7.22
N GLN A 203 28.60 47.22 7.02
CA GLN A 203 27.73 46.92 8.15
C GLN A 203 28.08 45.54 8.72
N PRO A 204 27.94 45.34 10.03
CA PRO A 204 28.35 44.06 10.62
C PRO A 204 27.40 42.91 10.36
N ASN A 205 26.13 43.18 10.06
CA ASN A 205 25.15 42.11 9.83
C ASN A 205 25.03 41.73 8.36
N VAL A 206 25.96 42.18 7.52
CA VAL A 206 26.05 41.75 6.12
C VAL A 206 27.27 40.86 5.99
N GLU A 207 27.08 39.63 5.53
CA GLU A 207 28.12 38.62 5.53
C GLU A 207 28.28 38.04 4.13
N GLU A 208 29.53 37.74 3.77
CA GLU A 208 29.84 37.13 2.48
C GLU A 208 30.19 35.66 2.70
N HIS A 209 29.57 34.78 1.91
CA HIS A 209 29.80 33.35 1.98
C HIS A 209 30.14 32.85 0.58
N VAL A 210 31.22 32.08 0.48
CA VAL A 210 31.70 31.61 -0.81
C VAL A 210 31.20 30.19 -1.04
N PHE A 211 30.67 29.94 -2.22
CA PHE A 211 30.23 28.60 -2.63
C PHE A 211 31.05 28.16 -3.85
N ASP A 212 31.42 26.89 -3.87
CA ASP A 212 32.26 26.33 -4.91
C ASP A 212 31.66 25.04 -5.44
N GLY A 213 31.93 24.75 -6.71
CA GLY A 213 31.44 23.56 -7.36
C GLY A 213 30.53 23.89 -8.52
N PRO A 214 29.98 22.86 -9.15
CA PRO A 214 29.12 23.05 -10.32
C PRO A 214 27.71 23.44 -9.92
N HIS A 215 26.86 23.60 -10.93
CA HIS A 215 25.45 23.79 -10.70
C HIS A 215 24.90 22.59 -9.92
N PRO A 216 24.00 22.80 -8.95
CA PRO A 216 23.34 24.05 -8.53
C PRO A 216 24.05 24.79 -7.41
N ALA A 217 25.37 24.97 -7.46
CA ALA A 217 26.06 25.69 -6.40
C ALA A 217 25.59 27.13 -6.31
N GLY A 218 25.03 27.67 -7.39
CA GLY A 218 24.63 29.06 -7.43
C GLY A 218 23.17 29.34 -7.14
N LEU A 219 22.43 28.38 -6.61
CA LEU A 219 21.00 28.57 -6.39
C LEU A 219 20.71 29.01 -4.97
N ALA A 220 19.76 29.94 -4.84
CA ALA A 220 19.35 30.42 -3.52
C ALA A 220 18.82 29.30 -2.66
N GLY A 221 18.20 28.27 -3.26
CA GLY A 221 17.77 27.13 -2.48
C GLY A 221 18.92 26.40 -1.82
N THR A 222 20.01 26.18 -2.56
CA THR A 222 21.21 25.57 -1.99
C THR A 222 21.79 26.46 -0.89
N HIS A 223 21.87 27.76 -1.15
CA HIS A 223 22.43 28.66 -0.15
C HIS A 223 21.60 28.62 1.13
N MET A 224 20.28 28.63 1.01
CA MET A 224 19.41 28.54 2.18
C MET A 224 19.60 27.22 2.89
N HIS A 225 19.65 26.11 2.14
CA HIS A 225 19.84 24.82 2.77
C HIS A 225 21.11 24.80 3.61
N PHE A 226 22.16 25.47 3.14
CA PHE A 226 23.44 25.37 3.84
C PHE A 226 23.64 26.43 4.92
N LEU A 227 22.95 27.57 4.85
CA LEU A 227 23.19 28.63 5.82
C LEU A 227 22.00 28.95 6.73
N TYR A 228 20.78 28.65 6.32
CA TYR A 228 19.60 29.01 7.10
C TYR A 228 18.43 28.15 6.65
N PRO A 229 18.33 26.90 7.13
CA PRO A 229 17.24 26.03 6.68
C PRO A 229 15.87 26.65 6.93
N VAL A 230 14.98 26.48 5.96
CA VAL A 230 13.67 27.11 5.99
C VAL A 230 12.60 26.06 6.26
N SER A 231 11.50 26.51 6.86
CA SER A 231 10.37 25.65 7.14
C SER A 231 9.14 26.54 7.26
N ALA A 232 8.03 25.94 7.71
CA ALA A 232 6.79 26.70 7.84
C ALA A 232 6.92 27.85 8.83
N ASP A 233 7.85 27.77 9.78
CA ASP A 233 8.03 28.79 10.80
C ASP A 233 9.33 29.57 10.65
N HIS A 234 10.16 29.23 9.67
CA HIS A 234 11.35 30.00 9.33
C HIS A 234 11.27 30.33 7.85
N VAL A 235 11.15 31.62 7.54
CA VAL A 235 10.95 32.09 6.17
C VAL A 235 12.10 33.01 5.80
N ALA A 236 12.67 32.79 4.62
CA ALA A 236 13.75 33.63 4.10
C ALA A 236 13.28 34.34 2.83
N TRP A 237 13.97 35.43 2.51
CA TRP A 237 13.71 36.20 1.30
C TRP A 237 14.92 36.13 0.39
N SER A 238 14.68 36.17 -0.91
CA SER A 238 15.72 36.07 -1.91
C SER A 238 15.61 37.21 -2.91
N ILE A 239 16.75 37.62 -3.45
CA ILE A 239 16.82 38.72 -4.41
C ILE A 239 18.18 38.63 -5.11
N ASN A 240 18.18 38.86 -6.43
CA ASN A 240 19.42 38.75 -7.19
C ASN A 240 20.15 40.09 -7.23
N TYR A 241 21.40 40.04 -7.69
CA TYR A 241 22.30 41.18 -7.58
C TYR A 241 21.83 42.38 -8.40
N GLN A 242 21.25 42.15 -9.58
CA GLN A 242 20.80 43.28 -10.39
C GLN A 242 19.62 43.99 -9.72
N ASP A 243 18.75 43.25 -9.06
CA ASP A 243 17.70 43.89 -8.28
C ASP A 243 18.27 44.67 -7.10
N VAL A 244 19.39 44.21 -6.54
CA VAL A 244 20.05 44.98 -5.48
C VAL A 244 20.59 46.29 -6.02
N ILE A 245 21.18 46.25 -7.22
CA ILE A 245 21.63 47.48 -7.86
C ILE A 245 20.44 48.40 -8.09
N ALA A 246 19.30 47.83 -8.49
CA ALA A 246 18.11 48.63 -8.70
C ALA A 246 17.65 49.29 -7.41
N VAL A 247 17.69 48.56 -6.30
CA VAL A 247 17.30 49.13 -5.01
C VAL A 247 18.22 50.27 -4.62
N GLY A 248 19.54 50.07 -4.80
CA GLY A 248 20.48 51.14 -4.50
C GLY A 248 20.23 52.37 -5.34
N GLN A 249 20.00 52.19 -6.64
CA GLN A 249 19.68 53.31 -7.50
C GLN A 249 18.40 54.01 -7.04
N LEU A 250 17.38 53.24 -6.68
CA LEU A 250 16.13 53.81 -6.24
C LEU A 250 16.34 54.72 -5.04
N PHE A 251 17.04 54.22 -4.01
CA PHE A 251 17.22 55.03 -2.82
C PHE A 251 18.30 56.10 -2.97
N LEU A 252 19.07 56.07 -4.06
CA LEU A 252 20.07 57.13 -4.26
C LEU A 252 19.54 58.27 -5.13
N THR A 253 18.64 57.99 -6.07
CA THR A 253 18.18 59.03 -7.00
C THR A 253 16.68 59.28 -6.96
N GLY A 254 15.89 58.48 -6.26
CA GLY A 254 14.46 58.68 -6.24
C GLY A 254 13.74 58.28 -7.51
N GLU A 255 14.37 57.48 -8.36
CA GLU A 255 13.80 57.07 -9.64
C GLU A 255 13.92 55.57 -9.80
N LEU A 256 12.93 54.97 -10.45
CA LEU A 256 12.97 53.54 -10.71
C LEU A 256 13.98 53.25 -11.81
N TYR A 257 14.85 52.28 -11.57
CA TYR A 257 15.96 51.96 -12.46
C TYR A 257 15.66 50.63 -13.13
N THR A 258 15.36 50.66 -14.43
CA THR A 258 14.85 49.50 -15.15
C THR A 258 15.85 48.92 -16.14
N GLN A 259 17.08 49.42 -16.17
CA GLN A 259 18.08 48.88 -17.06
C GLN A 259 18.47 47.47 -16.63
N ARG A 260 18.82 46.63 -17.60
CA ARG A 260 19.22 45.26 -17.37
C ARG A 260 20.46 44.95 -18.19
N VAL A 261 21.17 43.90 -17.80
CA VAL A 261 22.22 43.30 -18.61
C VAL A 261 21.96 41.81 -18.65
N VAL A 262 21.67 41.29 -19.83
CA VAL A 262 21.27 39.90 -19.99
C VAL A 262 22.26 39.21 -20.92
N SER A 263 22.32 37.88 -20.80
CA SER A 263 23.15 37.07 -21.68
C SER A 263 22.30 36.54 -22.83
N LEU A 264 22.73 36.81 -24.05
CA LEU A 264 22.08 36.31 -25.26
C LEU A 264 23.00 35.27 -25.87
N ALA A 265 22.64 34.00 -25.74
CA ALA A 265 23.55 32.92 -26.10
C ALA A 265 22.74 31.68 -26.48
N GLY A 266 23.44 30.71 -27.06
CA GLY A 266 22.83 29.47 -27.48
C GLY A 266 23.53 28.90 -28.70
N PRO A 267 23.22 27.65 -29.04
CA PRO A 267 23.87 27.04 -30.21
C PRO A 267 23.59 27.73 -31.53
N VAL A 268 22.52 28.54 -31.62
CA VAL A 268 22.11 29.15 -32.87
C VAL A 268 22.30 30.66 -32.86
N VAL A 269 23.08 31.18 -31.93
CA VAL A 269 23.35 32.62 -31.84
C VAL A 269 24.68 32.90 -32.52
N ASN A 270 24.67 33.84 -33.48
CA ASN A 270 25.88 34.11 -34.24
C ASN A 270 26.99 34.67 -33.36
N LYS A 271 26.66 35.65 -32.52
CA LYS A 271 27.63 36.34 -31.67
C LYS A 271 27.12 36.32 -30.23
N PRO A 272 27.27 35.20 -29.52
CA PRO A 272 26.86 35.18 -28.10
C PRO A 272 27.63 36.23 -27.31
N ARG A 273 26.91 36.96 -26.46
CA ARG A 273 27.51 38.07 -25.73
C ARG A 273 26.50 38.60 -24.72
N LEU A 274 26.91 39.65 -24.01
CA LEU A 274 26.05 40.35 -23.06
C LEU A 274 25.52 41.63 -23.72
N VAL A 275 24.24 41.92 -23.49
CA VAL A 275 23.57 43.03 -24.15
C VAL A 275 22.81 43.85 -23.12
N ARG A 276 22.84 45.17 -23.27
CA ARG A 276 22.04 46.04 -22.42
C ARG A 276 20.61 46.11 -22.93
N THR A 277 19.66 45.80 -22.05
CA THR A 277 18.24 45.80 -22.40
C THR A 277 17.46 46.48 -21.28
N VAL A 278 16.14 46.34 -21.33
CA VAL A 278 15.24 46.93 -20.34
C VAL A 278 14.33 45.84 -19.82
N MET A 279 13.84 46.02 -18.59
CA MET A 279 12.97 45.03 -17.97
C MET A 279 11.75 44.77 -18.83
N GLY A 280 11.45 43.49 -19.04
CA GLY A 280 10.29 43.11 -19.82
C GLY A 280 10.41 43.36 -21.31
N ALA A 281 11.62 43.49 -21.83
CA ALA A 281 11.80 43.80 -23.24
C ALA A 281 11.21 42.71 -24.11
N SER A 282 10.88 43.07 -25.35
CA SER A 282 10.35 42.11 -26.31
C SER A 282 11.47 41.25 -26.86
N LEU A 283 11.38 39.94 -26.64
CA LEU A 283 12.45 39.05 -27.07
C LEU A 283 12.47 38.88 -28.59
N GLU A 284 11.31 38.96 -29.24
CA GLU A 284 11.27 38.89 -30.69
C GLU A 284 12.06 40.04 -31.31
N GLN A 285 11.92 41.24 -30.75
CA GLN A 285 12.70 42.38 -31.23
C GLN A 285 14.14 42.32 -30.76
N LEU A 286 14.39 41.68 -29.61
CA LEU A 286 15.76 41.60 -29.09
C LEU A 286 16.62 40.68 -29.94
N VAL A 287 16.07 39.56 -30.38
CA VAL A 287 16.84 38.54 -31.09
C VAL A 287 16.70 38.73 -32.59
N ASP A 288 16.25 39.90 -33.02
CA ASP A 288 16.07 40.16 -34.45
C ASP A 288 17.42 40.20 -35.13
N SER A 289 17.57 39.41 -36.20
CA SER A 289 18.81 39.33 -36.96
C SER A 289 19.98 38.88 -36.10
N GLU A 290 19.70 38.04 -35.09
CA GLU A 290 20.72 37.52 -34.21
C GLU A 290 20.85 36.00 -34.28
N ILE A 291 20.02 35.33 -35.09
CA ILE A 291 19.88 33.89 -35.02
C ILE A 291 20.10 33.29 -36.42
N MET A 292 20.49 32.02 -36.43
CA MET A 292 20.64 31.30 -37.69
C MET A 292 19.26 30.89 -38.23
N PRO A 293 19.14 30.68 -39.53
CA PRO A 293 17.84 30.29 -40.09
C PRO A 293 17.42 28.91 -39.64
N GLY A 294 16.11 28.69 -39.62
CA GLY A 294 15.52 27.44 -39.19
C GLY A 294 14.54 27.64 -38.06
N GLU A 295 13.88 26.56 -37.68
CA GLU A 295 12.93 26.57 -36.57
C GLU A 295 13.68 26.52 -35.26
N VAL A 296 13.46 27.51 -34.40
CA VAL A 296 14.17 27.64 -33.14
C VAL A 296 13.17 27.95 -32.03
N ARG A 297 13.60 27.71 -30.79
CA ARG A 297 12.84 28.08 -29.61
C ARG A 297 13.61 29.15 -28.84
N ILE A 298 12.92 30.23 -28.50
CA ILE A 298 13.48 31.30 -27.70
C ILE A 298 13.00 31.12 -26.27
N ILE A 299 13.94 31.04 -25.33
CA ILE A 299 13.64 30.77 -23.93
C ILE A 299 14.01 32.00 -23.11
N SER A 300 13.09 32.45 -22.28
CA SER A 300 13.37 33.49 -21.32
C SER A 300 13.96 32.86 -20.06
N GLY A 301 15.27 32.98 -19.90
CA GLY A 301 15.96 32.33 -18.80
C GLY A 301 16.87 31.21 -19.26
N SER A 302 17.00 30.17 -18.46
CA SER A 302 17.91 29.08 -18.76
C SER A 302 17.19 27.92 -19.42
N VAL A 303 17.95 27.09 -20.14
CA VAL A 303 17.39 25.88 -20.72
C VAL A 303 16.98 24.90 -19.63
N LEU A 304 17.60 24.98 -18.45
CA LEU A 304 17.19 24.12 -17.34
C LEU A 304 15.85 24.55 -16.79
N SER A 305 15.63 25.86 -16.64
CA SER A 305 14.35 26.37 -16.18
C SER A 305 14.13 27.73 -16.82
N GLY A 306 13.03 27.85 -17.57
CA GLY A 306 12.73 29.07 -18.29
C GLY A 306 11.37 29.00 -18.94
N THR A 307 10.97 30.06 -19.62
CA THR A 307 9.65 30.17 -20.22
C THR A 307 9.78 30.21 -21.74
N LYS A 308 9.08 29.30 -22.42
CA LYS A 308 9.02 29.31 -23.87
C LYS A 308 8.41 30.64 -24.32
N ALA A 309 9.20 31.46 -25.01
CA ALA A 309 8.80 32.83 -25.34
C ALA A 309 8.18 32.87 -26.74
N THR A 310 6.90 32.51 -26.78
CA THR A 310 6.12 32.52 -28.02
C THR A 310 4.82 33.27 -27.82
N GLY A 311 4.45 34.08 -28.81
CA GLY A 311 3.19 34.77 -28.80
C GLY A 311 3.07 35.78 -27.67
N PRO A 312 2.00 35.68 -26.87
CA PRO A 312 1.81 36.66 -25.79
C PRO A 312 2.85 36.56 -24.68
N HIS A 313 3.66 35.50 -24.66
CA HIS A 313 4.69 35.32 -23.65
C HIS A 313 6.08 35.71 -24.14
N ALA A 314 6.18 36.36 -25.29
CA ALA A 314 7.48 36.64 -25.89
C ALA A 314 8.13 37.87 -25.27
N TYR A 315 8.29 37.87 -23.95
CA TYR A 315 8.85 39.01 -23.24
C TYR A 315 9.74 38.51 -22.11
N LEU A 316 10.70 39.35 -21.73
CA LEU A 316 11.67 38.97 -20.71
C LEU A 316 11.01 38.90 -19.34
N GLY A 317 11.23 37.79 -18.63
CA GLY A 317 10.58 37.60 -17.35
C GLY A 317 11.15 38.52 -16.29
N ARG A 318 10.39 38.63 -15.19
CA ARG A 318 10.80 39.50 -14.09
C ARG A 318 12.07 38.98 -13.42
N TYR A 319 12.19 37.67 -13.26
CA TYR A 319 13.28 37.07 -12.50
C TYR A 319 14.33 36.41 -13.41
N HIS A 320 14.36 36.77 -14.68
CA HIS A 320 15.24 36.14 -15.66
C HIS A 320 16.30 37.15 -16.11
N LEU A 321 17.55 36.70 -16.19
CA LEU A 321 18.66 37.55 -16.57
C LEU A 321 19.39 37.04 -17.80
N GLN A 322 18.76 36.21 -18.62
CA GLN A 322 19.40 35.70 -19.83
C GLN A 322 18.33 35.23 -20.80
N VAL A 323 18.75 35.07 -22.06
CA VAL A 323 17.89 34.58 -23.13
C VAL A 323 18.63 33.47 -23.84
N SER A 324 17.98 32.32 -23.99
CA SER A 324 18.58 31.15 -24.62
C SER A 324 17.80 30.80 -25.89
N VAL A 325 18.54 30.37 -26.92
CA VAL A 325 17.95 30.00 -28.21
C VAL A 325 18.59 28.71 -28.68
N LEU A 326 17.77 27.79 -29.19
CA LEU A 326 18.27 26.52 -29.71
C LEU A 326 17.23 25.95 -30.66
N ARG A 327 17.65 24.97 -31.45
CA ARG A 327 16.80 24.42 -32.50
C ARG A 327 15.72 23.52 -31.93
N GLU A 328 14.71 23.24 -32.75
CA GLU A 328 13.66 22.29 -32.40
C GLU A 328 14.00 20.92 -32.96
N GLY A 329 14.14 19.93 -32.07
CA GLY A 329 14.59 18.60 -32.45
C GLY A 329 13.47 17.66 -32.85
N ARG A 330 12.91 17.82 -34.05
CA ARG A 330 11.79 17.01 -34.51
C ARG A 330 12.21 15.88 -35.43
N ASP A 331 13.50 15.53 -35.48
CA ASP A 331 13.96 14.49 -36.39
C ASP A 331 13.65 13.10 -35.84
N LYS A 332 13.40 12.17 -36.76
CA LYS A 332 13.26 10.75 -36.45
C LYS A 332 14.44 10.01 -37.07
N GLU A 333 15.09 9.16 -36.28
CA GLU A 333 16.30 8.47 -36.71
C GLU A 333 16.08 6.96 -36.66
N LEU A 334 16.59 6.27 -37.69
CA LEU A 334 16.48 4.82 -37.77
C LEU A 334 17.32 4.16 -36.69
N PHE A 335 16.66 3.47 -35.75
CA PHE A 335 17.35 2.85 -34.62
C PHE A 335 18.23 3.87 -33.90
N GLY A 336 17.75 5.10 -33.80
CA GLY A 336 18.52 6.13 -33.13
C GLY A 336 18.78 5.85 -31.68
N TRP A 337 17.94 5.05 -31.04
CA TRP A 337 18.14 4.71 -29.63
C TRP A 337 19.27 3.72 -29.43
N ALA A 338 19.70 3.03 -30.49
CA ALA A 338 20.71 2.00 -30.38
C ALA A 338 22.07 2.41 -30.97
N MET A 339 22.24 3.67 -31.36
CA MET A 339 23.46 4.06 -32.02
C MET A 339 24.58 4.29 -31.01
N PRO A 340 25.84 4.15 -31.42
CA PRO A 340 26.97 4.54 -30.56
C PRO A 340 27.15 6.04 -30.54
N GLY A 341 26.45 6.73 -29.64
CA GLY A 341 26.28 8.16 -29.74
C GLY A 341 27.49 8.99 -29.34
N LYS A 342 28.48 9.06 -30.22
CA LYS A 342 29.62 9.94 -29.99
C LYS A 342 29.18 11.38 -29.71
N ASN A 343 28.11 11.83 -30.35
CA ASN A 343 27.61 13.19 -30.20
C ASN A 343 26.38 13.27 -29.32
N LYS A 344 26.26 12.39 -28.33
CA LYS A 344 25.09 12.34 -27.44
C LYS A 344 25.57 12.55 -26.01
N PHE A 345 24.98 13.53 -25.33
CA PHE A 345 25.31 13.81 -23.94
C PHE A 345 24.48 12.95 -23.01
N SER A 346 25.07 12.62 -21.86
CA SER A 346 24.35 11.89 -20.82
C SER A 346 25.19 11.87 -19.55
N VAL A 347 24.50 11.87 -18.40
CA VAL A 347 25.20 11.73 -17.13
C VAL A 347 25.61 10.29 -16.87
N THR A 348 25.04 9.33 -17.59
CA THR A 348 25.52 7.97 -17.53
C THR A 348 26.66 7.80 -18.52
N ARG A 349 27.22 6.58 -18.54
CA ARG A 349 28.33 6.26 -19.44
C ARG A 349 27.92 5.21 -20.46
N SER A 350 26.71 5.31 -20.99
CA SER A 350 26.20 4.39 -22.01
C SER A 350 26.47 4.86 -23.43
N PHE A 351 27.09 6.02 -23.60
CA PHE A 351 27.34 6.58 -24.93
C PHE A 351 28.83 6.87 -25.07
N LEU A 352 29.28 6.93 -26.33
CA LEU A 352 30.68 7.24 -26.59
C LEU A 352 31.02 8.69 -26.28
N GLY A 353 30.02 9.53 -26.05
CA GLY A 353 30.28 10.95 -25.89
C GLY A 353 31.19 11.26 -24.71
N HIS A 354 30.96 10.60 -23.57
CA HIS A 354 31.70 10.92 -22.36
C HIS A 354 33.18 10.60 -22.46
N LEU A 355 33.61 9.85 -23.47
CA LEU A 355 35.03 9.55 -23.65
C LEU A 355 35.80 10.72 -24.23
N PHE A 356 35.11 11.74 -24.75
CA PHE A 356 35.76 12.90 -25.35
C PHE A 356 35.59 14.08 -24.40
N LYS A 357 36.58 14.25 -23.52
CA LYS A 357 36.54 15.34 -22.54
C LYS A 357 36.57 16.69 -23.24
N GLY A 358 35.82 17.64 -22.69
CA GLY A 358 35.81 18.99 -23.23
C GLY A 358 34.95 19.19 -24.46
N GLN A 359 34.15 18.19 -24.83
CA GLN A 359 33.30 18.33 -25.99
C GLN A 359 32.04 19.12 -25.64
N VAL A 360 31.64 20.00 -26.55
CA VAL A 360 30.42 20.79 -26.41
C VAL A 360 29.44 20.32 -27.47
N TYR A 361 28.15 20.33 -27.11
CA TYR A 361 27.11 19.72 -27.93
C TYR A 361 26.15 20.78 -28.44
N ASN A 362 25.72 20.62 -29.70
CA ASN A 362 24.67 21.47 -30.27
C ASN A 362 23.31 20.88 -29.87
N MET A 363 23.00 21.01 -28.59
CA MET A 363 21.80 20.39 -28.05
C MET A 363 20.55 21.05 -28.60
N THR A 364 19.49 20.25 -28.70
CA THR A 364 18.20 20.70 -29.21
C THR A 364 17.14 20.42 -28.16
N THR A 365 15.89 20.66 -28.52
CA THR A 365 14.76 20.48 -27.60
C THR A 365 14.14 19.10 -27.69
N THR A 366 14.77 18.15 -28.37
CA THR A 366 14.22 16.81 -28.47
C THR A 366 14.16 16.14 -27.10
N THR A 367 13.16 15.27 -26.93
CA THR A 367 13.12 14.35 -25.80
C THR A 367 13.63 13.01 -26.29
N ASN A 368 14.74 12.55 -25.72
CA ASN A 368 15.43 11.36 -26.21
C ASN A 368 14.74 10.09 -25.70
N GLY A 369 13.47 9.96 -26.04
CA GLY A 369 12.71 8.77 -25.69
C GLY A 369 11.26 9.11 -25.41
N SER A 370 10.52 8.06 -25.05
CA SER A 370 9.11 8.19 -24.72
C SER A 370 8.91 8.17 -23.22
N ASP A 371 7.72 8.58 -22.79
CA ASP A 371 7.39 8.59 -21.37
C ASP A 371 7.26 7.17 -20.84
N ARG A 372 7.83 6.93 -19.66
CA ARG A 372 7.80 5.63 -19.03
C ARG A 372 7.76 5.82 -17.52
N SER A 373 7.48 4.73 -16.81
CA SER A 373 7.52 4.76 -15.36
C SER A 373 8.96 4.90 -14.88
N MET A 374 9.11 5.13 -13.57
CA MET A 374 10.43 5.38 -13.00
C MET A 374 11.16 4.06 -12.78
N VAL A 375 12.33 3.93 -13.38
CA VAL A 375 13.26 2.85 -13.08
C VAL A 375 14.52 3.50 -12.50
N PRO A 376 14.67 3.54 -11.17
CA PRO A 376 15.72 4.35 -10.54
C PRO A 376 17.13 3.77 -10.63
N ILE A 377 17.81 4.07 -11.74
CA ILE A 377 19.18 3.62 -11.95
C ILE A 377 20.16 4.50 -11.17
N GLY A 378 19.63 5.47 -10.41
CA GLY A 378 20.47 6.27 -9.55
C GLY A 378 21.02 7.53 -10.15
N ASN A 379 20.32 8.14 -11.11
CA ASN A 379 20.81 9.37 -11.73
C ASN A 379 20.59 10.58 -10.83
N TYR A 380 19.50 10.59 -10.05
CA TYR A 380 19.17 11.78 -9.27
C TYR A 380 20.21 12.04 -8.19
N GLU A 381 20.71 10.98 -7.56
CA GLU A 381 21.73 11.14 -6.52
C GLU A 381 22.99 11.79 -7.07
N LYS A 382 23.27 11.59 -8.37
CA LYS A 382 24.47 12.16 -8.95
C LYS A 382 24.38 13.67 -9.09
N VAL A 383 23.17 14.22 -9.15
CA VAL A 383 22.98 15.64 -9.45
C VAL A 383 22.37 16.42 -8.29
N MET A 384 21.85 15.76 -7.26
CA MET A 384 21.24 16.47 -6.15
C MET A 384 22.22 16.55 -4.99
N PRO A 385 22.71 17.74 -4.63
CA PRO A 385 23.69 17.85 -3.55
C PRO A 385 23.10 18.07 -2.16
N LEU A 386 21.80 18.33 -2.05
CA LEU A 386 21.21 18.61 -0.75
C LEU A 386 21.02 17.33 0.06
N ASP A 387 20.82 17.50 1.36
CA ASP A 387 20.70 16.39 2.30
C ASP A 387 19.26 15.89 2.33
N MET A 388 18.86 15.24 1.25
CA MET A 388 17.54 14.65 1.11
C MET A 388 17.65 13.30 0.42
N GLU A 389 16.50 12.63 0.28
CA GLU A 389 16.41 11.37 -0.44
C GLU A 389 15.76 11.64 -1.79
N PRO A 390 16.54 11.81 -2.87
CA PRO A 390 15.92 12.24 -4.13
C PRO A 390 14.89 11.27 -4.67
N THR A 391 15.18 9.97 -4.69
CA THR A 391 14.25 9.03 -5.30
C THR A 391 12.94 8.98 -4.53
N LEU A 392 13.01 8.91 -3.20
CA LEU A 392 11.80 8.86 -2.40
C LEU A 392 11.00 10.15 -2.53
N LEU A 393 11.67 11.31 -2.50
CA LEU A 393 10.95 12.57 -2.64
C LEU A 393 10.28 12.69 -4.00
N LEU A 394 10.99 12.29 -5.06
CA LEU A 394 10.41 12.37 -6.40
C LEU A 394 9.23 11.42 -6.55
N ARG A 395 9.32 10.23 -5.95
CA ARG A 395 8.19 9.32 -6.04
C ARG A 395 7.00 9.83 -5.24
N ASP A 396 7.25 10.49 -4.11
CA ASP A 396 6.16 11.15 -3.39
C ASP A 396 5.51 12.21 -4.27
N LEU A 397 6.32 13.01 -4.97
CA LEU A 397 5.75 14.01 -5.86
C LEU A 397 4.93 13.37 -6.97
N CYS A 398 5.43 12.29 -7.56
CA CYS A 398 4.69 11.61 -8.62
C CYS A 398 3.37 11.07 -8.10
N ALA A 399 3.37 10.46 -6.92
CA ALA A 399 2.15 9.88 -6.36
C ALA A 399 1.19 10.93 -5.82
N GLY A 400 1.66 12.14 -5.56
CA GLY A 400 0.79 13.17 -5.02
C GLY A 400 0.63 13.16 -3.53
N ASP A 401 1.57 12.56 -2.79
CA ASP A 401 1.51 12.50 -1.34
C ASP A 401 2.17 13.75 -0.75
N SER A 402 1.36 14.80 -0.61
CA SER A 402 1.88 16.08 -0.17
C SER A 402 2.41 16.00 1.26
N ASP A 403 1.71 15.28 2.14
CA ASP A 403 2.15 15.19 3.52
C ASP A 403 3.51 14.52 3.62
N SER A 404 3.74 13.46 2.85
CA SER A 404 5.03 12.79 2.87
C SER A 404 6.10 13.66 2.21
N ALA A 405 5.75 14.36 1.14
CA ALA A 405 6.72 15.23 0.48
C ALA A 405 7.19 16.34 1.42
N VAL A 406 6.27 16.92 2.19
CA VAL A 406 6.66 17.96 3.13
C VAL A 406 7.65 17.43 4.15
N ARG A 407 7.41 16.22 4.66
CA ARG A 407 8.35 15.63 5.61
C ARG A 407 9.70 15.36 4.96
N LEU A 408 9.70 14.91 3.70
CA LEU A 408 10.96 14.64 3.01
C LEU A 408 11.66 15.90 2.54
N GLY A 409 11.03 17.06 2.62
CA GLY A 409 11.70 18.33 2.41
C GLY A 409 11.23 19.14 1.23
N ALA A 410 9.97 19.02 0.83
CA ALA A 410 9.49 19.79 -0.32
C ALA A 410 9.44 21.28 -0.04
N LEU A 411 9.20 21.66 1.23
CA LEU A 411 9.05 23.08 1.55
C LEU A 411 10.29 23.89 1.24
N GLU A 412 11.46 23.25 1.14
CA GLU A 412 12.70 23.97 0.90
C GLU A 412 12.98 24.20 -0.57
N LEU A 413 12.12 23.73 -1.47
CA LEU A 413 12.46 23.62 -2.88
C LEU A 413 11.67 24.61 -3.73
N ASP A 414 12.29 25.01 -4.83
CA ASP A 414 11.67 25.76 -5.91
C ASP A 414 11.70 24.90 -7.17
N GLU A 415 10.98 25.34 -8.21
CA GLU A 415 10.99 24.59 -9.46
C GLU A 415 12.40 24.46 -10.02
N GLU A 416 13.22 25.50 -9.85
CA GLU A 416 14.58 25.45 -10.38
C GLU A 416 15.46 24.47 -9.62
N ASP A 417 15.05 24.03 -8.44
CA ASP A 417 15.85 23.09 -7.67
C ASP A 417 15.74 21.66 -8.17
N LEU A 418 14.73 21.36 -8.99
CA LEU A 418 14.53 20.02 -9.54
C LEU A 418 14.78 19.99 -11.04
N ALA A 419 15.39 21.04 -11.60
CA ALA A 419 15.61 21.09 -13.04
C ALA A 419 16.57 19.99 -13.49
N LEU A 420 17.63 19.74 -12.72
CA LEU A 420 18.56 18.67 -13.09
C LEU A 420 17.91 17.30 -12.96
N CYS A 421 17.07 17.11 -11.94
CA CYS A 421 16.35 15.85 -11.80
C CYS A 421 15.44 15.61 -12.99
N THR A 422 14.74 16.65 -13.45
CA THR A 422 13.98 16.54 -14.68
C THR A 422 14.89 16.22 -15.86
N PHE A 423 16.07 16.85 -15.87
CA PHE A 423 17.01 16.65 -16.96
C PHE A 423 17.41 15.19 -17.12
N VAL A 424 17.73 14.52 -16.00
CA VAL A 424 18.34 13.20 -16.07
C VAL A 424 17.35 12.07 -15.85
N CYS A 425 16.05 12.32 -15.97
CA CYS A 425 15.06 11.27 -15.73
C CYS A 425 14.95 10.35 -16.94
N PRO A 426 15.23 9.05 -16.80
CA PRO A 426 15.00 8.15 -17.95
C PRO A 426 13.53 8.02 -18.32
N GLY A 427 12.63 8.24 -17.38
CA GLY A 427 11.21 8.17 -17.66
C GLY A 427 10.60 9.42 -18.24
N LYS A 428 11.36 10.51 -18.27
CA LYS A 428 10.92 11.78 -18.86
C LYS A 428 9.81 12.44 -18.04
N TYR A 429 9.85 12.27 -16.72
CA TYR A 429 8.97 13.03 -15.84
C TYR A 429 9.42 14.49 -15.80
N GLU A 430 8.49 15.37 -15.49
CA GLU A 430 8.76 16.80 -15.34
C GLU A 430 8.36 17.17 -13.90
N TYR A 431 9.35 17.38 -13.06
CA TYR A 431 9.13 17.42 -11.62
C TYR A 431 8.78 18.80 -11.09
N GLY A 432 9.07 19.86 -11.84
CA GLY A 432 8.67 21.19 -11.39
C GLY A 432 7.16 21.32 -11.30
N GLN A 433 6.44 20.79 -12.29
CA GLN A 433 4.99 20.81 -12.26
C GLN A 433 4.45 20.09 -11.02
N LEU A 434 4.98 18.90 -10.76
CA LEU A 434 4.52 18.11 -9.62
C LEU A 434 4.82 18.82 -8.30
N LEU A 435 6.01 19.42 -8.18
CA LEU A 435 6.35 20.16 -6.98
C LEU A 435 5.40 21.35 -6.79
N ARG A 436 5.10 22.08 -7.86
CA ARG A 436 4.20 23.21 -7.73
C ARG A 436 2.80 22.77 -7.35
N GLU A 437 2.32 21.65 -7.90
CA GLU A 437 1.02 21.14 -7.49
C GLU A 437 1.01 20.76 -6.02
N CYS A 438 2.07 20.10 -5.55
CA CYS A 438 2.16 19.74 -4.14
C CYS A 438 2.12 20.99 -3.26
N LEU A 439 2.90 22.00 -3.63
CA LEU A 439 2.93 23.22 -2.82
C LEU A 439 1.60 23.95 -2.85
N ASP A 440 0.90 23.91 -4.00
CA ASP A 440 -0.43 24.49 -4.06
C ASP A 440 -1.38 23.79 -3.10
N LYS A 441 -1.32 22.46 -3.04
CA LYS A 441 -2.14 21.74 -2.08
C LYS A 441 -1.78 22.13 -0.65
N ILE A 442 -0.48 22.22 -0.35
CA ILE A 442 -0.06 22.56 1.00
C ILE A 442 -0.60 23.93 1.40
N GLU A 443 -0.51 24.92 0.50
CA GLU A 443 -1.06 26.23 0.80
C GLU A 443 -2.58 26.19 0.93
N LYS A 444 -3.26 25.42 0.08
CA LYS A 444 -4.72 25.34 0.16
C LYS A 444 -5.16 24.81 1.51
N GLU A 445 -4.58 23.70 1.95
CA GLU A 445 -5.00 23.05 3.19
C GLU A 445 -4.63 23.86 4.43
N GLY A 446 -3.80 24.89 4.29
CA GLY A 446 -3.44 25.72 5.42
C GLY A 446 -2.38 25.09 6.30
N GLY B 2 10.00 1.98 -48.80
CA GLY B 2 10.59 2.68 -47.62
C GLY B 2 9.79 2.42 -46.35
N LEU B 3 10.45 1.86 -45.34
CA LEU B 3 9.78 1.57 -44.07
C LEU B 3 9.26 2.86 -43.43
N LYS B 4 10.04 3.94 -43.52
CA LYS B 4 9.61 5.20 -42.92
C LYS B 4 8.32 5.69 -43.55
N LYS B 5 8.21 5.59 -44.87
CA LYS B 5 6.97 6.02 -45.53
C LYS B 5 5.83 5.04 -45.22
N PHE B 6 6.13 3.75 -45.18
CA PHE B 6 5.10 2.75 -44.93
C PHE B 6 4.46 2.95 -43.56
N LEU B 7 5.28 3.17 -42.53
CA LEU B 7 4.75 3.24 -41.17
C LEU B 7 3.76 4.38 -41.02
N GLU B 8 4.07 5.55 -41.59
CA GLU B 8 3.14 6.67 -41.54
C GLU B 8 2.06 6.61 -42.61
N ASP B 9 2.21 5.72 -43.60
CA ASP B 9 1.13 5.49 -44.55
C ASP B 9 0.01 4.69 -43.91
N ILE B 10 0.37 3.65 -43.15
CA ILE B 10 -0.65 2.80 -42.51
C ILE B 10 -1.11 3.35 -41.17
N GLU B 11 -0.67 4.55 -40.79
CA GLU B 11 -1.01 5.06 -39.47
C GLU B 11 -2.51 5.29 -39.31
N HIS B 12 -3.17 5.80 -40.36
CA HIS B 12 -4.57 6.15 -40.23
C HIS B 12 -5.46 4.97 -39.88
N HIS B 13 -5.03 3.74 -40.21
CA HIS B 13 -5.81 2.57 -39.83
C HIS B 13 -5.89 2.39 -38.32
N PHE B 14 -4.84 2.77 -37.59
CA PHE B 14 -4.79 2.57 -36.16
C PHE B 14 -5.19 3.79 -35.35
N GLU B 15 -5.50 4.91 -36.01
CA GLU B 15 -6.00 6.07 -35.30
C GLU B 15 -7.46 5.84 -34.89
N PRO B 16 -7.96 6.62 -33.95
CA PRO B 16 -9.36 6.42 -33.51
C PRO B 16 -10.32 6.44 -34.69
N GLY B 17 -11.23 5.47 -34.70
CA GLY B 17 -12.16 5.32 -35.80
C GLY B 17 -11.62 4.58 -37.00
N GLY B 18 -10.37 4.12 -36.96
CA GLY B 18 -9.79 3.41 -38.08
C GLY B 18 -10.17 1.94 -38.07
N LYS B 19 -9.68 1.24 -39.11
CA LYS B 19 -9.96 -0.19 -39.22
C LYS B 19 -9.35 -0.98 -38.07
N HIS B 20 -8.14 -0.61 -37.65
CA HIS B 20 -7.38 -1.39 -36.67
C HIS B 20 -7.12 -0.59 -35.40
N GLU B 21 -8.13 0.15 -34.93
CA GLU B 21 -7.92 1.04 -33.79
C GLU B 21 -7.63 0.28 -32.51
N LYS B 22 -7.88 -1.03 -32.46
CA LYS B 22 -7.65 -1.78 -31.24
C LYS B 22 -6.21 -2.30 -31.14
N TRP B 23 -5.47 -2.30 -32.25
CA TRP B 23 -4.08 -2.72 -32.27
C TRP B 23 -3.11 -1.54 -32.24
N PHE B 24 -3.57 -0.39 -31.73
CA PHE B 24 -2.73 0.80 -31.71
C PHE B 24 -1.49 0.59 -30.86
N ALA B 25 -1.60 -0.15 -29.76
CA ALA B 25 -0.44 -0.40 -28.93
C ALA B 25 0.65 -1.13 -29.69
N LEU B 26 0.30 -2.20 -30.41
CA LEU B 26 1.29 -2.92 -31.21
C LEU B 26 1.85 -2.04 -32.30
N TYR B 27 0.98 -1.27 -32.97
CA TYR B 27 1.47 -0.39 -34.04
C TYR B 27 2.51 0.58 -33.51
N GLU B 28 2.20 1.27 -32.41
CA GLU B 28 3.14 2.25 -31.87
C GLU B 28 4.40 1.58 -31.34
N ALA B 29 4.28 0.38 -30.77
CA ALA B 29 5.48 -0.35 -30.36
C ALA B 29 6.41 -0.56 -31.53
N ALA B 30 5.88 -1.07 -32.65
CA ALA B 30 6.72 -1.28 -33.82
C ALA B 30 7.29 0.04 -34.34
N ALA B 31 6.46 1.08 -34.38
CA ALA B 31 6.90 2.36 -34.93
C ALA B 31 8.06 2.94 -34.13
N THR B 32 7.97 2.90 -32.81
CA THR B 32 9.03 3.48 -31.99
C THR B 32 10.18 2.51 -31.77
N LEU B 33 10.01 1.23 -32.12
CA LEU B 33 11.17 0.36 -32.25
C LEU B 33 12.00 0.74 -33.45
N PHE B 34 11.35 0.93 -34.61
CA PHE B 34 12.10 1.19 -35.83
C PHE B 34 12.67 2.60 -35.86
N TYR B 35 11.88 3.60 -35.45
CA TYR B 35 12.33 4.99 -35.46
C TYR B 35 12.12 5.61 -34.09
N THR B 36 12.70 6.79 -33.89
CA THR B 36 12.55 7.47 -32.62
C THR B 36 11.29 8.33 -32.63
N PRO B 37 10.75 8.65 -31.46
CA PRO B 37 9.45 9.34 -31.42
C PRO B 37 9.42 10.64 -32.20
N GLY B 38 10.51 11.40 -32.20
CA GLY B 38 10.51 12.70 -32.86
C GLY B 38 9.79 13.79 -32.10
N LEU B 39 9.61 13.64 -30.79
CA LEU B 39 8.90 14.62 -30.00
C LEU B 39 9.86 15.67 -29.44
N VAL B 40 9.30 16.76 -28.95
CA VAL B 40 10.07 17.84 -28.34
C VAL B 40 9.61 18.01 -26.91
N THR B 41 10.25 18.94 -26.21
CA THR B 41 9.94 19.17 -24.80
C THR B 41 8.84 20.20 -24.66
N LYS B 42 7.89 19.91 -23.76
CA LYS B 42 6.74 20.76 -23.55
C LYS B 42 6.98 21.84 -22.50
N ARG B 43 7.83 21.56 -21.51
CA ARG B 43 7.87 22.37 -20.30
C ARG B 43 9.22 22.17 -19.63
N SER B 44 9.35 22.73 -18.43
CA SER B 44 10.43 22.43 -17.47
C SER B 44 11.77 22.48 -18.20
N SER B 45 12.65 21.50 -18.02
CA SER B 45 13.95 21.52 -18.68
C SER B 45 13.75 21.38 -20.18
N HIS B 46 14.25 22.35 -20.94
CA HIS B 46 14.05 22.33 -22.38
C HIS B 46 15.03 21.39 -23.06
N VAL B 47 16.00 20.86 -22.32
CA VAL B 47 16.94 19.88 -22.83
C VAL B 47 16.87 18.66 -21.92
N ARG B 48 17.08 17.48 -22.52
CA ARG B 48 16.98 16.23 -21.79
C ARG B 48 18.20 15.37 -22.03
N ASP B 49 18.45 14.46 -21.09
CA ASP B 49 19.53 13.50 -21.22
C ASP B 49 19.21 12.49 -22.31
N SER B 50 20.26 11.90 -22.89
CA SER B 50 20.07 10.97 -24.00
C SER B 50 19.57 9.61 -23.56
N VAL B 51 19.76 9.24 -22.29
CA VAL B 51 19.44 7.89 -21.85
C VAL B 51 17.93 7.68 -21.87
N ASP B 52 17.52 6.42 -22.03
CA ASP B 52 16.12 6.04 -21.91
C ASP B 52 16.02 4.57 -21.55
N LEU B 53 14.80 4.16 -21.22
CA LEU B 53 14.56 2.78 -20.79
C LEU B 53 14.97 1.79 -21.88
N LYS B 54 14.78 2.15 -23.15
CA LYS B 54 15.20 1.27 -24.22
C LYS B 54 16.69 0.96 -24.14
N ARG B 55 17.52 1.98 -23.97
CA ARG B 55 18.96 1.73 -23.90
C ARG B 55 19.33 1.00 -22.62
N ILE B 56 18.70 1.34 -21.50
CA ILE B 56 18.98 0.61 -20.26
C ILE B 56 18.75 -0.89 -20.47
N MET B 57 17.58 -1.23 -21.01
CA MET B 57 17.22 -2.63 -21.15
C MET B 57 18.09 -3.33 -22.21
N ILE B 58 18.40 -2.65 -23.31
CA ILE B 58 19.22 -3.29 -24.33
C ILE B 58 20.63 -3.53 -23.80
N MET B 59 21.17 -2.61 -22.99
CA MET B 59 22.48 -2.84 -22.41
C MET B 59 22.46 -4.03 -21.46
N VAL B 60 21.45 -4.10 -20.59
CA VAL B 60 21.38 -5.25 -19.69
C VAL B 60 21.23 -6.55 -20.48
N TRP B 61 20.48 -6.51 -21.57
CA TRP B 61 20.29 -7.70 -22.39
C TRP B 61 21.59 -8.12 -23.06
N LEU B 62 22.36 -7.17 -23.58
CA LEU B 62 23.63 -7.50 -24.21
C LEU B 62 24.65 -8.00 -23.18
N ALA B 63 24.52 -7.59 -21.92
CA ALA B 63 25.53 -7.95 -20.94
C ALA B 63 25.58 -9.45 -20.68
N VAL B 64 24.51 -10.20 -21.01
CA VAL B 64 24.45 -11.62 -20.70
C VAL B 64 24.75 -12.50 -21.91
N PHE B 65 25.15 -11.92 -23.04
CA PHE B 65 25.42 -12.72 -24.23
C PHE B 65 26.58 -13.69 -24.04
N PRO B 66 27.73 -13.28 -23.49
CA PRO B 66 28.81 -14.26 -23.28
C PRO B 66 28.38 -15.42 -22.41
N ALA B 67 27.64 -15.13 -21.34
CA ALA B 67 27.14 -16.19 -20.47
C ALA B 67 26.18 -17.12 -21.21
N MET B 68 25.28 -16.57 -22.01
CA MET B 68 24.33 -17.41 -22.76
C MET B 68 25.06 -18.32 -23.74
N PHE B 69 26.04 -17.78 -24.47
CA PHE B 69 26.74 -18.61 -25.46
C PHE B 69 27.57 -19.69 -24.78
N TRP B 70 28.32 -19.33 -23.73
CA TRP B 70 29.07 -20.35 -23.01
C TRP B 70 28.13 -21.37 -22.39
N GLY B 71 26.94 -20.95 -21.96
CA GLY B 71 26.01 -21.90 -21.38
C GLY B 71 25.54 -22.93 -22.40
N MET B 72 25.21 -22.48 -23.60
CA MET B 72 24.84 -23.42 -24.65
C MET B 72 25.97 -24.39 -24.94
N TYR B 73 27.19 -23.86 -25.09
CA TYR B 73 28.33 -24.72 -25.39
C TYR B 73 28.56 -25.74 -24.28
N ASN B 74 28.48 -25.30 -23.01
CA ASN B 74 28.71 -26.20 -21.89
C ASN B 74 27.64 -27.25 -21.79
N ALA B 75 26.37 -26.88 -22.01
CA ALA B 75 25.31 -27.87 -21.97
C ALA B 75 25.53 -28.94 -23.01
N GLY B 76 25.86 -28.55 -24.25
CA GLY B 76 26.14 -29.52 -25.27
C GLY B 76 27.30 -30.43 -24.92
N GLY B 77 28.40 -29.86 -24.41
CA GLY B 77 29.55 -30.67 -24.07
C GLY B 77 29.26 -31.66 -22.96
N GLN B 78 28.59 -31.21 -21.90
CA GLN B 78 28.22 -32.10 -20.81
C GLN B 78 27.36 -33.25 -21.32
N ALA B 79 26.34 -32.93 -22.13
CA ALA B 79 25.46 -33.96 -22.63
C ALA B 79 26.21 -34.98 -23.47
N ILE B 80 27.08 -34.52 -24.37
CA ILE B 80 27.80 -35.45 -25.22
C ILE B 80 28.73 -36.33 -24.40
N ALA B 81 29.43 -35.74 -23.43
CA ALA B 81 30.34 -36.52 -22.61
C ALA B 81 29.59 -37.60 -21.84
N ALA B 82 28.45 -37.25 -21.24
CA ALA B 82 27.68 -38.24 -20.49
C ALA B 82 27.13 -39.32 -21.41
N LEU B 83 26.64 -38.95 -22.60
CA LEU B 83 26.10 -39.95 -23.50
C LEU B 83 27.17 -40.94 -23.93
N ASN B 84 28.37 -40.46 -24.24
CA ASN B 84 29.44 -41.38 -24.63
C ASN B 84 29.98 -42.17 -23.45
N HIS B 85 29.90 -41.63 -22.23
CA HIS B 85 30.23 -42.42 -21.05
C HIS B 85 29.29 -43.60 -20.89
N LEU B 86 27.99 -43.37 -21.11
CA LEU B 86 27.01 -44.42 -20.84
C LEU B 86 26.90 -45.42 -21.98
N TYR B 87 26.79 -44.95 -23.22
CA TYR B 87 26.45 -45.80 -24.35
C TYR B 87 27.57 -45.80 -25.38
N SER B 88 27.58 -46.82 -26.23
CA SER B 88 28.53 -46.89 -27.33
C SER B 88 27.99 -47.84 -28.39
N GLY B 89 28.41 -47.62 -29.63
CA GLY B 89 28.04 -48.51 -30.71
C GLY B 89 26.57 -48.42 -31.05
N ASP B 90 25.99 -49.57 -31.41
CA ASP B 90 24.58 -49.61 -31.82
C ASP B 90 23.65 -49.09 -30.73
N GLN B 91 24.00 -49.28 -29.46
CA GLN B 91 23.17 -48.74 -28.39
C GLN B 91 23.15 -47.22 -28.44
N LEU B 92 24.32 -46.60 -28.65
CA LEU B 92 24.36 -45.15 -28.78
C LEU B 92 23.63 -44.69 -30.02
N ALA B 93 23.74 -45.43 -31.13
CA ALA B 93 23.00 -45.07 -32.33
C ALA B 93 21.50 -45.10 -32.08
N ALA B 94 21.01 -46.13 -31.41
CA ALA B 94 19.59 -46.21 -31.09
C ALA B 94 19.17 -45.07 -30.17
N ILE B 95 20.00 -44.74 -29.18
CA ILE B 95 19.68 -43.65 -28.27
C ILE B 95 19.58 -42.34 -29.04
N VAL B 96 20.49 -42.12 -29.99
CA VAL B 96 20.43 -40.90 -30.80
C VAL B 96 19.18 -40.88 -31.65
N ALA B 97 18.84 -42.02 -32.27
CA ALA B 97 17.68 -42.05 -33.17
C ALA B 97 16.39 -41.72 -32.44
N GLY B 98 16.34 -41.99 -31.14
CA GLY B 98 15.12 -41.77 -30.38
C GLY B 98 14.97 -40.41 -29.73
N ASN B 99 15.88 -39.48 -29.99
CA ASN B 99 15.79 -38.13 -29.42
C ASN B 99 15.97 -37.11 -30.53
N TRP B 100 15.04 -36.18 -30.63
CA TRP B 100 15.11 -35.19 -31.69
C TRP B 100 16.24 -34.20 -31.44
N HIS B 101 16.51 -33.88 -30.18
CA HIS B 101 17.66 -33.03 -29.87
C HIS B 101 18.94 -33.61 -30.45
N TYR B 102 19.04 -34.93 -30.55
CA TYR B 102 20.26 -35.56 -31.03
C TYR B 102 20.24 -35.73 -32.55
N TRP B 103 19.15 -36.28 -33.10
CA TRP B 103 19.18 -36.55 -34.54
C TRP B 103 19.05 -35.27 -35.34
N LEU B 104 18.44 -34.21 -34.79
CA LEU B 104 18.48 -32.92 -35.47
C LEU B 104 19.90 -32.37 -35.54
N THR B 105 20.64 -32.46 -34.42
CA THR B 105 22.03 -32.03 -34.43
C THR B 105 22.83 -32.80 -35.48
N GLU B 106 22.66 -34.12 -35.52
CA GLU B 106 23.40 -34.89 -36.53
C GLU B 106 22.95 -34.57 -37.95
N MET B 107 21.67 -34.21 -38.14
CA MET B 107 21.20 -33.88 -39.48
C MET B 107 21.76 -32.55 -39.95
N LEU B 108 21.87 -31.58 -39.05
CA LEU B 108 22.39 -30.26 -39.42
C LEU B 108 23.90 -30.26 -39.61
N GLY B 109 24.54 -31.43 -39.64
CA GLY B 109 25.96 -31.52 -39.88
C GLY B 109 26.83 -31.74 -38.66
N GLY B 110 26.24 -31.83 -37.48
CA GLY B 110 27.00 -32.07 -36.27
C GLY B 110 27.23 -33.56 -36.04
N THR B 111 27.91 -33.85 -34.93
CA THR B 111 28.15 -35.22 -34.52
C THR B 111 27.90 -35.34 -33.02
N MET B 112 27.50 -36.55 -32.60
CA MET B 112 27.31 -36.87 -31.19
C MET B 112 28.42 -37.77 -30.65
N SER B 113 29.48 -38.00 -31.41
CA SER B 113 30.57 -38.83 -30.94
C SER B 113 31.47 -38.04 -29.99
N SER B 114 32.35 -38.78 -29.29
CA SER B 114 33.18 -38.17 -28.26
C SER B 114 34.12 -37.10 -28.81
N ASP B 115 34.44 -37.16 -30.10
CA ASP B 115 35.33 -36.18 -30.72
C ASP B 115 34.58 -34.99 -31.29
N ALA B 116 33.40 -34.69 -30.77
CA ALA B 116 32.63 -33.55 -31.26
C ALA B 116 33.35 -32.24 -30.93
N GLY B 117 33.25 -31.28 -31.84
CA GLY B 117 33.89 -30.00 -31.66
C GLY B 117 32.99 -28.98 -30.97
N TRP B 118 33.56 -27.78 -30.80
CA TRP B 118 32.82 -26.71 -30.15
C TRP B 118 31.58 -26.33 -30.93
N GLY B 119 31.63 -26.41 -32.26
CA GLY B 119 30.43 -26.13 -33.04
C GLY B 119 29.30 -27.10 -32.76
N SER B 120 29.61 -28.40 -32.73
CA SER B 120 28.61 -29.40 -32.42
C SER B 120 28.06 -29.23 -31.01
N LYS B 121 28.94 -28.96 -30.04
CA LYS B 121 28.49 -28.78 -28.68
C LYS B 121 27.57 -27.56 -28.56
N MET B 122 27.95 -26.45 -29.21
CA MET B 122 27.13 -25.26 -29.15
C MET B 122 25.78 -25.48 -29.82
N LEU B 123 25.76 -26.20 -30.94
CA LEU B 123 24.50 -26.49 -31.61
C LEU B 123 23.60 -27.36 -30.75
N LEU B 124 24.16 -28.38 -30.10
CA LEU B 124 23.36 -29.23 -29.24
C LEU B 124 22.81 -28.44 -28.06
N GLY B 125 23.60 -27.51 -27.51
CA GLY B 125 23.08 -26.64 -26.47
C GLY B 125 22.00 -25.70 -26.97
N ALA B 126 22.13 -25.23 -28.22
CA ALA B 126 21.13 -24.34 -28.79
C ALA B 126 19.80 -25.05 -28.94
N THR B 127 19.81 -26.32 -29.35
CA THR B 127 18.54 -27.01 -29.53
C THR B 127 17.80 -27.22 -28.21
N TYR B 128 18.45 -26.97 -27.08
CA TYR B 128 17.78 -26.95 -25.78
C TYR B 128 17.41 -25.54 -25.36
N PHE B 129 18.31 -24.58 -25.54
CA PHE B 129 18.06 -23.23 -25.05
C PHE B 129 16.97 -22.53 -25.87
N LEU B 130 17.07 -22.60 -27.19
CA LEU B 130 16.22 -21.76 -28.05
C LEU B 130 14.73 -22.04 -27.85
N PRO B 131 14.27 -23.30 -27.84
CA PRO B 131 12.84 -23.53 -27.61
C PRO B 131 12.33 -22.94 -26.31
N ILE B 132 13.10 -23.07 -25.23
CA ILE B 132 12.68 -22.51 -23.93
C ILE B 132 12.54 -21.00 -24.04
N TYR B 133 13.53 -20.35 -24.63
CA TYR B 133 13.51 -18.90 -24.73
C TYR B 133 12.35 -18.42 -25.58
N ALA B 134 12.10 -19.08 -26.72
CA ALA B 134 10.98 -18.70 -27.58
C ALA B 134 9.65 -18.88 -26.86
N THR B 135 9.47 -20.02 -26.18
CA THR B 135 8.22 -20.25 -25.47
C THR B 135 8.00 -19.18 -24.39
N VAL B 136 9.04 -18.92 -23.60
CA VAL B 136 8.93 -17.92 -22.54
C VAL B 136 8.54 -16.57 -23.12
N PHE B 137 9.26 -16.13 -24.16
CA PHE B 137 9.01 -14.81 -24.72
C PHE B 137 7.59 -14.71 -25.25
N ILE B 138 7.15 -15.68 -26.05
CA ILE B 138 5.84 -15.59 -26.66
C ILE B 138 4.75 -15.60 -25.59
N VAL B 139 4.84 -16.52 -24.62
CA VAL B 139 3.80 -16.64 -23.63
C VAL B 139 3.71 -15.37 -22.78
N GLY B 140 4.86 -14.84 -22.35
CA GLY B 140 4.82 -13.62 -21.56
C GLY B 140 4.37 -12.40 -22.35
N ALA B 141 4.77 -12.31 -23.62
CA ALA B 141 4.33 -11.20 -24.45
C ALA B 141 2.82 -11.22 -24.62
N PHE B 142 2.22 -12.41 -24.71
CA PHE B 142 0.77 -12.48 -24.79
C PHE B 142 0.13 -11.75 -23.61
N TRP B 143 0.55 -12.06 -22.39
CA TRP B 143 -0.02 -11.43 -21.21
C TRP B 143 0.26 -9.93 -21.19
N GLU B 144 1.49 -9.53 -21.53
CA GLU B 144 1.82 -8.11 -21.55
C GLU B 144 0.88 -7.35 -22.48
N VAL B 145 0.71 -7.86 -23.70
CA VAL B 145 -0.13 -7.20 -24.68
C VAL B 145 -1.58 -7.20 -24.22
N LEU B 146 -2.05 -8.30 -23.63
CA LEU B 146 -3.42 -8.35 -23.14
C LEU B 146 -3.67 -7.26 -22.12
N PHE B 147 -2.76 -7.13 -21.14
CA PHE B 147 -2.95 -6.11 -20.11
C PHE B 147 -2.90 -4.72 -20.71
N CYS B 148 -1.96 -4.47 -21.64
CA CYS B 148 -1.86 -3.14 -22.23
C CYS B 148 -3.12 -2.79 -23.01
N MET B 149 -3.65 -3.73 -23.80
CA MET B 149 -4.85 -3.44 -24.56
C MET B 149 -6.06 -3.24 -23.66
N VAL B 150 -6.20 -4.05 -22.61
CA VAL B 150 -7.37 -3.92 -21.75
C VAL B 150 -7.30 -2.61 -20.97
N ARG B 151 -6.12 -2.20 -20.51
CA ARG B 151 -5.98 -0.99 -19.72
C ARG B 151 -5.48 0.20 -20.53
N LYS B 152 -5.38 0.06 -21.86
CA LYS B 152 -4.99 1.17 -22.74
C LYS B 152 -3.67 1.79 -22.29
N HIS B 153 -2.71 0.95 -21.94
CA HIS B 153 -1.34 1.38 -21.68
C HIS B 153 -0.49 1.16 -22.92
N GLU B 154 0.74 1.67 -22.87
CA GLU B 154 1.70 1.41 -23.93
C GLU B 154 2.67 0.32 -23.51
N VAL B 155 2.93 -0.61 -24.42
CA VAL B 155 3.85 -1.70 -24.12
C VAL B 155 5.24 -1.13 -23.92
N ASN B 156 5.81 -1.35 -22.74
CA ASN B 156 7.12 -0.82 -22.39
C ASN B 156 8.15 -1.93 -22.43
N GLU B 157 9.40 -1.55 -22.16
CA GLU B 157 10.51 -2.49 -22.13
C GLU B 157 10.68 -3.00 -20.71
N GLY B 158 11.30 -4.17 -20.58
CA GLY B 158 11.54 -4.76 -19.28
C GLY B 158 11.22 -6.24 -19.28
N PHE B 159 10.16 -6.61 -20.00
CA PHE B 159 9.96 -8.02 -20.29
C PHE B 159 11.05 -8.53 -21.21
N PHE B 160 11.62 -7.65 -22.03
CA PHE B 160 12.75 -8.01 -22.87
C PHE B 160 13.90 -8.58 -22.04
N VAL B 161 14.06 -8.11 -20.81
CA VAL B 161 15.10 -8.62 -19.92
C VAL B 161 14.58 -9.75 -19.05
N THR B 162 13.34 -9.60 -18.55
CA THR B 162 12.75 -10.65 -17.73
C THR B 162 12.77 -12.00 -18.44
N SER B 163 12.39 -12.02 -19.72
CA SER B 163 12.29 -13.29 -20.44
C SER B 163 13.62 -14.00 -20.54
N ILE B 164 14.67 -13.28 -20.95
CA ILE B 164 15.97 -13.93 -21.10
C ILE B 164 16.53 -14.35 -19.75
N LEU B 165 16.37 -13.50 -18.72
CA LEU B 165 16.87 -13.88 -17.41
C LEU B 165 16.16 -15.12 -16.89
N PHE B 166 14.86 -15.22 -17.12
CA PHE B 166 14.13 -16.43 -16.73
C PHE B 166 14.62 -17.64 -17.50
N ALA B 167 14.81 -17.48 -18.81
CA ALA B 167 15.24 -18.61 -19.63
C ALA B 167 16.65 -19.08 -19.30
N LEU B 168 17.47 -18.22 -18.69
CA LEU B 168 18.86 -18.60 -18.42
C LEU B 168 19.06 -19.25 -17.05
N ILE B 169 18.02 -19.35 -16.23
CA ILE B 169 18.16 -19.84 -14.86
C ILE B 169 17.38 -21.15 -14.65
N VAL B 170 17.24 -21.96 -15.68
CA VAL B 170 16.47 -23.21 -15.57
C VAL B 170 17.36 -24.34 -16.06
N PRO B 171 17.06 -25.58 -15.67
CA PRO B 171 17.82 -26.70 -16.19
C PRO B 171 17.60 -26.84 -17.69
N PRO B 172 18.58 -27.40 -18.41
CA PRO B 172 18.41 -27.56 -19.86
C PRO B 172 17.27 -28.49 -20.24
N THR B 173 16.74 -29.27 -19.32
CA THR B 173 15.74 -30.28 -19.63
C THR B 173 14.33 -29.87 -19.22
N LEU B 174 14.11 -28.61 -18.87
CA LEU B 174 12.81 -28.20 -18.35
C LEU B 174 11.72 -28.42 -19.40
N PRO B 175 10.56 -28.95 -19.02
CA PRO B 175 9.44 -29.03 -19.98
C PRO B 175 8.92 -27.66 -20.38
N LEU B 176 8.46 -27.57 -21.63
CA LEU B 176 8.04 -26.28 -22.17
C LEU B 176 6.73 -25.81 -21.56
N TRP B 177 5.81 -26.72 -21.25
CA TRP B 177 4.58 -26.30 -20.59
C TRP B 177 4.85 -25.76 -19.20
N GLN B 178 5.81 -26.35 -18.48
CA GLN B 178 6.20 -25.79 -17.20
C GLN B 178 6.88 -24.43 -17.36
N ALA B 179 7.70 -24.27 -18.39
CA ALA B 179 8.27 -22.95 -18.65
C ALA B 179 7.18 -21.91 -18.89
N ALA B 180 6.16 -22.27 -19.67
CA ALA B 180 5.06 -21.36 -19.94
C ALA B 180 4.33 -21.00 -18.66
N LEU B 181 4.03 -22.00 -17.82
CA LEU B 181 3.36 -21.71 -16.56
C LEU B 181 4.20 -20.79 -15.68
N GLY B 182 5.51 -21.04 -15.63
CA GLY B 182 6.38 -20.22 -14.80
C GLY B 182 6.41 -18.77 -15.24
N ILE B 183 6.56 -18.55 -16.55
CA ILE B 183 6.58 -17.17 -17.03
C ILE B 183 5.22 -16.51 -16.84
N THR B 184 4.14 -17.26 -17.04
CA THR B 184 2.81 -16.69 -16.80
C THR B 184 2.69 -16.20 -15.36
N PHE B 185 3.05 -17.05 -14.40
CA PHE B 185 2.99 -16.64 -13.00
C PHE B 185 3.86 -15.42 -12.75
N GLY B 186 5.12 -15.46 -13.22
CA GLY B 186 6.02 -14.36 -12.94
C GLY B 186 5.52 -13.04 -13.50
N VAL B 187 5.04 -13.04 -14.74
CA VAL B 187 4.61 -11.80 -15.37
C VAL B 187 3.32 -11.29 -14.74
N VAL B 188 2.35 -12.17 -14.53
CA VAL B 188 1.02 -11.72 -14.12
C VAL B 188 0.98 -11.45 -12.62
N VAL B 189 1.26 -12.46 -11.81
CA VAL B 189 1.03 -12.33 -10.38
C VAL B 189 2.01 -11.36 -9.74
N ALA B 190 3.24 -11.27 -10.25
CA ALA B 190 4.26 -10.47 -9.60
C ALA B 190 4.40 -9.06 -10.14
N LYS B 191 4.06 -8.82 -11.41
CA LYS B 191 4.30 -7.52 -12.02
C LYS B 191 3.02 -6.82 -12.50
N GLU B 192 2.21 -7.53 -13.28
CA GLU B 192 1.14 -6.85 -14.01
C GLU B 192 0.04 -6.35 -13.08
N VAL B 193 -0.37 -7.15 -12.10
CA VAL B 193 -1.45 -6.73 -11.21
C VAL B 193 -1.06 -5.51 -10.39
N PHE B 194 0.23 -5.19 -10.31
CA PHE B 194 0.69 -4.00 -9.61
C PHE B 194 0.82 -2.79 -10.51
N GLY B 195 0.55 -2.92 -11.80
CA GLY B 195 0.65 -1.80 -12.73
C GLY B 195 1.73 -1.92 -13.77
N GLY B 196 2.54 -2.97 -13.74
CA GLY B 196 3.57 -3.16 -14.75
C GLY B 196 4.95 -2.72 -14.34
N THR B 197 5.80 -2.48 -15.32
CA THR B 197 7.20 -2.12 -15.05
C THR B 197 7.28 -0.86 -14.19
N GLY B 198 8.15 -0.90 -13.18
CA GLY B 198 8.38 0.23 -12.32
C GLY B 198 7.39 0.36 -11.17
N ARG B 199 6.47 -0.58 -11.03
CA ARG B 199 5.39 -0.46 -10.05
C ARG B 199 5.21 -1.70 -9.19
N ASN B 200 6.10 -2.67 -9.26
CA ASN B 200 6.05 -3.86 -8.42
C ASN B 200 7.12 -3.78 -7.34
N PHE B 201 7.24 -4.85 -6.55
CA PHE B 201 8.24 -4.89 -5.48
C PHE B 201 9.01 -6.20 -5.49
N LEU B 202 8.48 -7.24 -6.11
CA LEU B 202 9.19 -8.51 -6.22
C LEU B 202 9.94 -8.59 -7.55
N ASN B 203 10.88 -9.52 -7.61
CA ASN B 203 11.63 -9.79 -8.82
C ASN B 203 10.80 -10.70 -9.72
N PRO B 204 10.32 -10.22 -10.88
CA PRO B 204 9.43 -11.05 -11.70
C PRO B 204 10.06 -12.36 -12.14
N ALA B 205 11.34 -12.37 -12.51
CA ALA B 205 11.96 -13.58 -13.03
C ALA B 205 12.11 -14.63 -11.95
N LEU B 206 12.52 -14.24 -10.75
CA LEU B 206 12.69 -15.20 -9.67
C LEU B 206 11.35 -15.66 -9.12
N ALA B 207 10.30 -14.84 -9.26
CA ALA B 207 8.98 -15.26 -8.80
C ALA B 207 8.49 -16.47 -9.57
N GLY B 208 8.69 -16.48 -10.89
CA GLY B 208 8.32 -17.64 -11.67
C GLY B 208 9.18 -18.85 -11.35
N ARG B 209 10.48 -18.63 -11.14
CA ARG B 209 11.34 -19.74 -10.78
C ARG B 209 10.94 -20.33 -9.44
N ALA B 210 10.55 -19.49 -8.48
CA ALA B 210 10.04 -20.02 -7.22
C ALA B 210 8.75 -20.80 -7.41
N PHE B 211 7.88 -20.31 -8.30
CA PHE B 211 6.66 -21.04 -8.61
C PHE B 211 6.98 -22.45 -9.10
N LEU B 212 7.91 -22.56 -10.04
CA LEU B 212 8.32 -23.89 -10.51
C LEU B 212 8.95 -24.68 -9.38
N PHE B 213 9.82 -24.03 -8.59
CA PHE B 213 10.55 -24.70 -7.52
C PHE B 213 9.60 -25.39 -6.56
N PHE B 214 8.49 -24.73 -6.21
CA PHE B 214 7.58 -25.29 -5.22
C PHE B 214 6.43 -26.07 -5.82
N ALA B 215 6.12 -25.88 -7.11
CA ALA B 215 5.00 -26.59 -7.70
C ALA B 215 5.45 -27.91 -8.32
N TYR B 216 6.60 -27.92 -8.99
CA TYR B 216 7.10 -29.11 -9.68
C TYR B 216 8.55 -29.37 -9.31
N PRO B 217 8.82 -29.65 -8.03
CA PRO B 217 10.22 -29.79 -7.59
C PRO B 217 10.97 -30.92 -8.28
N ALA B 218 10.27 -31.94 -8.78
CA ALA B 218 10.96 -33.10 -9.35
C ALA B 218 11.64 -32.77 -10.66
N GLN B 219 11.23 -31.70 -11.35
CA GLN B 219 11.80 -31.34 -12.65
C GLN B 219 12.81 -30.21 -12.55
N ILE B 220 13.02 -29.64 -11.37
CA ILE B 220 13.95 -28.53 -11.20
C ILE B 220 14.89 -28.80 -10.04
N SER B 221 15.07 -30.07 -9.71
CA SER B 221 15.98 -30.45 -8.64
C SER B 221 16.37 -31.91 -8.82
N GLY B 222 17.40 -32.32 -8.09
CA GLY B 222 17.83 -33.71 -8.10
C GLY B 222 18.98 -33.98 -9.06
N ASP B 223 19.18 -35.26 -9.31
CA ASP B 223 20.31 -35.71 -10.12
C ASP B 223 19.97 -35.90 -11.59
N LEU B 224 18.70 -35.81 -11.98
CA LEU B 224 18.27 -36.22 -13.30
C LEU B 224 18.06 -35.09 -14.29
N VAL B 225 18.29 -33.83 -13.88
CA VAL B 225 17.83 -32.70 -14.67
C VAL B 225 18.96 -31.78 -15.14
N TRP B 226 20.13 -31.82 -14.52
CA TRP B 226 21.15 -30.82 -14.81
C TRP B 226 22.08 -31.20 -15.95
N THR B 227 22.00 -32.43 -16.46
CA THR B 227 22.70 -32.83 -17.67
C THR B 227 21.70 -33.46 -18.62
N ALA B 228 21.65 -32.95 -19.85
CA ALA B 228 20.65 -33.41 -20.82
C ALA B 228 21.10 -34.67 -21.53
N ALA B 229 21.39 -35.72 -20.78
CA ALA B 229 21.75 -37.02 -21.33
C ALA B 229 20.70 -38.05 -20.89
N ASP B 230 20.19 -38.82 -21.85
CA ASP B 230 19.13 -39.76 -21.55
C ASP B 230 19.63 -40.87 -20.63
N GLY B 231 18.95 -41.04 -19.50
CA GLY B 231 19.28 -42.08 -18.56
C GLY B 231 20.47 -41.78 -17.66
N TYR B 232 21.04 -40.60 -17.76
CA TYR B 232 22.21 -40.26 -16.96
C TYR B 232 21.80 -39.68 -15.62
N SER B 233 22.48 -40.13 -14.56
CA SER B 233 22.25 -39.64 -13.21
C SER B 233 23.57 -39.16 -12.65
N GLY B 234 23.61 -37.92 -12.18
CA GLY B 234 24.82 -37.35 -11.64
C GLY B 234 24.58 -36.10 -10.82
N ALA B 235 25.22 -36.03 -9.66
CA ALA B 235 25.08 -34.87 -8.80
C ALA B 235 25.99 -33.74 -9.29
N THR B 236 25.83 -32.57 -8.68
CA THR B 236 26.62 -31.40 -9.02
C THR B 236 27.37 -30.92 -7.79
N ALA B 237 28.16 -29.87 -7.97
CA ALA B 237 29.21 -29.54 -7.00
C ALA B 237 28.64 -29.28 -5.62
N LEU B 238 27.60 -28.46 -5.51
CA LEU B 238 27.08 -28.12 -4.18
C LEU B 238 26.54 -29.34 -3.45
N SER B 239 25.85 -30.23 -4.16
CA SER B 239 25.38 -31.47 -3.54
C SER B 239 26.55 -32.34 -3.11
N GLN B 240 27.57 -32.47 -3.97
CA GLN B 240 28.72 -33.30 -3.65
C GLN B 240 29.49 -32.76 -2.46
N TRP B 241 29.63 -31.44 -2.36
CA TRP B 241 30.25 -30.87 -1.18
C TRP B 241 29.43 -31.15 0.07
N ALA B 242 28.11 -30.98 -0.02
CA ALA B 242 27.26 -31.27 1.12
C ALA B 242 27.40 -32.72 1.56
N GLN B 243 27.66 -33.63 0.63
CA GLN B 243 27.81 -35.03 1.00
C GLN B 243 29.19 -35.34 1.58
N GLY B 244 30.26 -34.86 0.95
CA GLY B 244 31.59 -35.33 1.32
C GLY B 244 32.73 -34.33 1.29
N GLY B 245 32.43 -33.03 1.34
CA GLY B 245 33.50 -32.06 1.35
C GLY B 245 34.15 -31.87 -0.02
N ALA B 246 35.33 -31.24 0.01
CA ALA B 246 36.05 -30.94 -1.23
C ALA B 246 36.50 -32.21 -1.93
N GLY B 247 36.74 -33.29 -1.18
CA GLY B 247 37.18 -34.53 -1.80
C GLY B 247 36.11 -35.23 -2.61
N ALA B 248 34.84 -34.84 -2.43
CA ALA B 248 33.74 -35.47 -3.15
C ALA B 248 33.50 -34.85 -4.52
N LEU B 249 34.19 -33.77 -4.87
CA LEU B 249 33.97 -33.08 -6.14
C LEU B 249 34.67 -33.87 -7.25
N ILE B 250 33.90 -34.73 -7.91
CA ILE B 250 34.37 -35.52 -9.03
C ILE B 250 33.30 -35.50 -10.10
N ASN B 251 33.72 -35.35 -11.36
CA ASN B 251 32.80 -35.43 -12.49
C ASN B 251 32.75 -36.87 -12.97
N ASN B 252 31.65 -37.57 -12.68
CA ASN B 252 31.58 -38.99 -12.99
C ASN B 252 31.49 -39.27 -14.48
N ALA B 253 31.08 -38.28 -15.28
CA ALA B 253 31.02 -38.50 -16.72
C ALA B 253 32.39 -38.68 -17.35
N THR B 254 33.43 -38.09 -16.76
CA THR B 254 34.78 -38.22 -17.29
C THR B 254 35.79 -38.75 -16.28
N GLY B 255 35.43 -38.92 -15.01
CA GLY B 255 36.34 -39.42 -14.01
C GLY B 255 37.32 -38.42 -13.47
N GLN B 256 37.27 -37.17 -13.93
CA GLN B 256 38.21 -36.15 -13.50
C GLN B 256 37.74 -35.48 -12.22
N THR B 257 38.64 -34.73 -11.60
CA THR B 257 38.30 -33.99 -10.39
C THR B 257 37.92 -32.55 -10.75
N ILE B 258 36.81 -32.08 -10.20
CA ILE B 258 36.38 -30.71 -10.40
C ILE B 258 37.30 -29.80 -9.59
N THR B 259 37.95 -28.87 -10.26
CA THR B 259 38.87 -27.96 -9.60
C THR B 259 38.29 -26.55 -9.56
N TRP B 260 38.94 -25.68 -8.79
CA TRP B 260 38.48 -24.30 -8.69
C TRP B 260 38.48 -23.63 -10.05
N MET B 261 39.50 -23.92 -10.86
CA MET B 261 39.55 -23.33 -12.20
C MET B 261 38.40 -23.84 -13.06
N ASP B 262 38.06 -25.12 -12.95
CA ASP B 262 36.91 -25.63 -13.70
C ASP B 262 35.63 -24.92 -13.29
N ALA B 263 35.41 -24.77 -11.98
CA ALA B 263 34.20 -24.11 -11.51
C ALA B 263 34.18 -22.64 -11.90
N PHE B 264 35.34 -22.00 -11.95
CA PHE B 264 35.42 -20.58 -12.28
C PHE B 264 35.18 -20.35 -13.77
N ILE B 265 35.78 -21.18 -14.62
CA ILE B 265 35.60 -21.03 -16.06
C ILE B 265 34.18 -21.41 -16.46
N GLY B 266 33.66 -22.50 -15.91
CA GLY B 266 32.31 -22.93 -16.19
C GLY B 266 32.20 -24.31 -16.78
N ASN B 267 33.18 -25.17 -16.52
CA ASN B 267 33.15 -26.54 -17.01
C ASN B 267 32.43 -27.44 -16.02
N ILE B 268 31.21 -27.09 -15.65
CA ILE B 268 30.45 -27.87 -14.68
C ILE B 268 28.97 -27.83 -15.03
N PRO B 269 28.21 -28.83 -14.60
CA PRO B 269 26.78 -28.84 -14.87
C PRO B 269 26.04 -27.82 -14.00
N GLY B 270 24.78 -27.59 -14.35
CA GLY B 270 23.93 -26.70 -13.61
C GLY B 270 22.99 -25.97 -14.54
N SER B 271 22.42 -24.87 -14.04
CA SER B 271 21.55 -24.05 -14.86
C SER B 271 22.31 -23.52 -16.07
N ILE B 272 21.57 -23.19 -17.12
CA ILE B 272 22.19 -22.97 -18.43
C ILE B 272 23.22 -21.85 -18.37
N GLY B 273 22.83 -20.69 -17.81
CA GLY B 273 23.66 -19.50 -17.90
C GLY B 273 24.45 -19.14 -16.67
N GLU B 274 24.46 -19.98 -15.64
CA GLU B 274 25.09 -19.63 -14.38
C GLU B 274 26.55 -20.07 -14.28
N VAL B 275 26.98 -21.01 -15.11
CA VAL B 275 28.18 -21.78 -14.80
C VAL B 275 29.45 -20.94 -14.88
N SER B 276 29.51 -19.95 -15.76
CA SER B 276 30.77 -19.26 -16.06
C SER B 276 30.84 -17.97 -15.23
N THR B 277 31.59 -18.04 -14.11
CA THR B 277 31.82 -16.85 -13.32
C THR B 277 32.60 -15.80 -14.09
N LEU B 278 33.58 -16.23 -14.89
CA LEU B 278 34.35 -15.28 -15.70
C LEU B 278 33.46 -14.57 -16.70
N ALA B 279 32.62 -15.32 -17.40
CA ALA B 279 31.74 -14.71 -18.39
C ALA B 279 30.73 -13.79 -17.74
N LEU B 280 30.24 -14.14 -16.55
CA LEU B 280 29.32 -13.24 -15.86
C LEU B 280 30.03 -11.98 -15.39
N MET B 281 31.28 -12.10 -14.92
CA MET B 281 32.04 -10.94 -14.47
C MET B 281 32.30 -9.98 -15.62
N ILE B 282 32.66 -10.51 -16.79
CA ILE B 282 32.93 -9.64 -17.93
C ILE B 282 31.69 -8.82 -18.27
N GLY B 283 30.52 -9.46 -18.30
CA GLY B 283 29.29 -8.74 -18.59
C GLY B 283 28.93 -7.75 -17.51
N ALA B 284 29.09 -8.13 -16.24
CA ALA B 284 28.69 -7.25 -15.14
C ALA B 284 29.56 -6.01 -15.09
N ALA B 285 30.84 -6.14 -15.44
CA ALA B 285 31.73 -4.98 -15.42
C ALA B 285 31.20 -3.87 -16.31
N PHE B 286 30.69 -4.21 -17.49
CA PHE B 286 30.23 -3.20 -18.43
C PHE B 286 29.06 -2.41 -17.87
N ILE B 287 28.05 -3.10 -17.32
CA ILE B 287 26.87 -2.39 -16.84
C ILE B 287 27.15 -1.70 -15.51
N VAL B 288 28.14 -2.15 -14.74
CA VAL B 288 28.55 -1.39 -13.56
C VAL B 288 29.25 -0.12 -13.98
N TYR B 289 30.13 -0.20 -14.98
CA TYR B 289 30.81 0.99 -15.49
C TYR B 289 29.82 1.99 -16.05
N MET B 290 28.82 1.51 -16.80
CA MET B 290 27.84 2.40 -17.40
C MET B 290 26.96 3.07 -16.36
N GLY B 291 26.98 2.59 -15.11
CA GLY B 291 26.14 3.15 -14.08
C GLY B 291 24.73 2.63 -14.07
N ILE B 292 24.50 1.44 -14.60
CA ILE B 292 23.17 0.85 -14.62
C ILE B 292 22.96 -0.13 -13.47
N ALA B 293 24.03 -0.78 -13.01
CA ALA B 293 23.98 -1.69 -11.88
C ALA B 293 24.65 -1.04 -10.67
N SER B 294 24.27 -1.50 -9.47
CA SER B 294 24.69 -0.84 -8.24
C SER B 294 25.88 -1.56 -7.62
N TRP B 295 27.05 -0.93 -7.71
CA TRP B 295 28.23 -1.49 -7.07
C TRP B 295 28.09 -1.53 -5.56
N ARG B 296 27.25 -0.66 -4.98
CA ARG B 296 26.98 -0.76 -3.55
C ARG B 296 26.27 -2.07 -3.22
N ILE B 297 25.28 -2.45 -4.02
CA ILE B 297 24.60 -3.72 -3.81
C ILE B 297 25.58 -4.88 -3.98
N ILE B 298 26.39 -4.83 -5.03
CA ILE B 298 27.33 -5.93 -5.27
C ILE B 298 28.31 -6.05 -4.12
N GLY B 299 28.85 -4.93 -3.64
CA GLY B 299 29.78 -4.96 -2.52
C GLY B 299 29.13 -5.47 -1.25
N GLY B 300 27.88 -5.07 -1.00
CA GLY B 300 27.18 -5.60 0.15
C GLY B 300 27.01 -7.10 0.10
N VAL B 301 26.66 -7.62 -1.08
CA VAL B 301 26.50 -9.06 -1.23
C VAL B 301 27.82 -9.76 -0.95
N MET B 302 28.92 -9.25 -1.50
CA MET B 302 30.22 -9.86 -1.27
C MET B 302 30.59 -9.83 0.21
N ILE B 303 30.36 -8.68 0.86
CA ILE B 303 30.70 -8.55 2.28
C ILE B 303 29.94 -9.58 3.10
N GLY B 304 28.63 -9.67 2.89
CA GLY B 304 27.84 -10.61 3.66
C GLY B 304 28.28 -12.05 3.46
N MET B 305 28.47 -12.44 2.19
CA MET B 305 28.91 -13.81 1.91
C MET B 305 30.23 -14.10 2.60
N ILE B 306 31.21 -13.21 2.45
CA ILE B 306 32.52 -13.46 3.04
C ILE B 306 32.42 -13.58 4.55
N LEU B 307 31.71 -12.65 5.19
CA LEU B 307 31.64 -12.65 6.64
C LEU B 307 31.01 -13.94 7.17
N LEU B 308 29.86 -14.32 6.61
CA LEU B 308 29.17 -15.48 7.17
C LEU B 308 29.93 -16.77 6.86
N SER B 309 30.52 -16.87 5.66
CA SER B 309 31.29 -18.08 5.34
C SER B 309 32.50 -18.21 6.25
N THR B 310 33.17 -17.10 6.55
CA THR B 310 34.33 -17.17 7.43
C THR B 310 33.92 -17.49 8.85
N LEU B 311 32.77 -16.99 9.30
CA LEU B 311 32.27 -17.35 10.62
C LEU B 311 32.02 -18.85 10.71
N PHE B 312 31.38 -19.42 9.68
CA PHE B 312 31.15 -20.86 9.67
C PHE B 312 32.47 -21.63 9.66
N ASN B 313 33.44 -21.17 8.88
CA ASN B 313 34.74 -21.83 8.85
C ASN B 313 35.40 -21.82 10.23
N VAL B 314 35.32 -20.69 10.93
CA VAL B 314 35.94 -20.60 12.25
C VAL B 314 35.20 -21.51 13.24
N ILE B 315 33.87 -21.52 13.20
CA ILE B 315 33.12 -22.37 14.13
C ILE B 315 33.44 -23.83 13.90
N GLY B 316 33.38 -24.29 12.65
CA GLY B 316 33.70 -25.66 12.34
C GLY B 316 32.58 -26.63 12.65
N SER B 317 32.70 -27.85 12.17
CA SER B 317 31.68 -28.87 12.42
C SER B 317 32.27 -30.24 12.12
N ASP B 318 31.80 -31.26 12.84
CA ASP B 318 32.28 -32.62 12.65
C ASP B 318 31.45 -33.41 11.65
N THR B 319 30.17 -33.06 11.46
CA THR B 319 29.27 -33.88 10.68
C THR B 319 28.73 -33.16 9.44
N ASN B 320 28.85 -31.84 9.40
CA ASN B 320 28.34 -31.04 8.29
C ASN B 320 29.54 -30.51 7.50
N ALA B 321 29.75 -31.06 6.31
CA ALA B 321 30.89 -30.67 5.49
C ALA B 321 30.74 -29.30 4.88
N MET B 322 29.55 -28.71 4.92
CA MET B 322 29.36 -27.38 4.35
C MET B 322 29.95 -26.28 5.23
N PHE B 323 30.34 -26.61 6.46
CA PHE B 323 30.90 -25.60 7.35
C PHE B 323 32.28 -25.15 6.89
N ASN B 324 33.02 -26.02 6.21
CA ASN B 324 34.42 -25.75 5.90
C ASN B 324 34.63 -25.28 4.46
N MET B 325 33.59 -24.91 3.74
CA MET B 325 33.79 -24.40 2.39
C MET B 325 34.13 -22.91 2.45
N PRO B 326 35.26 -22.48 1.90
CA PRO B 326 35.66 -21.07 2.03
C PRO B 326 34.86 -20.16 1.11
N TRP B 327 35.10 -18.86 1.30
CA TRP B 327 34.40 -17.85 0.51
C TRP B 327 34.71 -17.95 -0.98
N HIS B 328 35.96 -18.22 -1.33
CA HIS B 328 36.32 -18.31 -2.74
C HIS B 328 35.75 -19.54 -3.42
N TRP B 329 35.32 -20.55 -2.65
CA TRP B 329 34.55 -21.64 -3.22
C TRP B 329 33.07 -21.29 -3.28
N HIS B 330 32.56 -20.60 -2.25
CA HIS B 330 31.19 -20.09 -2.32
C HIS B 330 30.98 -19.25 -3.56
N LEU B 331 32.03 -18.52 -3.99
CA LEU B 331 31.89 -17.58 -5.09
C LEU B 331 31.55 -18.27 -6.41
N VAL B 332 32.17 -19.41 -6.68
CA VAL B 332 32.14 -19.99 -8.02
C VAL B 332 31.14 -21.12 -8.19
N LEU B 333 30.47 -21.56 -7.13
CA LEU B 333 29.51 -22.64 -7.22
C LEU B 333 28.08 -22.12 -7.25
N GLY B 334 27.21 -22.88 -7.90
CA GLY B 334 25.80 -22.53 -7.94
C GLY B 334 25.54 -21.27 -8.73
N GLY B 335 24.41 -20.64 -8.45
CA GLY B 335 23.99 -19.42 -9.10
C GLY B 335 24.33 -18.15 -8.36
N PHE B 336 25.30 -18.20 -7.44
CA PHE B 336 25.62 -17.03 -6.64
C PHE B 336 26.09 -15.87 -7.50
N ALA B 337 27.02 -16.12 -8.41
CA ALA B 337 27.54 -15.02 -9.23
C ALA B 337 26.47 -14.45 -10.14
N PHE B 338 25.70 -15.31 -10.79
CA PHE B 338 24.62 -14.85 -11.67
C PHE B 338 23.64 -13.98 -10.89
N GLY B 339 23.19 -14.48 -9.75
CA GLY B 339 22.25 -13.71 -8.95
C GLY B 339 22.82 -12.38 -8.51
N MET B 340 24.04 -12.38 -7.98
CA MET B 340 24.66 -11.16 -7.47
C MET B 340 24.81 -10.13 -8.57
N PHE B 341 25.21 -10.57 -9.77
CA PHE B 341 25.52 -9.60 -10.82
C PHE B 341 24.27 -9.12 -11.55
N PHE B 342 23.28 -9.98 -11.78
CA PHE B 342 22.18 -9.63 -12.67
C PHE B 342 20.79 -9.67 -12.06
N MET B 343 20.62 -10.19 -10.85
CA MET B 343 19.28 -10.29 -10.29
C MET B 343 19.12 -9.54 -8.99
N ALA B 344 20.18 -9.42 -8.19
CA ALA B 344 20.12 -8.56 -7.01
C ALA B 344 20.21 -7.09 -7.36
N THR B 345 20.50 -6.75 -8.62
CA THR B 345 20.68 -5.37 -9.03
C THR B 345 19.46 -4.79 -9.72
N ASP B 346 18.35 -5.52 -9.77
CA ASP B 346 17.10 -4.98 -10.30
C ASP B 346 16.77 -3.68 -9.58
N PRO B 347 16.78 -2.53 -10.26
CA PRO B 347 16.55 -1.27 -9.55
C PRO B 347 15.20 -1.19 -8.85
N VAL B 348 14.15 -1.76 -9.42
CA VAL B 348 12.82 -1.61 -8.85
C VAL B 348 12.68 -2.40 -7.56
N SER B 349 13.28 -3.59 -7.50
CA SER B 349 13.10 -4.47 -6.36
C SER B 349 14.04 -4.15 -5.19
N ALA B 350 15.03 -3.29 -5.41
CA ALA B 350 16.03 -3.03 -4.39
C ALA B 350 15.69 -1.76 -3.61
N SER B 351 16.54 -1.44 -2.63
CA SER B 351 16.36 -0.24 -1.85
C SER B 351 16.65 1.00 -2.69
N PHE B 352 15.93 2.09 -2.40
CA PHE B 352 16.10 3.33 -3.13
C PHE B 352 17.09 4.29 -2.50
N THR B 353 17.73 3.92 -1.39
CA THR B 353 18.67 4.79 -0.73
C THR B 353 20.07 4.19 -0.74
N ASN B 354 21.07 5.07 -0.79
CA ASN B 354 22.46 4.61 -0.84
C ASN B 354 22.82 3.80 0.40
N SER B 355 22.41 4.26 1.58
CA SER B 355 22.66 3.50 2.80
C SER B 355 21.86 2.21 2.81
N GLY B 356 20.62 2.24 2.32
CA GLY B 356 19.81 1.03 2.32
C GLY B 356 20.36 -0.05 1.42
N LYS B 357 21.02 0.33 0.32
CA LYS B 357 21.53 -0.66 -0.62
C LYS B 357 22.60 -1.55 0.01
N TRP B 358 23.47 -0.97 0.86
CA TRP B 358 24.47 -1.76 1.53
C TRP B 358 23.84 -2.85 2.39
N ALA B 359 22.83 -2.47 3.18
CA ALA B 359 22.15 -3.46 4.03
C ALA B 359 21.43 -4.49 3.18
N TYR B 360 20.83 -4.06 2.07
CA TYR B 360 20.13 -4.98 1.18
C TYR B 360 21.09 -6.05 0.66
N GLY B 361 22.25 -5.62 0.15
CA GLY B 361 23.23 -6.59 -0.34
C GLY B 361 23.75 -7.50 0.75
N ILE B 362 24.03 -6.93 1.92
CA ILE B 362 24.55 -7.74 3.02
C ILE B 362 23.53 -8.80 3.42
N LEU B 363 22.26 -8.43 3.49
CA LEU B 363 21.21 -9.40 3.81
C LEU B 363 21.15 -10.50 2.76
N ILE B 364 21.21 -10.13 1.48
CA ILE B 364 21.15 -11.15 0.43
C ILE B 364 22.29 -12.15 0.60
N GLY B 365 23.52 -11.65 0.79
CA GLY B 365 24.64 -12.56 0.92
C GLY B 365 24.54 -13.45 2.14
N VAL B 366 24.18 -12.86 3.28
CA VAL B 366 24.06 -13.63 4.52
C VAL B 366 23.02 -14.73 4.35
N MET B 367 21.86 -14.39 3.78
CA MET B 367 20.80 -15.38 3.62
C MET B 367 21.21 -16.47 2.66
N CYS B 368 21.92 -16.12 1.59
CA CYS B 368 22.37 -17.14 0.64
C CYS B 368 23.28 -18.14 1.33
N VAL B 369 24.30 -17.66 2.04
CA VAL B 369 25.22 -18.57 2.70
C VAL B 369 24.50 -19.39 3.76
N LEU B 370 23.58 -18.76 4.49
CA LEU B 370 22.86 -19.46 5.55
C LEU B 370 22.04 -20.61 4.98
N ILE B 371 21.30 -20.36 3.89
CA ILE B 371 20.49 -21.42 3.31
C ILE B 371 21.39 -22.50 2.71
N ARG B 372 22.54 -22.11 2.16
CA ARG B 372 23.45 -23.12 1.63
C ARG B 372 23.93 -24.05 2.74
N VAL B 373 24.27 -23.49 3.90
CA VAL B 373 24.94 -24.28 4.94
C VAL B 373 23.93 -25.01 5.84
N VAL B 374 23.05 -24.28 6.52
CA VAL B 374 22.28 -24.86 7.62
C VAL B 374 20.89 -25.35 7.19
N ASN B 375 20.53 -25.25 5.91
CA ASN B 375 19.27 -25.79 5.45
C ASN B 375 19.54 -27.04 4.63
N PRO B 376 19.19 -28.24 5.12
CA PRO B 376 19.53 -29.45 4.37
C PRO B 376 18.63 -29.74 3.20
N ALA B 377 17.44 -29.13 3.14
CA ALA B 377 16.51 -29.42 2.07
C ALA B 377 16.99 -28.89 0.72
N TYR B 378 17.61 -27.71 0.69
CA TYR B 378 17.99 -27.06 -0.54
C TYR B 378 19.50 -26.92 -0.61
N PRO B 379 20.14 -27.27 -1.73
CA PRO B 379 21.59 -27.09 -1.83
C PRO B 379 22.01 -25.66 -2.08
N GLU B 380 21.14 -24.86 -2.69
CA GLU B 380 21.42 -23.47 -3.04
C GLU B 380 20.33 -22.59 -2.46
N GLY B 381 20.63 -21.31 -2.30
CA GLY B 381 19.69 -20.39 -1.67
C GLY B 381 19.63 -18.99 -2.23
N MET B 382 20.19 -18.77 -3.41
CA MET B 382 20.26 -17.40 -3.94
C MET B 382 18.88 -16.86 -4.30
N MET B 383 18.07 -17.66 -4.98
CA MET B 383 16.73 -17.21 -5.37
C MET B 383 15.90 -16.88 -4.14
N LEU B 384 15.88 -17.79 -3.16
CA LEU B 384 15.10 -17.56 -1.95
C LEU B 384 15.64 -16.36 -1.18
N ALA B 385 16.96 -16.20 -1.14
CA ALA B 385 17.55 -15.07 -0.42
C ALA B 385 17.14 -13.74 -1.04
N ILE B 386 17.19 -13.65 -2.37
CA ILE B 386 16.82 -12.40 -3.03
C ILE B 386 15.33 -12.12 -2.82
N LEU B 387 14.49 -13.15 -2.96
CA LEU B 387 13.06 -12.95 -2.76
C LEU B 387 12.76 -12.53 -1.32
N PHE B 388 13.58 -13.01 -0.37
CA PHE B 388 13.37 -12.65 1.03
C PHE B 388 13.82 -11.22 1.30
N ALA B 389 14.91 -10.79 0.67
CA ALA B 389 15.40 -9.42 0.88
C ALA B 389 14.51 -8.39 0.19
N ASN B 390 13.81 -8.80 -0.86
CA ASN B 390 12.86 -7.89 -1.50
C ASN B 390 11.78 -7.44 -0.52
N LEU B 391 11.45 -8.27 0.46
CA LEU B 391 10.40 -7.92 1.41
C LEU B 391 10.86 -6.87 2.40
N PHE B 392 12.16 -6.76 2.65
CA PHE B 392 12.68 -5.88 3.69
C PHE B 392 13.42 -4.66 3.15
N ALA B 393 13.70 -4.59 1.85
CA ALA B 393 14.29 -3.38 1.31
C ALA B 393 13.54 -2.10 1.71
N PRO B 394 12.22 -2.02 1.58
CA PRO B 394 11.52 -0.79 1.98
C PRO B 394 11.65 -0.47 3.46
N LEU B 395 11.89 -1.46 4.33
CA LEU B 395 12.11 -1.14 5.74
C LEU B 395 13.44 -0.45 5.95
N PHE B 396 14.49 -0.87 5.23
CA PHE B 396 15.75 -0.14 5.28
C PHE B 396 15.56 1.27 4.79
N ASP B 397 14.80 1.44 3.69
CA ASP B 397 14.51 2.79 3.22
C ASP B 397 13.80 3.60 4.30
N HIS B 398 12.84 2.98 4.99
CA HIS B 398 12.09 3.68 6.03
C HIS B 398 13.01 4.15 7.15
N VAL B 399 13.90 3.28 7.61
CA VAL B 399 14.81 3.65 8.69
C VAL B 399 15.69 4.82 8.27
N VAL B 400 16.25 4.73 7.06
CA VAL B 400 17.16 5.77 6.59
C VAL B 400 16.41 7.10 6.48
N VAL B 401 15.21 7.08 5.89
CA VAL B 401 14.49 8.33 5.69
C VAL B 401 14.02 8.91 7.02
N GLU B 402 13.73 8.06 8.01
CA GLU B 402 13.37 8.59 9.31
C GLU B 402 14.55 9.28 9.99
N ARG B 403 15.75 8.71 9.87
CA ARG B 403 16.92 9.42 10.37
C ARG B 403 17.11 10.76 9.64
N ASN B 404 16.89 10.77 8.32
CA ASN B 404 16.99 12.02 7.57
C ASN B 404 15.98 13.05 8.07
N ILE B 405 14.75 12.61 8.35
CA ILE B 405 13.73 13.53 8.86
C ILE B 405 14.13 14.07 10.23
N LYS B 406 14.72 13.23 11.08
CA LYS B 406 15.23 13.72 12.35
C LYS B 406 16.24 14.84 12.12
N ARG B 407 17.22 14.60 11.26
CA ARG B 407 18.21 15.64 10.96
C ARG B 407 17.54 16.92 10.49
N ARG B 408 16.55 16.79 9.60
CA ARG B 408 15.88 17.97 9.08
C ARG B 408 15.19 18.75 10.19
N LEU B 409 14.45 18.05 11.05
CA LEU B 409 13.76 18.74 12.13
C LEU B 409 14.74 19.37 13.10
N ALA B 410 15.97 18.90 13.14
CA ALA B 410 17.01 19.56 13.93
C ALA B 410 17.61 20.77 13.23
N ARG B 411 17.07 21.16 12.07
CA ARG B 411 17.60 22.28 11.28
C ARG B 411 19.05 22.04 10.87
N TYR B 412 19.32 20.86 10.33
CA TYR B 412 20.61 20.56 9.72
C TYR B 412 20.43 19.73 8.45
N GLY B 413 19.32 19.92 7.76
CA GLY B 413 19.02 19.13 6.57
C GLY B 413 17.75 19.57 5.90
N ASP C 6 -24.25 -1.27 36.66
CA ASP C 6 -25.32 -1.62 37.64
C ASP C 6 -24.74 -2.45 38.79
N SER C 7 -25.61 -3.09 39.57
CA SER C 7 -25.19 -3.71 40.82
C SER C 7 -24.22 -4.86 40.57
N ILE C 8 -23.15 -4.88 41.38
CA ILE C 8 -22.25 -6.02 41.38
C ILE C 8 -22.99 -7.27 41.80
N LYS C 9 -24.04 -7.13 42.62
CA LYS C 9 -24.85 -8.28 42.99
C LYS C 9 -25.48 -8.91 41.75
N LYS C 10 -26.10 -8.09 40.90
CA LYS C 10 -26.70 -8.60 39.67
C LYS C 10 -25.63 -9.19 38.76
N THR C 11 -24.48 -8.51 38.65
CA THR C 11 -23.39 -9.03 37.82
C THR C 11 -23.01 -10.44 38.26
N LEU C 12 -22.75 -10.60 39.56
CA LEU C 12 -22.34 -11.90 40.08
C LEU C 12 -23.42 -12.96 39.86
N PHE C 13 -24.68 -12.60 40.13
CA PHE C 13 -25.76 -13.56 39.93
C PHE C 13 -25.82 -14.04 38.49
N VAL C 14 -25.79 -13.09 37.54
CA VAL C 14 -25.90 -13.47 36.14
C VAL C 14 -24.72 -14.36 35.73
N VAL C 15 -23.50 -13.95 36.06
CA VAL C 15 -22.35 -14.75 35.64
C VAL C 15 -22.38 -16.12 36.28
N ILE C 16 -22.77 -16.22 37.55
CA ILE C 16 -22.76 -17.52 38.23
C ILE C 16 -23.80 -18.44 37.60
N ALA C 17 -25.01 -17.94 37.35
CA ALA C 17 -26.03 -18.79 36.75
C ALA C 17 -25.62 -19.26 35.36
N LEU C 18 -25.11 -18.33 34.53
CA LEU C 18 -24.67 -18.72 33.19
C LEU C 18 -23.56 -19.75 33.26
N SER C 19 -22.60 -19.55 34.16
CA SER C 19 -21.51 -20.52 34.32
C SER C 19 -22.04 -21.88 34.74
N LEU C 20 -23.01 -21.91 35.66
CA LEU C 20 -23.56 -23.19 36.07
C LEU C 20 -24.16 -23.93 34.89
N VAL C 21 -25.01 -23.26 34.10
CA VAL C 21 -25.64 -23.95 32.98
C VAL C 21 -24.61 -24.42 31.98
N CYS C 22 -23.71 -23.51 31.57
CA CYS C 22 -22.72 -23.86 30.55
C CYS C 22 -21.83 -25.00 31.02
N SER C 23 -21.37 -24.93 32.27
CA SER C 23 -20.50 -25.96 32.82
C SER C 23 -21.19 -27.30 32.92
N ILE C 24 -22.46 -27.33 33.35
CA ILE C 24 -23.16 -28.59 33.40
C ILE C 24 -23.20 -29.23 32.02
N ILE C 25 -23.59 -28.45 31.01
CA ILE C 25 -23.69 -29.02 29.66
C ILE C 25 -22.31 -29.51 29.19
N VAL C 26 -21.29 -28.67 29.38
CA VAL C 26 -19.96 -29.00 28.85
C VAL C 26 -19.41 -30.25 29.51
N SER C 27 -19.48 -30.32 30.85
CA SER C 27 -18.95 -31.47 31.56
C SER C 27 -19.72 -32.75 31.22
N ALA C 28 -21.04 -32.68 31.14
CA ALA C 28 -21.80 -33.86 30.77
C ALA C 28 -21.40 -34.36 29.39
N ALA C 29 -21.31 -33.44 28.41
CA ALA C 29 -20.93 -33.85 27.07
C ALA C 29 -19.53 -34.43 27.04
N ALA C 30 -18.59 -33.82 27.76
CA ALA C 30 -17.21 -34.27 27.72
C ALA C 30 -17.05 -35.63 28.39
N VAL C 31 -17.80 -35.91 29.45
CA VAL C 31 -17.65 -37.17 30.15
C VAL C 31 -18.46 -38.28 29.48
N GLY C 32 -19.49 -37.93 28.70
CA GLY C 32 -20.33 -38.94 28.10
C GLY C 32 -19.74 -39.61 26.87
N LEU C 33 -18.71 -39.03 26.26
CA LEU C 33 -18.21 -39.49 24.97
C LEU C 33 -16.77 -40.00 25.03
N ARG C 34 -16.17 -40.05 26.23
CA ARG C 34 -14.77 -40.45 26.34
C ARG C 34 -14.55 -41.86 25.82
N ASP C 35 -15.46 -42.78 26.17
CA ASP C 35 -15.29 -44.17 25.75
C ASP C 35 -15.30 -44.30 24.24
N LYS C 36 -16.23 -43.62 23.59
CA LYS C 36 -16.30 -43.68 22.12
C LYS C 36 -15.05 -43.05 21.49
N GLN C 37 -14.58 -41.95 22.04
CA GLN C 37 -13.37 -41.34 21.51
C GLN C 37 -12.17 -42.28 21.62
N LYS C 38 -12.04 -42.95 22.78
CA LYS C 38 -10.94 -43.89 22.96
C LYS C 38 -11.08 -45.08 22.01
N GLU C 39 -12.31 -45.55 21.81
CA GLU C 39 -12.52 -46.64 20.86
C GLU C 39 -12.10 -46.25 19.46
N ASN C 40 -12.45 -45.03 19.03
CA ASN C 40 -12.02 -44.55 17.73
C ASN C 40 -10.50 -44.54 17.62
N ALA C 41 -9.84 -44.00 18.66
CA ALA C 41 -8.38 -43.92 18.63
C ALA C 41 -7.76 -45.30 18.52
N ALA C 42 -8.27 -46.27 19.27
CA ALA C 42 -7.71 -47.63 19.23
C ALA C 42 -7.96 -48.29 17.89
N LEU C 43 -9.17 -48.15 17.35
CA LEU C 43 -9.50 -48.79 16.09
C LEU C 43 -8.65 -48.24 14.95
N ASP C 44 -8.29 -46.96 15.01
CA ASP C 44 -7.44 -46.39 13.97
C ASP C 44 -6.13 -47.17 13.86
N LYS C 45 -5.52 -47.48 15.01
CA LYS C 45 -4.26 -48.23 15.00
C LYS C 45 -4.49 -49.68 14.61
N GLN C 46 -5.57 -50.29 15.13
CA GLN C 46 -5.83 -51.69 14.83
C GLN C 46 -6.01 -51.90 13.33
N SER C 47 -6.62 -50.95 12.63
CA SER C 47 -6.78 -51.10 11.20
C SER C 47 -5.43 -51.19 10.49
N LYS C 48 -4.48 -50.31 10.84
CA LYS C 48 -3.16 -50.37 10.22
C LYS C 48 -2.46 -51.69 10.54
N ILE C 49 -2.55 -52.14 11.79
CA ILE C 49 -1.87 -53.39 12.14
C ILE C 49 -2.46 -54.56 11.35
N LEU C 50 -3.80 -54.62 11.24
CA LEU C 50 -4.40 -55.67 10.43
C LEU C 50 -3.98 -55.56 8.98
N GLN C 51 -3.92 -54.34 8.45
CA GLN C 51 -3.51 -54.16 7.06
C GLN C 51 -2.12 -54.74 6.83
N VAL C 52 -1.15 -54.36 7.67
CA VAL C 52 0.21 -54.85 7.46
C VAL C 52 0.32 -56.33 7.76
N ALA C 53 -0.59 -56.88 8.56
CA ALA C 53 -0.55 -58.30 8.86
C ALA C 53 -1.03 -59.17 7.71
N GLY C 54 -1.56 -58.57 6.65
CA GLY C 54 -2.09 -59.33 5.54
C GLY C 54 -3.50 -59.86 5.75
N ILE C 55 -4.33 -59.13 6.51
CA ILE C 55 -5.69 -59.54 6.81
C ILE C 55 -6.62 -58.43 6.33
N GLU C 56 -7.67 -58.80 5.61
CA GLU C 56 -8.63 -57.84 5.08
C GLU C 56 -9.80 -57.70 6.04
N ALA C 57 -10.14 -56.46 6.37
CA ALA C 57 -11.23 -56.16 7.29
C ALA C 57 -11.96 -54.92 6.83
N LYS C 58 -13.29 -55.00 6.77
CA LYS C 58 -14.14 -53.88 6.38
C LYS C 58 -15.02 -53.51 7.57
N GLY C 59 -14.95 -52.25 7.99
CA GLY C 59 -15.80 -51.75 9.04
C GLY C 59 -15.23 -51.91 10.43
N SER C 60 -15.70 -51.08 11.36
CA SER C 60 -15.19 -51.10 12.72
C SER C 60 -15.47 -52.42 13.41
N LYS C 61 -16.68 -52.96 13.23
CA LYS C 61 -17.03 -54.21 13.88
C LYS C 61 -16.11 -55.33 13.44
N GLN C 62 -15.89 -55.46 12.12
CA GLN C 62 -15.01 -56.50 11.62
C GLN C 62 -13.56 -56.28 12.04
N ILE C 63 -13.11 -55.01 12.06
CA ILE C 63 -11.76 -54.74 12.52
C ILE C 63 -11.58 -55.22 13.94
N VAL C 64 -12.51 -54.87 14.83
CA VAL C 64 -12.42 -55.31 16.22
C VAL C 64 -12.43 -56.82 16.31
N GLU C 65 -13.38 -57.46 15.60
CA GLU C 65 -13.51 -58.91 15.69
C GLU C 65 -12.23 -59.61 15.26
N LEU C 66 -11.65 -59.19 14.13
CA LEU C 66 -10.47 -59.86 13.62
C LEU C 66 -9.23 -59.54 14.47
N PHE C 67 -9.08 -58.29 14.91
CA PHE C 67 -7.91 -57.94 15.70
C PHE C 67 -7.90 -58.68 17.03
N ASN C 68 -9.07 -58.84 17.65
CA ASN C 68 -9.10 -59.49 18.95
C ASN C 68 -8.64 -60.95 18.88
N LYS C 69 -9.01 -61.65 17.80
CA LYS C 69 -8.76 -63.08 17.71
C LYS C 69 -7.53 -63.45 16.91
N SER C 70 -6.96 -62.51 16.14
CA SER C 70 -5.85 -62.83 15.26
C SER C 70 -4.53 -62.20 15.69
N ILE C 71 -4.54 -61.25 16.61
CA ILE C 71 -3.34 -60.53 17.03
C ILE C 71 -3.20 -60.64 18.54
N GLU C 72 -1.96 -60.74 19.01
CA GLU C 72 -1.65 -60.77 20.44
C GLU C 72 -0.53 -59.80 20.74
N PRO C 73 -0.81 -58.58 21.22
CA PRO C 73 0.28 -57.67 21.55
C PRO C 73 1.16 -58.23 22.67
N ARG C 74 2.43 -57.85 22.63
CA ARG C 74 3.42 -58.33 23.59
C ARG C 74 4.41 -57.22 23.88
N LEU C 75 5.12 -57.35 24.99
CA LEU C 75 6.17 -56.41 25.38
C LEU C 75 7.51 -57.13 25.35
N VAL C 76 8.54 -56.42 24.87
CA VAL C 76 9.87 -56.99 24.69
C VAL C 76 10.89 -56.03 25.27
N ASP C 77 11.90 -56.58 25.94
CA ASP C 77 13.02 -55.79 26.45
C ASP C 77 14.13 -55.79 25.41
N PHE C 78 14.48 -54.61 24.91
CA PHE C 78 15.47 -54.51 23.84
C PHE C 78 16.83 -55.07 24.28
N ASN C 79 17.25 -54.77 25.51
CA ASN C 79 18.59 -55.14 25.94
C ASN C 79 18.81 -56.65 25.92
N THR C 80 17.81 -57.43 26.34
CA THR C 80 17.96 -58.87 26.42
C THR C 80 17.12 -59.65 25.42
N GLY C 81 16.18 -58.99 24.74
CA GLY C 81 15.37 -59.67 23.75
C GLY C 81 14.37 -60.64 24.28
N ASP C 82 14.07 -60.60 25.58
CA ASP C 82 13.11 -61.50 26.19
C ASP C 82 11.79 -60.78 26.44
N PHE C 83 10.71 -61.54 26.46
CA PHE C 83 9.40 -60.97 26.72
C PHE C 83 9.31 -60.46 28.15
N VAL C 84 8.38 -59.52 28.37
CA VAL C 84 8.26 -58.83 29.64
C VAL C 84 6.79 -58.83 30.07
N GLU C 85 6.58 -58.76 31.37
CA GLU C 85 5.23 -58.67 31.92
C GLU C 85 4.69 -57.26 31.79
N GLY C 86 3.39 -57.15 31.58
CA GLY C 86 2.73 -55.87 31.49
C GLY C 86 1.53 -55.92 30.57
N ASP C 87 0.75 -54.84 30.59
CA ASP C 87 -0.43 -54.70 29.75
C ASP C 87 0.01 -54.13 28.40
N ALA C 88 0.31 -55.04 27.46
CA ALA C 88 0.77 -54.61 26.15
C ALA C 88 -0.32 -53.89 25.36
N ALA C 89 -1.59 -54.19 25.63
CA ALA C 89 -2.68 -53.62 24.85
C ALA C 89 -2.90 -52.14 25.12
N ASN C 90 -2.32 -51.58 26.17
CA ASN C 90 -2.47 -50.17 26.49
C ASN C 90 -1.12 -49.47 26.68
N TYR C 91 -0.03 -50.09 26.26
CA TYR C 91 1.29 -49.49 26.40
C TYR C 91 1.47 -48.37 25.39
N ASP C 92 2.17 -47.31 25.80
CA ASP C 92 2.42 -46.13 24.96
C ASP C 92 3.94 -45.93 24.88
N GLN C 93 4.56 -46.60 23.92
CA GLN C 93 6.00 -46.47 23.73
C GLN C 93 6.39 -45.03 23.41
N ARG C 94 5.56 -44.33 22.65
CA ARG C 94 5.92 -42.99 22.20
C ARG C 94 6.11 -42.05 23.38
N LYS C 95 5.21 -42.08 24.36
CA LYS C 95 5.39 -41.27 25.56
C LYS C 95 6.42 -41.88 26.49
N ALA C 96 6.47 -43.21 26.57
CA ALA C 96 7.45 -43.86 27.43
C ALA C 96 8.88 -43.54 27.02
N ALA C 97 9.10 -43.14 25.77
CA ALA C 97 10.43 -42.78 25.31
C ALA C 97 10.87 -41.42 25.84
N LYS C 98 9.95 -40.62 26.35
CA LYS C 98 10.27 -39.28 26.83
C LYS C 98 10.52 -39.24 28.32
N GLU C 99 9.92 -40.15 29.09
CA GLU C 99 10.16 -40.19 30.53
C GLU C 99 11.59 -40.62 30.81
N ALA C 100 12.19 -40.03 31.84
CA ALA C 100 13.59 -40.28 32.14
C ALA C 100 13.82 -41.72 32.60
N SER C 101 12.95 -42.25 33.45
CA SER C 101 13.18 -43.57 34.03
C SER C 101 12.81 -44.70 33.07
N GLU C 102 12.03 -44.41 32.04
CA GLU C 102 11.55 -45.44 31.13
C GLU C 102 12.32 -45.47 29.81
N SER C 103 13.38 -44.68 29.67
CA SER C 103 14.11 -44.61 28.42
C SER C 103 15.57 -44.32 28.70
N ILE C 104 16.37 -44.31 27.64
CA ILE C 104 17.80 -44.03 27.71
C ILE C 104 18.14 -42.98 26.67
N LYS C 105 19.16 -42.17 26.96
CA LYS C 105 19.67 -41.23 25.98
C LYS C 105 20.74 -41.92 25.13
N LEU C 106 20.53 -41.92 23.82
CA LEU C 106 21.45 -42.59 22.92
C LEU C 106 22.70 -41.76 22.70
N THR C 107 23.73 -42.40 22.15
CA THR C 107 24.99 -41.72 21.89
C THR C 107 25.05 -41.29 20.43
N ALA C 108 25.85 -40.24 20.17
CA ALA C 108 25.93 -39.70 18.82
C ALA C 108 26.32 -40.78 17.81
N GLU C 109 27.12 -41.76 18.23
CA GLU C 109 27.48 -42.85 17.34
C GLU C 109 26.34 -43.84 17.22
N GLN C 110 25.62 -44.09 18.32
CA GLN C 110 24.53 -45.07 18.29
C GLN C 110 23.28 -44.49 17.62
N ASP C 111 23.05 -43.18 17.74
CA ASP C 111 21.85 -42.57 17.19
C ASP C 111 21.95 -42.45 15.68
N LYS C 112 21.95 -43.59 14.99
CA LYS C 112 22.08 -43.58 13.54
C LYS C 112 20.79 -43.10 12.88
N ALA C 113 19.64 -43.37 13.50
CA ALA C 113 18.36 -42.91 12.97
C ALA C 113 17.97 -41.53 13.49
N LYS C 114 18.81 -40.90 14.31
CA LYS C 114 18.56 -39.55 14.82
C LYS C 114 17.25 -39.48 15.61
N ILE C 115 16.97 -40.51 16.43
CA ILE C 115 15.78 -40.51 17.26
C ILE C 115 16.02 -39.95 18.66
N GLN C 116 17.29 -39.89 19.08
CA GLN C 116 17.72 -39.18 20.29
C GLN C 116 17.36 -39.90 21.57
N ARG C 117 16.55 -40.95 21.50
CA ARG C 117 16.15 -41.70 22.69
C ARG C 117 15.53 -43.03 22.27
N ARG C 118 15.56 -43.99 23.18
CA ARG C 118 14.95 -45.30 22.98
C ARG C 118 14.29 -45.75 24.28
N ALA C 119 13.06 -46.23 24.18
CA ALA C 119 12.37 -46.74 25.35
C ALA C 119 12.99 -48.06 25.80
N ASN C 120 12.83 -48.36 27.09
CA ASN C 120 13.41 -49.58 27.65
C ASN C 120 12.74 -50.82 27.08
N VAL C 121 11.41 -50.81 26.96
CA VAL C 121 10.66 -51.95 26.46
C VAL C 121 9.77 -51.47 25.31
N GLY C 122 9.71 -52.27 24.26
CA GLY C 122 8.92 -51.97 23.08
C GLY C 122 7.81 -52.98 22.91
N VAL C 123 6.76 -52.57 22.20
CA VAL C 123 5.60 -53.44 21.99
C VAL C 123 5.71 -54.08 20.61
N VAL C 124 5.40 -55.37 20.54
CA VAL C 124 5.37 -56.11 19.29
C VAL C 124 4.05 -56.86 19.21
N TYR C 125 3.63 -57.17 17.99
CA TYR C 125 2.33 -57.79 17.73
C TYR C 125 2.57 -59.14 17.07
N LEU C 126 2.07 -60.20 17.70
CA LEU C 126 2.19 -61.55 17.15
C LEU C 126 0.94 -61.90 16.37
N VAL C 127 1.15 -62.42 15.16
CA VAL C 127 0.04 -62.82 14.28
C VAL C 127 -0.21 -64.30 14.48
N LYS C 128 -1.47 -64.66 14.67
CA LYS C 128 -1.86 -66.03 14.96
C LYS C 128 -2.41 -66.74 13.73
N ASP C 129 -2.20 -68.05 13.69
CA ASP C 129 -2.78 -68.95 12.71
C ASP C 129 -3.23 -70.18 13.50
N GLY C 130 -4.49 -70.16 13.91
CA GLY C 130 -4.95 -71.11 14.92
C GLY C 130 -4.26 -70.81 16.23
N ASP C 131 -3.61 -71.83 16.81
CA ASP C 131 -2.80 -71.61 17.99
C ASP C 131 -1.35 -71.29 17.62
N LYS C 132 -1.00 -71.47 16.36
CA LYS C 132 0.37 -71.29 15.91
C LYS C 132 0.64 -69.81 15.62
N THR C 133 1.89 -69.39 15.79
CA THR C 133 2.31 -68.03 15.50
C THR C 133 2.98 -67.99 14.12
N SER C 134 2.42 -67.18 13.23
CA SER C 134 2.89 -67.12 11.85
C SER C 134 3.80 -65.95 11.55
N LYS C 135 3.61 -64.80 12.20
CA LYS C 135 4.42 -63.63 11.92
C LYS C 135 4.55 -62.80 13.19
N VAL C 136 5.52 -61.89 13.18
CA VAL C 136 5.70 -60.89 14.23
C VAL C 136 5.87 -59.54 13.55
N ILE C 137 5.17 -58.53 14.06
CA ILE C 137 5.16 -57.19 13.48
C ILE C 137 5.98 -56.27 14.38
N LEU C 138 6.99 -55.63 13.80
CA LEU C 138 7.92 -54.80 14.54
C LEU C 138 7.68 -53.34 14.21
N PRO C 139 7.35 -52.48 15.18
CA PRO C 139 7.24 -51.04 14.89
C PRO C 139 8.61 -50.38 14.88
N VAL C 140 8.90 -49.65 13.80
CA VAL C 140 10.18 -48.96 13.64
C VAL C 140 9.89 -47.52 13.25
N HIS C 141 10.85 -46.64 13.50
CA HIS C 141 10.71 -45.25 13.14
C HIS C 141 12.09 -44.61 13.01
N GLY C 142 12.13 -43.49 12.31
CA GLY C 142 13.37 -42.77 12.09
C GLY C 142 13.10 -41.42 11.49
N ASN C 143 14.15 -40.61 11.42
CA ASN C 143 14.04 -39.25 10.89
C ASN C 143 14.19 -39.24 9.38
N GLY C 144 13.32 -38.50 8.71
CA GLY C 144 13.44 -38.22 7.30
C GLY C 144 14.06 -36.86 7.06
N LEU C 145 13.68 -36.24 5.95
CA LEU C 145 14.17 -34.89 5.67
C LEU C 145 13.30 -33.82 6.33
N TRP C 146 12.00 -34.07 6.47
CA TRP C 146 11.08 -33.08 7.04
C TRP C 146 10.47 -33.51 8.37
N SER C 147 10.30 -34.80 8.62
CA SER C 147 9.55 -35.25 9.77
C SER C 147 10.06 -36.59 10.24
N MET C 148 9.49 -37.07 11.34
CA MET C 148 9.76 -38.41 11.84
C MET C 148 8.78 -39.39 11.19
N MET C 149 9.32 -40.48 10.66
CA MET C 149 8.54 -41.46 9.91
C MET C 149 8.42 -42.75 10.72
N TYR C 150 7.18 -43.24 10.85
CA TYR C 150 6.88 -44.46 11.59
C TYR C 150 6.33 -45.51 10.63
N ALA C 151 6.67 -46.76 10.87
CA ALA C 151 6.25 -47.86 10.00
C ALA C 151 6.12 -49.15 10.80
N PHE C 152 5.34 -50.08 10.24
CA PHE C 152 5.27 -51.45 10.70
C PHE C 152 5.90 -52.36 9.66
N VAL C 153 6.72 -53.30 10.12
CA VAL C 153 7.34 -54.29 9.24
C VAL C 153 6.98 -55.68 9.77
N ALA C 154 6.40 -56.50 8.90
CA ALA C 154 5.99 -57.86 9.27
C ALA C 154 7.11 -58.83 8.91
N VAL C 155 7.53 -59.63 9.87
CA VAL C 155 8.64 -60.57 9.71
C VAL C 155 8.14 -61.97 10.02
N GLU C 156 8.59 -62.94 9.23
CA GLU C 156 8.21 -64.33 9.44
C GLU C 156 8.87 -64.85 10.72
N THR C 157 8.65 -66.14 11.00
CA THR C 157 9.08 -66.71 12.27
C THR C 157 10.51 -67.24 12.17
N ASP C 158 11.13 -67.12 11.00
CA ASP C 158 12.56 -67.38 10.87
C ASP C 158 13.41 -66.17 11.23
N GLY C 159 12.80 -65.02 11.44
CA GLY C 159 13.53 -63.85 11.88
C GLY C 159 14.35 -63.19 10.81
N ASN C 160 14.14 -63.55 9.55
CA ASN C 160 14.96 -63.03 8.46
C ASN C 160 14.15 -62.47 7.30
N THR C 161 12.95 -63.01 7.07
CA THR C 161 12.21 -62.74 5.84
C THR C 161 11.08 -61.76 6.11
N VAL C 162 10.98 -60.75 5.25
CA VAL C 162 9.96 -59.71 5.39
C VAL C 162 8.70 -60.15 4.64
N SER C 163 7.54 -60.01 5.30
CA SER C 163 6.28 -60.34 4.65
C SER C 163 5.58 -59.10 4.10
N GLY C 164 5.87 -57.93 4.65
CA GLY C 164 5.25 -56.70 4.18
C GLY C 164 5.74 -55.50 4.97
N LEU C 165 5.42 -54.30 4.49
CA LEU C 165 5.84 -53.08 5.15
C LEU C 165 4.92 -51.94 4.76
N THR C 166 4.54 -51.13 5.74
CA THR C 166 3.70 -49.97 5.51
C THR C 166 4.16 -48.82 6.41
N TYR C 167 4.26 -47.63 5.82
CA TYR C 167 4.52 -46.41 6.57
C TYR C 167 3.17 -45.77 6.92
N TYR C 168 2.85 -45.70 8.20
CA TYR C 168 1.55 -45.21 8.62
C TYR C 168 1.58 -43.78 9.13
N GLU C 169 2.75 -43.14 9.18
CA GLU C 169 2.83 -41.74 9.61
C GLU C 169 4.13 -41.15 9.08
N GLN C 170 4.01 -40.19 8.18
CA GLN C 170 5.18 -39.48 7.64
C GLN C 170 4.71 -38.14 7.09
N GLY C 171 5.66 -37.23 6.92
CA GLY C 171 5.34 -35.89 6.51
C GLY C 171 6.24 -35.36 5.41
N GLU C 172 6.69 -36.25 4.53
CA GLU C 172 7.55 -35.83 3.43
C GLU C 172 6.72 -35.24 2.30
N THR C 173 7.42 -34.72 1.29
CA THR C 173 6.73 -34.09 0.17
C THR C 173 5.99 -35.14 -0.66
N PRO C 174 4.72 -34.90 -1.00
CA PRO C 174 3.96 -35.96 -1.68
C PRO C 174 4.62 -36.50 -2.94
N GLY C 175 5.28 -35.64 -3.71
CA GLY C 175 5.90 -36.09 -4.94
C GLY C 175 7.23 -36.78 -4.78
N LEU C 176 8.08 -36.32 -3.87
CA LEU C 176 9.43 -36.86 -3.76
C LEU C 176 9.55 -37.86 -2.62
N GLY C 177 9.25 -37.42 -1.39
CA GLY C 177 9.48 -38.27 -0.23
C GLY C 177 8.24 -39.02 0.20
N GLY C 178 7.06 -38.54 -0.18
CA GLY C 178 5.84 -39.22 0.20
C GLY C 178 5.61 -40.54 -0.50
N GLU C 179 6.48 -40.90 -1.44
CA GLU C 179 6.33 -42.14 -2.19
C GLU C 179 6.67 -43.37 -1.37
N VAL C 180 7.10 -43.21 -0.11
CA VAL C 180 7.25 -44.37 0.76
C VAL C 180 5.90 -45.04 0.98
N GLU C 181 4.81 -44.30 0.78
CA GLU C 181 3.47 -44.84 0.91
C GLU C 181 2.92 -45.44 -0.37
N ASN C 182 3.71 -45.45 -1.44
CA ASN C 182 3.23 -45.99 -2.70
C ASN C 182 3.08 -47.51 -2.60
N PRO C 183 1.92 -48.06 -2.93
CA PRO C 183 1.78 -49.54 -2.88
C PRO C 183 2.79 -50.27 -3.75
N ALA C 184 3.11 -49.72 -4.93
CA ALA C 184 4.09 -50.36 -5.80
C ALA C 184 5.46 -50.43 -5.16
N TRP C 185 5.86 -49.38 -4.45
CA TRP C 185 7.16 -49.40 -3.77
C TRP C 185 7.12 -50.30 -2.53
N ARG C 186 5.98 -50.34 -1.85
CA ARG C 186 5.86 -51.19 -0.68
C ARG C 186 5.90 -52.67 -1.07
N ALA C 187 5.40 -52.99 -2.26
CA ALA C 187 5.36 -54.39 -2.68
C ALA C 187 6.75 -54.97 -2.87
N GLN C 188 7.75 -54.13 -3.15
CA GLN C 188 9.10 -54.62 -3.39
C GLN C 188 9.69 -55.29 -2.16
N TRP C 189 9.22 -54.95 -0.97
CA TRP C 189 9.82 -55.45 0.27
C TRP C 189 9.52 -56.92 0.53
N VAL C 190 8.41 -57.44 0.01
CA VAL C 190 8.01 -58.81 0.34
C VAL C 190 9.06 -59.78 -0.18
N GLY C 191 9.46 -60.72 0.68
CA GLY C 191 10.42 -61.73 0.32
C GLY C 191 11.86 -61.37 0.58
N LYS C 192 12.15 -60.13 0.94
CA LYS C 192 13.53 -59.71 1.19
C LYS C 192 14.02 -60.26 2.52
N LYS C 193 15.33 -60.40 2.63
CA LYS C 193 15.98 -60.92 3.84
C LYS C 193 16.59 -59.77 4.61
N LEU C 194 16.33 -59.74 5.93
CA LEU C 194 16.86 -58.65 6.75
C LEU C 194 18.34 -58.85 7.07
N PHE C 195 18.80 -60.09 7.16
CA PHE C 195 20.16 -60.40 7.59
C PHE C 195 20.85 -61.28 6.55
N ASP C 196 22.18 -61.14 6.50
CA ASP C 196 22.99 -62.00 5.64
C ASP C 196 23.15 -63.37 6.30
N GLU C 197 23.95 -64.22 5.66
CA GLU C 197 24.17 -65.56 6.18
C GLU C 197 25.02 -65.58 7.45
N ASN C 198 25.68 -64.48 7.79
CA ASN C 198 26.43 -64.37 9.04
C ASN C 198 25.70 -63.52 10.07
N HIS C 199 24.42 -63.23 9.84
CA HIS C 199 23.55 -62.59 10.83
C HIS C 199 23.95 -61.13 11.08
N LYS C 200 24.39 -60.44 10.04
CA LYS C 200 24.56 -58.99 10.13
C LYS C 200 23.49 -58.29 9.30
N PRO C 201 23.06 -57.09 9.69
CA PRO C 201 22.04 -56.40 8.89
C PRO C 201 22.48 -56.24 7.45
N ALA C 202 21.55 -56.45 6.52
CA ALA C 202 21.87 -56.47 5.10
C ALA C 202 20.87 -55.74 4.22
N ILE C 203 19.88 -55.06 4.79
CA ILE C 203 18.94 -54.31 3.96
C ILE C 203 19.63 -53.09 3.40
N LYS C 204 19.54 -52.90 2.09
CA LYS C 204 20.16 -51.79 1.39
C LYS C 204 19.13 -51.08 0.53
N ILE C 205 19.04 -49.76 0.67
CA ILE C 205 18.28 -48.94 -0.26
C ILE C 205 19.20 -48.52 -1.38
N VAL C 206 18.91 -48.97 -2.60
CA VAL C 206 19.82 -48.86 -3.72
C VAL C 206 19.41 -47.66 -4.56
N LYS C 207 20.37 -46.76 -4.80
CA LYS C 207 20.13 -45.63 -5.70
C LYS C 207 20.09 -46.11 -7.14
N GLY C 208 19.12 -45.62 -7.90
CA GLY C 208 18.99 -45.98 -9.29
C GLY C 208 18.29 -47.29 -9.55
N GLY C 209 17.81 -47.97 -8.52
CA GLY C 209 17.13 -49.24 -8.68
C GLY C 209 17.99 -50.41 -8.23
N ALA C 210 17.36 -51.34 -7.52
CA ALA C 210 18.08 -52.49 -7.01
C ALA C 210 18.35 -53.51 -8.12
N PRO C 211 19.40 -54.31 -8.01
CA PRO C 211 19.63 -55.35 -9.01
C PRO C 211 18.43 -56.30 -9.10
N GLN C 212 18.13 -56.72 -10.33
CA GLN C 212 16.98 -57.59 -10.54
C GLN C 212 17.21 -58.93 -9.86
N GLY C 213 16.20 -59.42 -9.15
CA GLY C 213 16.25 -60.72 -8.52
C GLY C 213 17.02 -60.78 -7.22
N SER C 214 17.49 -59.64 -6.70
CA SER C 214 18.21 -59.65 -5.44
C SER C 214 17.26 -59.89 -4.28
N GLU C 215 17.82 -60.22 -3.12
CA GLU C 215 17.06 -60.48 -1.91
C GLU C 215 17.50 -59.63 -0.73
N HIS C 216 18.31 -58.60 -0.96
CA HIS C 216 18.72 -57.68 0.09
C HIS C 216 18.50 -56.22 -0.24
N GLY C 217 18.24 -55.88 -1.50
CA GLY C 217 18.14 -54.50 -1.93
C GLY C 217 16.77 -54.14 -2.46
N VAL C 218 16.38 -52.88 -2.25
CA VAL C 218 15.14 -52.33 -2.77
C VAL C 218 15.44 -50.99 -3.41
N ASP C 219 14.59 -50.60 -4.36
CA ASP C 219 14.81 -49.36 -5.08
C ASP C 219 14.72 -48.16 -4.15
N GLY C 220 15.60 -47.20 -4.36
CA GLY C 220 15.49 -45.94 -3.64
C GLY C 220 14.41 -45.04 -4.25
N LEU C 221 14.06 -44.00 -3.51
CA LEU C 221 13.06 -43.05 -3.97
C LEU C 221 13.68 -42.12 -5.01
N SER C 222 13.06 -42.01 -6.17
CA SER C 222 13.63 -41.25 -7.26
C SER C 222 13.72 -39.76 -6.90
N GLY C 223 14.92 -39.20 -7.00
CA GLY C 223 15.12 -37.81 -6.70
C GLY C 223 14.89 -37.45 -5.25
N ALA C 224 14.91 -38.43 -4.35
CA ALA C 224 14.63 -38.20 -2.95
C ALA C 224 15.63 -38.95 -2.08
N THR C 225 16.93 -38.76 -2.35
CA THR C 225 17.94 -39.49 -1.61
C THR C 225 17.95 -39.13 -0.13
N LEU C 226 17.57 -37.90 0.22
CA LEU C 226 17.60 -37.50 1.62
C LEU C 226 16.55 -38.24 2.44
N THR C 227 15.51 -38.76 1.80
CA THR C 227 14.55 -39.61 2.50
C THR C 227 14.95 -41.07 2.43
N SER C 228 15.56 -41.49 1.32
CA SER C 228 16.10 -42.83 1.23
C SER C 228 17.17 -43.06 2.28
N ASN C 229 17.99 -42.04 2.56
CA ASN C 229 18.98 -42.16 3.63
C ASN C 229 18.31 -42.38 4.97
N GLY C 230 17.23 -41.65 5.25
CA GLY C 230 16.51 -41.87 6.50
C GLY C 230 15.92 -43.26 6.60
N VAL C 231 15.34 -43.75 5.50
CA VAL C 231 14.78 -45.10 5.50
C VAL C 231 15.88 -46.12 5.76
N GLN C 232 17.05 -45.93 5.15
CA GLN C 232 18.16 -46.85 5.38
C GLN C 232 18.61 -46.79 6.83
N ASN C 233 18.69 -45.60 7.41
CA ASN C 233 19.15 -45.45 8.79
C ASN C 233 18.18 -46.09 9.76
N THR C 234 16.87 -45.98 9.50
CA THR C 234 15.89 -46.62 10.37
C THR C 234 16.23 -48.09 10.58
N PHE C 235 16.44 -48.82 9.49
CA PHE C 235 16.75 -50.24 9.61
C PHE C 235 18.17 -50.48 10.10
N ASP C 236 19.13 -49.65 9.73
CA ASP C 236 20.48 -49.78 10.27
C ASP C 236 20.45 -49.75 11.80
N PHE C 237 19.58 -48.92 12.38
CA PHE C 237 19.48 -48.85 13.83
C PHE C 237 18.63 -49.98 14.40
N TRP C 238 17.46 -50.22 13.83
CA TRP C 238 16.51 -51.13 14.47
C TRP C 238 16.83 -52.60 14.21
N LEU C 239 17.70 -52.91 13.26
CA LEU C 239 18.20 -54.27 13.12
C LEU C 239 19.50 -54.49 13.87
N GLY C 240 20.04 -53.47 14.53
CA GLY C 240 21.27 -53.58 15.25
C GLY C 240 21.07 -54.06 16.68
N ASP C 241 22.16 -54.01 17.44
CA ASP C 241 22.13 -54.49 18.83
C ASP C 241 21.28 -53.59 19.72
N MET C 242 21.17 -52.30 19.41
CA MET C 242 20.38 -51.38 20.22
C MET C 242 18.89 -51.47 19.93
N GLY C 243 18.49 -52.22 18.90
CA GLY C 243 17.09 -52.33 18.53
C GLY C 243 16.53 -53.72 18.74
N PHE C 244 16.01 -54.32 17.68
CA PHE C 244 15.38 -55.62 17.75
C PHE C 244 16.33 -56.78 17.44
N GLY C 245 17.65 -56.55 17.43
CA GLY C 245 18.58 -57.61 17.16
C GLY C 245 18.57 -58.71 18.20
N PRO C 246 18.66 -58.33 19.47
CA PRO C 246 18.61 -59.35 20.54
C PRO C 246 17.32 -60.14 20.55
N PHE C 247 16.20 -59.51 20.18
CA PHE C 247 14.93 -60.23 20.12
C PHE C 247 14.86 -61.11 18.89
N LEU C 248 15.43 -60.64 17.77
CA LEU C 248 15.36 -61.38 16.53
C LEU C 248 16.27 -62.59 16.54
N THR C 249 17.38 -62.57 17.30
CA THR C 249 18.15 -63.80 17.46
C THR C 249 17.33 -64.86 18.19
N LYS C 250 16.60 -64.47 19.24
CA LYS C 250 15.70 -65.41 19.91
C LYS C 250 14.64 -65.92 18.95
N VAL C 251 14.07 -65.04 18.15
CA VAL C 251 13.05 -65.46 17.18
C VAL C 251 13.63 -66.45 16.19
N ARG C 252 14.84 -66.16 15.69
CA ARG C 252 15.50 -67.06 14.76
C ARG C 252 15.76 -68.41 15.39
N ASP C 253 16.08 -68.44 16.68
CA ASP C 253 16.31 -69.69 17.39
C ASP C 253 15.03 -70.47 17.66
N GLY C 254 13.88 -70.05 17.11
CA GLY C 254 12.64 -70.74 17.33
C GLY C 254 11.94 -70.42 18.62
N GLY C 255 12.16 -69.23 19.18
CA GLY C 255 11.57 -68.86 20.45
C GLY C 255 10.13 -68.39 20.35
N LEU C 256 9.48 -68.70 19.24
CA LEU C 256 8.06 -68.36 19.06
C LEU C 256 7.21 -69.62 18.98
N LYS D 5 -39.76 -12.00 0.22
CA LYS D 5 -39.79 -12.78 1.49
C LYS D 5 -38.54 -12.46 2.29
N GLU D 6 -38.71 -11.67 3.36
CA GLU D 6 -37.57 -11.11 4.08
C GLU D 6 -36.59 -12.19 4.55
N LEU D 7 -37.07 -13.39 4.85
CA LEU D 7 -36.18 -14.43 5.36
C LEU D 7 -35.13 -14.81 4.32
N LYS D 8 -35.58 -15.10 3.09
CA LYS D 8 -34.64 -15.45 2.03
C LYS D 8 -33.82 -14.25 1.61
N LYS D 9 -34.37 -13.04 1.78
CA LYS D 9 -33.58 -11.84 1.55
C LYS D 9 -32.42 -11.75 2.52
N SER D 10 -32.65 -12.05 3.80
CA SER D 10 -31.63 -11.92 4.82
C SER D 10 -30.59 -13.04 4.75
N VAL D 11 -31.01 -14.28 4.50
CA VAL D 11 -30.03 -15.36 4.51
C VAL D 11 -29.04 -15.22 3.35
N LEU D 12 -29.49 -14.73 2.21
CA LEU D 12 -28.66 -14.72 1.01
C LEU D 12 -27.83 -13.47 0.83
N ALA D 13 -28.09 -12.40 1.58
CA ALA D 13 -27.31 -11.19 1.43
C ALA D 13 -25.82 -11.41 1.75
N PRO D 14 -25.44 -12.09 2.84
CA PRO D 14 -24.02 -12.25 3.13
C PRO D 14 -23.28 -13.19 2.20
N VAL D 15 -23.94 -13.72 1.17
CA VAL D 15 -23.25 -14.62 0.25
C VAL D 15 -22.44 -13.84 -0.77
N LEU D 16 -23.04 -12.82 -1.37
CA LEU D 16 -22.37 -12.00 -2.38
C LEU D 16 -22.44 -10.51 -2.13
N ASP D 17 -23.39 -10.02 -1.33
CA ASP D 17 -23.49 -8.58 -1.12
C ASP D 17 -22.65 -8.10 0.05
N ASN D 18 -22.55 -8.92 1.10
CA ASN D 18 -21.80 -8.55 2.30
C ASN D 18 -20.94 -9.72 2.76
N ASN D 19 -20.20 -10.30 1.84
CA ASN D 19 -19.49 -11.55 2.13
C ASN D 19 -18.51 -11.36 3.28
N PRO D 20 -18.53 -12.22 4.31
CA PRO D 20 -17.65 -12.00 5.47
C PRO D 20 -16.18 -11.92 5.12
N ILE D 21 -15.71 -12.70 4.16
CA ILE D 21 -14.29 -12.73 3.85
C ILE D 21 -13.95 -11.76 2.72
N ALA D 22 -14.85 -11.59 1.74
CA ALA D 22 -14.54 -10.81 0.56
C ALA D 22 -14.84 -9.32 0.72
N LEU D 23 -15.80 -8.94 1.55
CA LEU D 23 -16.08 -7.53 1.79
C LEU D 23 -15.69 -7.13 3.21
N GLN D 24 -16.23 -7.80 4.22
CA GLN D 24 -15.64 -7.73 5.55
C GLN D 24 -14.35 -8.54 5.56
N VAL D 25 -13.52 -8.31 6.57
CA VAL D 25 -12.31 -9.10 6.72
C VAL D 25 -12.41 -9.90 8.01
N LEU D 26 -12.97 -11.11 7.91
CA LEU D 26 -13.24 -11.95 9.07
C LEU D 26 -13.17 -13.41 8.66
N GLY D 27 -12.64 -14.24 9.55
CA GLY D 27 -12.54 -15.66 9.28
C GLY D 27 -11.58 -16.04 8.17
N VAL D 28 -10.40 -15.42 8.13
CA VAL D 28 -9.46 -15.68 7.05
C VAL D 28 -8.51 -16.83 7.40
N CYS D 29 -8.22 -17.00 8.69
CA CYS D 29 -7.24 -18.00 9.09
C CYS D 29 -7.72 -19.41 8.73
N SER D 30 -8.95 -19.75 9.11
CA SER D 30 -9.48 -21.06 8.77
C SER D 30 -9.61 -21.24 7.27
N ALA D 31 -9.99 -20.18 6.55
CA ALA D 31 -10.07 -20.27 5.09
C ALA D 31 -8.72 -20.62 4.49
N LEU D 32 -7.64 -20.03 5.00
CA LEU D 32 -6.31 -20.39 4.52
C LEU D 32 -5.93 -21.81 4.93
N ALA D 33 -6.36 -22.25 6.12
CA ALA D 33 -5.83 -23.50 6.67
C ALA D 33 -6.54 -24.72 6.11
N VAL D 34 -7.87 -24.76 6.19
CA VAL D 34 -8.61 -26.01 6.03
C VAL D 34 -9.16 -26.23 4.63
N THR D 35 -8.60 -25.57 3.61
CA THR D 35 -9.13 -25.66 2.27
C THR D 35 -8.27 -26.49 1.33
N THR D 36 -7.47 -27.42 1.85
CA THR D 36 -6.75 -28.35 0.99
C THR D 36 -7.54 -29.63 0.75
N LYS D 37 -8.65 -29.82 1.47
CA LYS D 37 -9.56 -30.92 1.21
C LYS D 37 -10.99 -30.43 1.35
N LEU D 38 -11.81 -30.81 0.37
CA LEU D 38 -13.19 -30.37 0.34
C LEU D 38 -13.99 -30.93 1.51
N GLU D 39 -13.67 -32.13 1.99
CA GLU D 39 -14.37 -32.68 3.15
C GLU D 39 -14.12 -31.84 4.40
N THR D 40 -12.88 -31.41 4.61
CA THR D 40 -12.59 -30.59 5.78
C THR D 40 -13.18 -29.19 5.63
N ALA D 41 -13.14 -28.65 4.42
CA ALA D 41 -13.81 -27.36 4.19
C ALA D 41 -15.29 -27.46 4.52
N PHE D 42 -15.95 -28.53 4.07
CA PHE D 42 -17.38 -28.69 4.30
C PHE D 42 -17.69 -28.83 5.78
N VAL D 43 -16.91 -29.64 6.49
CA VAL D 43 -17.17 -29.84 7.92
C VAL D 43 -16.95 -28.53 8.68
N MET D 44 -15.88 -27.79 8.35
CA MET D 44 -15.63 -26.53 9.03
C MET D 44 -16.74 -25.52 8.74
N THR D 45 -17.22 -25.47 7.51
CA THR D 45 -18.34 -24.60 7.18
C THR D 45 -19.54 -24.92 8.04
N LEU D 46 -19.92 -26.20 8.14
CA LEU D 46 -21.08 -26.56 8.94
C LEU D 46 -20.87 -26.19 10.40
N ALA D 47 -19.68 -26.46 10.94
CA ALA D 47 -19.44 -26.16 12.35
C ALA D 47 -19.55 -24.66 12.62
N VAL D 48 -18.94 -23.85 11.75
CA VAL D 48 -19.01 -22.40 11.94
C VAL D 48 -20.44 -21.91 11.86
N MET D 49 -21.19 -22.41 10.87
CA MET D 49 -22.59 -22.00 10.74
C MET D 49 -23.37 -22.31 12.02
N PHE D 50 -23.25 -23.55 12.51
CA PHE D 50 -23.99 -23.97 13.70
C PHE D 50 -23.61 -23.11 14.91
N VAL D 51 -22.31 -22.94 15.14
CA VAL D 51 -21.87 -22.19 16.31
C VAL D 51 -22.31 -20.74 16.23
N THR D 52 -22.16 -20.10 15.07
CA THR D 52 -22.56 -18.71 14.95
C THR D 52 -24.06 -18.54 15.19
N ALA D 53 -24.87 -19.41 14.57
CA ALA D 53 -26.31 -19.30 14.75
C ALA D 53 -26.68 -19.41 16.23
N LEU D 54 -26.17 -20.44 16.92
CA LEU D 54 -26.60 -20.65 18.30
C LEU D 54 -26.06 -19.57 19.23
N SER D 55 -24.82 -19.12 19.00
CA SER D 55 -24.27 -18.04 19.82
C SER D 55 -25.09 -16.77 19.67
N ASN D 56 -25.45 -16.42 18.43
CA ASN D 56 -26.30 -15.26 18.22
C ASN D 56 -27.63 -15.42 18.95
N PHE D 57 -28.24 -16.61 18.82
CA PHE D 57 -29.53 -16.84 19.45
C PHE D 57 -29.47 -16.62 20.96
N PHE D 58 -28.49 -17.25 21.63
CA PHE D 58 -28.41 -17.13 23.08
C PHE D 58 -28.04 -15.72 23.52
N VAL D 59 -27.05 -15.10 22.86
CA VAL D 59 -26.64 -13.76 23.23
C VAL D 59 -27.81 -12.80 23.12
N SER D 60 -28.60 -12.91 22.05
CA SER D 60 -29.78 -12.07 21.94
C SER D 60 -30.83 -12.43 22.99
N LEU D 61 -30.92 -13.70 23.38
CA LEU D 61 -31.87 -14.06 24.43
C LEU D 61 -31.56 -13.32 25.73
N ILE D 62 -30.28 -13.27 26.11
CA ILE D 62 -29.91 -12.62 27.37
C ILE D 62 -29.34 -11.23 27.19
N ARG D 63 -29.56 -10.60 26.03
CA ARG D 63 -28.85 -9.35 25.72
C ARG D 63 -29.17 -8.24 26.71
N ASN D 64 -30.41 -8.19 27.20
CA ASN D 64 -30.82 -7.09 28.07
C ASN D 64 -30.26 -7.20 29.48
N HIS D 65 -29.78 -8.38 29.88
CA HIS D 65 -29.28 -8.60 31.23
C HIS D 65 -27.77 -8.67 31.33
N ILE D 66 -27.06 -8.68 30.21
CA ILE D 66 -25.61 -8.81 30.24
C ILE D 66 -25.03 -7.61 30.97
N PRO D 67 -24.27 -7.80 32.06
CA PRO D 67 -23.59 -6.67 32.68
C PRO D 67 -22.52 -6.12 31.74
N ASN D 68 -22.55 -4.81 31.53
CA ASN D 68 -21.71 -4.21 30.49
C ASN D 68 -20.23 -4.43 30.78
N SER D 69 -19.85 -4.53 32.05
CA SER D 69 -18.43 -4.62 32.39
C SER D 69 -17.79 -5.92 31.93
N VAL D 70 -18.54 -7.02 31.88
CA VAL D 70 -17.97 -8.33 31.61
C VAL D 70 -18.69 -8.99 30.44
N ARG D 71 -19.18 -8.17 29.51
CA ARG D 71 -19.93 -8.70 28.38
C ARG D 71 -19.05 -9.59 27.51
N ILE D 72 -17.78 -9.23 27.34
CA ILE D 72 -16.89 -10.11 26.59
C ILE D 72 -16.75 -11.44 27.28
N ILE D 73 -16.64 -11.45 28.61
CA ILE D 73 -16.54 -12.70 29.34
C ILE D 73 -17.79 -13.55 29.11
N VAL D 74 -18.97 -12.93 29.18
CA VAL D 74 -20.22 -13.69 28.99
C VAL D 74 -20.26 -14.29 27.57
N GLN D 75 -19.99 -13.45 26.57
CA GLN D 75 -20.08 -13.90 25.18
C GLN D 75 -19.11 -15.03 24.91
N MET D 76 -17.86 -14.88 25.39
CA MET D 76 -16.87 -15.92 25.15
C MET D 76 -17.19 -17.17 25.95
N ALA D 77 -17.82 -17.04 27.13
CA ALA D 77 -18.26 -18.24 27.83
C ALA D 77 -19.24 -19.04 26.98
N ILE D 78 -20.26 -18.37 26.43
CA ILE D 78 -21.23 -19.06 25.59
C ILE D 78 -20.54 -19.71 24.40
N ILE D 79 -19.72 -18.93 23.69
CA ILE D 79 -19.09 -19.42 22.47
C ILE D 79 -18.17 -20.59 22.76
N ALA D 80 -17.38 -20.49 23.83
CA ALA D 80 -16.45 -21.55 24.17
C ALA D 80 -17.19 -22.81 24.57
N SER D 81 -18.30 -22.69 25.29
CA SER D 81 -19.08 -23.88 25.62
C SER D 81 -19.58 -24.57 24.35
N LEU D 82 -20.12 -23.80 23.41
CA LEU D 82 -20.60 -24.41 22.18
C LEU D 82 -19.46 -25.08 21.42
N VAL D 83 -18.31 -24.42 21.34
CA VAL D 83 -17.19 -24.98 20.58
C VAL D 83 -16.66 -26.23 21.26
N ILE D 84 -16.66 -26.27 22.59
CA ILE D 84 -16.22 -27.46 23.31
C ILE D 84 -17.14 -28.63 23.01
N VAL D 85 -18.45 -28.38 23.02
CA VAL D 85 -19.40 -29.44 22.68
C VAL D 85 -19.15 -29.94 21.26
N VAL D 86 -18.92 -29.01 20.33
CA VAL D 86 -18.67 -29.40 18.94
C VAL D 86 -17.41 -30.25 18.85
N ASP D 87 -16.36 -29.86 19.58
CA ASP D 87 -15.11 -30.62 19.56
C ASP D 87 -15.32 -32.03 20.09
N GLN D 88 -16.05 -32.16 21.19
CA GLN D 88 -16.34 -33.49 21.73
C GLN D 88 -17.07 -34.34 20.68
N ILE D 89 -18.09 -33.77 20.05
CA ILE D 89 -18.86 -34.54 19.08
C ILE D 89 -17.99 -34.95 17.90
N LEU D 90 -17.17 -34.03 17.39
CA LEU D 90 -16.31 -34.37 16.26
C LEU D 90 -15.33 -35.47 16.62
N LYS D 91 -14.67 -35.37 17.77
CA LYS D 91 -13.75 -36.43 18.17
C LYS D 91 -14.45 -37.74 18.42
N ALA D 92 -15.74 -37.71 18.75
CA ALA D 92 -16.49 -38.94 18.98
C ALA D 92 -17.02 -39.58 17.71
N TYR D 93 -17.26 -38.82 16.65
CA TYR D 93 -17.96 -39.36 15.48
C TYR D 93 -17.20 -39.17 14.17
N LEU D 94 -16.29 -38.21 14.11
CA LEU D 94 -15.55 -37.90 12.88
C LEU D 94 -14.06 -37.83 13.19
N TYR D 95 -13.55 -38.87 13.84
CA TYR D 95 -12.20 -38.83 14.42
C TYR D 95 -11.15 -38.38 13.41
N ASP D 96 -11.18 -38.95 12.21
CA ASP D 96 -10.14 -38.64 11.23
C ASP D 96 -10.21 -37.18 10.79
N ILE D 97 -11.42 -36.67 10.54
CA ILE D 97 -11.56 -35.28 10.12
C ILE D 97 -11.17 -34.34 11.25
N SER D 98 -11.50 -34.70 12.50
CA SER D 98 -11.05 -33.90 13.62
C SER D 98 -9.54 -33.89 13.74
N LYS D 99 -8.90 -35.03 13.47
CA LYS D 99 -7.44 -35.07 13.45
C LYS D 99 -6.88 -34.14 12.39
N GLN D 100 -7.49 -34.14 11.20
CA GLN D 100 -7.01 -33.29 10.12
C GLN D 100 -7.20 -31.81 10.45
N LEU D 101 -8.32 -31.46 11.09
CA LEU D 101 -8.58 -30.06 11.41
C LEU D 101 -7.61 -29.50 12.44
N SER D 102 -6.97 -30.36 13.23
CA SER D 102 -5.88 -29.99 14.13
C SER D 102 -6.37 -28.89 15.08
N VAL D 103 -5.59 -27.82 15.31
CA VAL D 103 -5.94 -26.84 16.33
C VAL D 103 -7.05 -25.89 15.91
N PHE D 104 -7.52 -25.98 14.66
CA PHE D 104 -8.48 -25.00 14.18
C PHE D 104 -9.90 -25.27 14.66
N VAL D 105 -10.16 -26.45 15.24
CA VAL D 105 -11.44 -26.65 15.91
C VAL D 105 -11.54 -25.76 17.14
N GLY D 106 -10.45 -25.65 17.90
CA GLY D 106 -10.44 -24.73 19.02
C GLY D 106 -10.51 -23.28 18.59
N LEU D 107 -9.86 -22.95 17.48
CA LEU D 107 -9.82 -21.57 17.01
C LEU D 107 -11.16 -21.08 16.46
N ILE D 108 -12.19 -21.91 16.44
CA ILE D 108 -13.52 -21.42 16.09
C ILE D 108 -13.95 -20.35 17.09
N ILE D 109 -13.44 -20.42 18.32
CA ILE D 109 -13.78 -19.43 19.33
C ILE D 109 -13.34 -18.04 18.91
N THR D 110 -12.13 -17.94 18.35
CA THR D 110 -11.56 -16.66 17.95
C THR D 110 -11.77 -16.38 16.47
N ASN D 111 -12.47 -17.24 15.75
CA ASN D 111 -12.92 -16.91 14.40
C ASN D 111 -13.69 -15.61 14.44
N CYS D 112 -13.16 -14.59 13.77
CA CYS D 112 -13.67 -13.25 13.94
C CYS D 112 -15.15 -13.12 13.59
N ILE D 113 -15.68 -14.00 12.73
CA ILE D 113 -17.07 -13.88 12.33
C ILE D 113 -18.00 -14.04 13.52
N VAL D 114 -17.72 -15.02 14.38
CA VAL D 114 -18.63 -15.33 15.48
C VAL D 114 -18.77 -14.13 16.40
N MET D 115 -17.65 -13.60 16.88
CA MET D 115 -17.69 -12.46 17.79
C MET D 115 -18.22 -11.22 17.09
N GLY D 116 -17.82 -11.00 15.83
CA GLY D 116 -18.30 -9.83 15.11
C GLY D 116 -19.81 -9.80 15.02
N ARG D 117 -20.40 -10.93 14.61
CA ARG D 117 -21.86 -10.97 14.52
C ARG D 117 -22.52 -10.90 15.89
N ALA D 118 -21.94 -11.57 16.90
CA ALA D 118 -22.54 -11.51 18.22
C ALA D 118 -22.59 -10.08 18.74
N GLU D 119 -21.51 -9.32 18.55
CA GLU D 119 -21.47 -7.94 19.04
C GLU D 119 -22.32 -7.02 18.18
N ALA D 120 -22.24 -7.15 16.85
CA ALA D 120 -22.87 -6.18 15.97
C ALA D 120 -24.37 -6.38 15.86
N PHE D 121 -24.84 -7.62 15.85
CA PHE D 121 -26.24 -7.88 15.54
C PHE D 121 -26.99 -8.47 16.72
N ALA D 122 -26.45 -9.52 17.33
CA ALA D 122 -27.18 -10.24 18.37
C ALA D 122 -27.52 -9.34 19.54
N MET D 123 -26.60 -8.46 19.94
CA MET D 123 -26.85 -7.59 21.10
C MET D 123 -27.97 -6.60 20.83
N LYS D 124 -28.36 -6.40 19.56
CA LYS D 124 -29.32 -5.37 19.19
C LYS D 124 -30.57 -5.91 18.51
N SER D 125 -30.76 -7.23 18.48
CA SER D 125 -31.83 -7.82 17.70
C SER D 125 -32.52 -8.93 18.49
N GLU D 126 -33.56 -9.49 17.88
CA GLU D 126 -34.34 -10.54 18.51
C GLU D 126 -33.77 -11.92 18.20
N PRO D 127 -34.19 -12.95 18.96
CA PRO D 127 -33.59 -14.27 18.79
C PRO D 127 -33.67 -14.85 17.39
N ILE D 128 -34.86 -14.91 16.79
CA ILE D 128 -35.03 -15.56 15.50
C ILE D 128 -34.27 -14.79 14.43
N PRO D 129 -34.39 -13.46 14.37
CA PRO D 129 -33.54 -12.71 13.42
C PRO D 129 -32.06 -12.94 13.62
N SER D 130 -31.59 -13.04 14.87
CA SER D 130 -30.18 -13.28 15.12
C SER D 130 -29.75 -14.65 14.62
N PHE D 131 -30.60 -15.66 14.84
CA PHE D 131 -30.33 -17.00 14.34
C PHE D 131 -30.23 -16.99 12.81
N ILE D 132 -31.16 -16.31 12.15
CA ILE D 132 -31.14 -16.25 10.70
C ILE D 132 -29.88 -15.54 10.21
N ASP D 133 -29.49 -14.46 10.89
CA ASP D 133 -28.27 -13.75 10.52
C ASP D 133 -27.04 -14.65 10.65
N GLY D 134 -26.98 -15.43 11.73
CA GLY D 134 -25.87 -16.35 11.88
C GLY D 134 -25.83 -17.39 10.77
N ILE D 135 -26.98 -17.92 10.40
CA ILE D 135 -27.03 -18.91 9.33
C ILE D 135 -26.57 -18.29 8.02
N GLY D 136 -27.03 -17.06 7.74
CA GLY D 136 -26.64 -16.40 6.50
C GLY D 136 -25.14 -16.13 6.43
N ASN D 137 -24.56 -15.67 7.55
CA ASN D 137 -23.12 -15.43 7.56
C ASN D 137 -22.35 -16.74 7.41
N GLY D 138 -22.84 -17.82 8.01
CA GLY D 138 -22.23 -19.11 7.80
C GLY D 138 -22.26 -19.53 6.34
N LEU D 139 -23.38 -19.28 5.66
CA LEU D 139 -23.46 -19.58 4.23
C LEU D 139 -22.45 -18.75 3.43
N GLY D 140 -22.34 -17.46 3.76
CA GLY D 140 -21.37 -16.63 3.06
C GLY D 140 -19.95 -17.12 3.24
N TYR D 141 -19.60 -17.52 4.47
CA TYR D 141 -18.29 -18.08 4.75
C TYR D 141 -18.07 -19.39 3.97
N GLY D 142 -19.09 -20.25 3.96
CA GLY D 142 -18.96 -21.53 3.28
C GLY D 142 -18.79 -21.37 1.78
N PHE D 143 -19.41 -20.35 1.18
CA PHE D 143 -19.23 -20.13 -0.24
C PHE D 143 -17.75 -20.01 -0.59
N VAL D 144 -17.04 -19.11 0.09
CA VAL D 144 -15.62 -18.91 -0.18
C VAL D 144 -14.83 -20.16 0.15
N LEU D 145 -15.09 -20.77 1.31
CA LEU D 145 -14.32 -21.95 1.69
C LEU D 145 -14.46 -23.06 0.65
N MET D 146 -15.69 -23.35 0.23
CA MET D 146 -15.91 -24.44 -0.73
C MET D 146 -15.31 -24.12 -2.09
N THR D 147 -15.45 -22.89 -2.57
CA THR D 147 -14.91 -22.58 -3.89
C THR D 147 -13.39 -22.65 -3.89
N VAL D 148 -12.74 -22.13 -2.85
CA VAL D 148 -11.29 -22.22 -2.77
C VAL D 148 -10.86 -23.68 -2.67
N GLY D 149 -11.53 -24.46 -1.83
CA GLY D 149 -11.17 -25.86 -1.66
C GLY D 149 -11.33 -26.66 -2.93
N PHE D 150 -12.36 -26.35 -3.74
CA PHE D 150 -12.54 -27.06 -5.00
C PHE D 150 -11.29 -26.96 -5.86
N PHE D 151 -10.83 -25.73 -6.12
CA PHE D 151 -9.65 -25.56 -6.95
C PHE D 151 -8.42 -26.17 -6.29
N ARG D 152 -8.22 -25.93 -4.99
CA ARG D 152 -7.01 -26.43 -4.36
C ARG D 152 -6.93 -27.94 -4.45
N GLU D 153 -8.00 -28.63 -4.04
CA GLU D 153 -7.98 -30.09 -4.08
C GLU D 153 -7.87 -30.61 -5.50
N LEU D 154 -8.66 -30.07 -6.44
CA LEU D 154 -8.64 -30.60 -7.79
C LEU D 154 -7.24 -30.46 -8.40
N LEU D 155 -6.66 -29.26 -8.36
CA LEU D 155 -5.39 -29.05 -9.02
C LEU D 155 -4.21 -29.55 -8.21
N GLY D 156 -4.40 -29.91 -6.94
CA GLY D 156 -3.30 -30.40 -6.15
C GLY D 156 -3.24 -31.91 -6.02
N SER D 157 -4.37 -32.59 -6.15
CA SER D 157 -4.36 -34.04 -6.04
C SER D 157 -5.22 -34.76 -7.07
N GLY D 158 -5.92 -34.06 -7.96
CA GLY D 158 -6.82 -34.73 -8.87
C GLY D 158 -7.98 -35.42 -8.22
N LYS D 159 -8.58 -34.81 -7.20
CA LYS D 159 -9.63 -35.44 -6.41
C LYS D 159 -10.67 -34.41 -6.01
N LEU D 160 -11.87 -34.90 -5.71
CA LEU D 160 -12.94 -34.10 -5.14
C LEU D 160 -13.64 -34.93 -4.08
N PHE D 161 -13.64 -34.44 -2.84
CA PHE D 161 -14.17 -35.20 -1.70
C PHE D 161 -13.47 -36.55 -1.58
N GLY D 162 -12.24 -36.64 -2.09
CA GLY D 162 -11.50 -37.88 -2.06
C GLY D 162 -11.75 -38.81 -3.23
N LEU D 163 -12.72 -38.49 -4.09
CA LEU D 163 -12.99 -39.31 -5.27
C LEU D 163 -12.07 -38.91 -6.40
N GLU D 164 -11.48 -39.89 -7.07
CA GLU D 164 -10.51 -39.63 -8.12
C GLU D 164 -11.21 -39.06 -9.34
N VAL D 165 -10.69 -37.93 -9.85
CA VAL D 165 -11.22 -37.28 -11.03
C VAL D 165 -10.16 -37.19 -12.13
N LEU D 166 -8.94 -36.82 -11.78
CA LEU D 166 -7.83 -36.71 -12.73
C LEU D 166 -6.81 -37.78 -12.42
N PRO D 167 -6.67 -38.83 -13.24
CA PRO D 167 -5.70 -39.88 -12.94
C PRO D 167 -4.28 -39.33 -12.83
N LEU D 168 -3.54 -39.83 -11.87
CA LEU D 168 -2.19 -39.35 -11.61
C LEU D 168 -1.15 -40.25 -12.26
N ILE D 169 -0.01 -39.65 -12.62
CA ILE D 169 1.06 -40.42 -13.25
C ILE D 169 1.56 -41.51 -12.31
N SER D 170 1.63 -41.20 -11.00
CA SER D 170 2.06 -42.22 -10.04
C SER D 170 1.13 -43.43 -10.06
N ASN D 171 -0.17 -43.21 -10.17
CA ASN D 171 -1.14 -44.28 -10.28
C ASN D 171 -1.24 -44.84 -11.69
N GLY D 172 -0.52 -44.25 -12.64
CA GLY D 172 -0.56 -44.70 -14.02
C GLY D 172 -1.39 -43.84 -14.94
N GLY D 173 -1.81 -42.66 -14.49
CA GLY D 173 -2.62 -41.78 -15.29
C GLY D 173 -1.81 -40.85 -16.17
N TRP D 174 -2.27 -39.61 -16.27
CA TRP D 174 -1.66 -38.63 -17.16
C TRP D 174 -1.46 -37.26 -16.54
N TYR D 175 -1.91 -37.03 -15.31
CA TYR D 175 -1.90 -35.71 -14.71
C TYR D 175 -0.82 -35.62 -13.65
N GLN D 176 -0.05 -34.54 -13.67
CA GLN D 176 0.96 -34.28 -12.65
C GLN D 176 0.45 -33.23 -11.69
N PRO D 177 0.22 -33.54 -10.43
CA PRO D 177 -0.39 -32.55 -9.53
C PRO D 177 0.53 -31.37 -9.28
N ASN D 178 -0.09 -30.23 -8.95
CA ASN D 178 0.65 -29.01 -8.64
C ASN D 178 0.93 -28.99 -7.14
N GLY D 179 2.21 -28.94 -6.76
CA GLY D 179 2.57 -28.98 -5.37
C GLY D 179 2.31 -27.70 -4.62
N LEU D 180 2.22 -26.58 -5.33
CA LEU D 180 1.97 -25.29 -4.67
C LEU D 180 0.52 -25.15 -4.22
N MET D 181 -0.40 -25.91 -4.82
CA MET D 181 -1.80 -25.85 -4.41
C MET D 181 -1.98 -26.39 -3.00
N LEU D 182 -1.00 -27.13 -2.49
CA LEU D 182 -1.07 -27.67 -1.13
C LEU D 182 -0.44 -26.74 -0.09
N LEU D 183 -0.14 -25.50 -0.45
CA LEU D 183 0.49 -24.55 0.44
C LEU D 183 -0.31 -23.25 0.50
N ALA D 184 -0.09 -22.48 1.56
CA ALA D 184 -0.90 -21.30 1.82
C ALA D 184 -0.88 -20.26 0.70
N PRO D 185 0.25 -19.99 0.04
CA PRO D 185 0.24 -18.96 -1.01
C PRO D 185 -0.82 -19.19 -2.07
N SER D 186 -1.11 -20.45 -2.40
CA SER D 186 -2.15 -20.73 -3.37
C SER D 186 -3.50 -20.23 -2.88
N ALA D 187 -3.80 -20.45 -1.59
CA ALA D 187 -5.05 -19.92 -1.03
C ALA D 187 -5.07 -18.40 -1.07
N PHE D 188 -3.95 -17.78 -0.73
CA PHE D 188 -3.87 -16.32 -0.81
C PHE D 188 -4.23 -15.83 -2.21
N PHE D 189 -3.58 -16.39 -3.23
CA PHE D 189 -3.81 -15.95 -4.59
C PHE D 189 -5.24 -16.22 -5.03
N LEU D 190 -5.78 -17.39 -4.68
CA LEU D 190 -7.14 -17.73 -5.08
C LEU D 190 -8.15 -16.78 -4.47
N ILE D 191 -7.98 -16.44 -3.19
CA ILE D 191 -8.92 -15.51 -2.56
C ILE D 191 -8.79 -14.13 -3.19
N GLY D 192 -7.57 -13.71 -3.51
CA GLY D 192 -7.40 -12.42 -4.18
C GLY D 192 -8.14 -12.37 -5.50
N PHE D 193 -7.98 -13.42 -6.31
CA PHE D 193 -8.64 -13.43 -7.62
C PHE D 193 -10.16 -13.57 -7.48
N MET D 194 -10.63 -14.27 -6.46
CA MET D 194 -12.06 -14.29 -6.16
C MET D 194 -12.58 -12.90 -5.87
N ILE D 195 -11.88 -12.14 -5.03
CA ILE D 195 -12.30 -10.78 -4.73
C ILE D 195 -12.31 -9.95 -6.01
N TRP D 196 -11.31 -10.14 -6.87
CA TRP D 196 -11.28 -9.43 -8.14
C TRP D 196 -12.55 -9.71 -8.95
N ALA D 197 -12.89 -10.98 -9.11
CA ALA D 197 -14.07 -11.32 -9.91
C ALA D 197 -15.35 -10.76 -9.29
N ILE D 198 -15.48 -10.88 -7.97
CA ILE D 198 -16.69 -10.42 -7.29
C ILE D 198 -16.86 -8.92 -7.48
N ARG D 199 -15.78 -8.16 -7.31
CA ARG D 199 -15.87 -6.71 -7.45
C ARG D 199 -15.89 -6.27 -8.91
N THR D 200 -15.57 -7.15 -9.86
CA THR D 200 -15.87 -6.85 -11.25
C THR D 200 -17.36 -6.98 -11.54
N PHE D 201 -17.99 -8.04 -11.04
CA PHE D 201 -19.41 -8.22 -11.31
C PHE D 201 -20.32 -7.39 -10.41
N LYS D 202 -19.80 -6.84 -9.31
CA LYS D 202 -20.56 -5.96 -8.43
C LYS D 202 -19.70 -4.73 -8.12
N PRO D 203 -19.61 -3.78 -9.07
CA PRO D 203 -18.66 -2.68 -8.93
C PRO D 203 -18.98 -1.72 -7.80
N GLU D 204 -20.14 -1.83 -7.15
CA GLU D 204 -20.45 -0.94 -6.05
C GLU D 204 -19.54 -1.19 -4.85
N GLN D 205 -18.83 -2.31 -4.82
CA GLN D 205 -17.95 -2.66 -3.71
C GLN D 205 -16.52 -2.19 -3.91
N VAL D 206 -16.21 -1.56 -5.04
CA VAL D 206 -14.85 -1.10 -5.28
C VAL D 206 -14.51 0.00 -4.30
N GLU D 207 -13.28 -0.05 -3.76
CA GLU D 207 -12.85 0.93 -2.78
C GLU D 207 -12.34 2.20 -3.45
N ALA D 208 -12.59 3.34 -2.81
CA ALA D 208 -12.21 4.61 -3.38
C ALA D 208 -10.70 4.77 -3.41
N LYS D 209 -10.22 5.53 -4.39
CA LYS D 209 -8.78 5.76 -4.52
C LYS D 209 -8.30 6.72 -3.44
N GLU D 210 -7.18 6.40 -2.83
CA GLU D 210 -6.63 7.21 -1.75
C GLU D 210 -5.92 8.45 -2.32
N MET E 1 22.39 -21.20 27.93
CA MET E 1 21.92 -20.00 27.18
C MET E 1 21.61 -20.34 25.74
N GLU E 2 22.32 -21.33 25.19
CA GLU E 2 22.12 -21.71 23.80
C GLU E 2 20.71 -22.25 23.57
N HIS E 3 20.17 -22.99 24.53
CA HIS E 3 18.84 -23.56 24.38
C HIS E 3 17.78 -22.46 24.18
N TYR E 4 17.80 -21.45 25.04
CA TYR E 4 16.79 -20.40 24.96
C TYR E 4 17.01 -19.50 23.76
N ILE E 5 18.26 -19.25 23.37
CA ILE E 5 18.52 -18.49 22.16
C ILE E 5 17.98 -19.24 20.95
N SER E 6 18.19 -20.56 20.90
CA SER E 6 17.64 -21.36 19.82
C SER E 6 16.12 -21.29 19.80
N LEU E 7 15.49 -21.38 20.97
CA LEU E 7 14.04 -21.28 21.04
C LEU E 7 13.56 -19.93 20.53
N LEU E 8 14.23 -18.85 20.92
CA LEU E 8 13.83 -17.52 20.48
C LEU E 8 13.96 -17.39 18.96
N VAL E 9 15.07 -17.87 18.41
CA VAL E 9 15.27 -17.77 16.96
C VAL E 9 14.21 -18.58 16.22
N LYS E 10 13.92 -19.78 16.70
CA LYS E 10 12.89 -20.60 16.08
C LYS E 10 11.53 -19.91 16.14
N SER E 11 11.22 -19.30 17.28
CA SER E 11 9.94 -18.59 17.41
C SER E 11 9.85 -17.43 16.45
N ILE E 12 10.94 -16.69 16.24
CA ILE E 12 10.86 -15.49 15.42
C ILE E 12 10.85 -15.83 13.94
N PHE E 13 11.82 -16.64 13.47
CA PHE E 13 12.03 -16.84 12.05
C PHE E 13 11.53 -18.17 11.53
N ILE E 14 11.98 -19.29 12.10
CA ILE E 14 11.67 -20.59 11.52
C ILE E 14 10.18 -20.88 11.60
N GLU E 15 9.50 -20.34 12.62
CA GLU E 15 8.08 -20.61 12.82
C GLU E 15 7.31 -19.31 13.00
N ASN E 16 7.52 -18.36 12.10
CA ASN E 16 6.84 -17.07 12.20
C ASN E 16 5.34 -17.27 12.26
N MET E 17 4.71 -16.70 13.28
CA MET E 17 3.28 -16.93 13.48
C MET E 17 2.44 -16.25 12.41
N ALA E 18 2.98 -15.24 11.74
CA ALA E 18 2.21 -14.53 10.72
C ALA E 18 2.40 -15.14 9.34
N LEU E 19 3.63 -15.50 8.98
CA LEU E 19 3.94 -15.95 7.64
C LEU E 19 4.43 -17.39 7.57
N SER E 20 4.29 -18.17 8.65
CA SER E 20 4.52 -19.60 8.61
C SER E 20 3.34 -20.41 9.13
N PHE E 21 2.64 -19.91 10.16
CA PHE E 21 1.40 -20.53 10.61
C PHE E 21 0.17 -19.78 10.14
N PHE E 22 0.32 -18.52 9.76
CA PHE E 22 -0.78 -17.73 9.18
C PHE E 22 -1.94 -17.57 10.16
N LEU E 23 -1.65 -16.92 11.28
CA LEU E 23 -2.65 -16.57 12.28
C LEU E 23 -2.66 -15.06 12.50
N GLY E 24 -3.83 -14.52 12.85
CA GLY E 24 -3.99 -13.08 12.98
C GLY E 24 -4.20 -12.36 11.67
N MET E 25 -4.66 -13.07 10.64
CA MET E 25 -4.69 -12.50 9.30
C MET E 25 -5.67 -11.34 9.18
N CYS E 26 -6.76 -11.35 9.93
CA CYS E 26 -7.76 -10.29 9.77
C CYS E 26 -7.13 -8.92 10.03
N THR E 27 -6.49 -8.75 11.18
CA THR E 27 -5.86 -7.47 11.47
C THR E 27 -4.53 -7.32 10.74
N PHE E 28 -3.81 -8.42 10.52
CA PHE E 28 -2.57 -8.35 9.75
C PHE E 28 -2.84 -7.76 8.36
N LEU E 29 -4.04 -8.01 7.82
CA LEU E 29 -4.38 -7.49 6.51
C LEU E 29 -5.02 -6.10 6.60
N ALA E 30 -5.89 -5.89 7.59
CA ALA E 30 -6.62 -4.63 7.68
C ALA E 30 -5.75 -3.46 8.16
N VAL E 31 -4.90 -3.68 9.17
CA VAL E 31 -4.21 -2.57 9.82
C VAL E 31 -2.84 -2.28 9.22
N SER E 32 -2.47 -2.94 8.12
CA SER E 32 -1.14 -2.79 7.55
C SER E 32 -1.00 -1.51 6.72
N LYS E 33 -1.96 -0.60 6.83
CA LYS E 33 -1.93 0.60 5.98
C LYS E 33 -0.76 1.51 6.30
N LYS E 34 -0.43 1.69 7.59
CA LYS E 34 0.62 2.62 7.97
C LYS E 34 1.62 1.93 8.89
N VAL E 35 2.90 2.27 8.68
CA VAL E 35 3.99 1.57 9.33
C VAL E 35 3.90 1.74 10.85
N LYS E 36 3.69 2.96 11.32
CA LYS E 36 3.73 3.19 12.76
C LYS E 36 2.46 2.71 13.46
N THR E 37 1.31 2.76 12.79
CA THR E 37 0.12 2.11 13.34
C THR E 37 0.34 0.62 13.51
N SER E 38 0.92 -0.03 12.48
CA SER E 38 1.26 -1.44 12.59
C SER E 38 2.27 -1.67 13.70
N PHE E 39 3.21 -0.75 13.87
CA PHE E 39 4.22 -0.88 14.92
C PHE E 39 3.58 -0.89 16.30
N GLY E 40 2.66 0.04 16.55
CA GLY E 40 1.97 0.07 17.82
C GLY E 40 1.14 -1.19 18.05
N LEU E 41 0.42 -1.63 17.01
CA LEU E 41 -0.37 -2.86 17.15
C LEU E 41 0.53 -4.05 17.48
N GLY E 42 1.69 -4.13 16.81
CA GLY E 42 2.59 -5.23 17.08
C GLY E 42 3.17 -5.20 18.49
N ILE E 43 3.45 -4.00 19.00
CA ILE E 43 3.91 -3.90 20.38
C ILE E 43 2.84 -4.40 21.34
N ALA E 44 1.58 -4.00 21.10
CA ALA E 44 0.49 -4.48 21.95
C ALA E 44 0.38 -6.00 21.89
N VAL E 45 0.50 -6.57 20.69
CA VAL E 45 0.44 -8.02 20.54
C VAL E 45 1.59 -8.68 21.31
N ILE E 46 2.78 -8.10 21.23
CA ILE E 46 3.93 -8.65 21.95
C ILE E 46 3.62 -8.72 23.43
N VAL E 47 3.13 -7.61 24.00
CA VAL E 47 2.87 -7.59 25.44
C VAL E 47 1.83 -8.64 25.80
N VAL E 48 0.70 -8.64 25.08
CA VAL E 48 -0.39 -9.54 25.44
C VAL E 48 0.05 -10.99 25.34
N LEU E 49 0.73 -11.35 24.24
CA LEU E 49 1.16 -12.74 24.07
C LEU E 49 2.18 -13.14 25.13
N THR E 50 3.14 -12.28 25.44
CA THR E 50 4.22 -12.63 26.35
C THR E 50 3.76 -12.66 27.81
N ILE E 51 2.62 -12.06 28.13
CA ILE E 51 2.02 -12.24 29.45
C ILE E 51 1.01 -13.39 29.44
N SER E 52 0.39 -13.68 28.30
CA SER E 52 -0.65 -14.69 28.28
C SER E 52 -0.08 -16.10 28.33
N VAL E 53 0.96 -16.37 27.56
CA VAL E 53 1.42 -17.77 27.43
C VAL E 53 1.86 -18.29 28.80
N PRO E 54 2.68 -17.57 29.57
CA PRO E 54 3.12 -18.13 30.87
C PRO E 54 1.99 -18.36 31.85
N VAL E 55 1.02 -17.44 31.92
CA VAL E 55 -0.08 -17.58 32.87
C VAL E 55 -0.89 -18.82 32.55
N ASN E 56 -1.21 -19.02 31.27
CA ASN E 56 -1.94 -20.23 30.88
C ASN E 56 -1.10 -21.48 31.12
N ASN E 57 0.21 -21.39 30.94
CA ASN E 57 1.07 -22.52 31.32
C ASN E 57 0.88 -22.89 32.78
N LEU E 58 0.94 -21.88 33.67
CA LEU E 58 0.78 -22.16 35.09
C LEU E 58 -0.59 -22.76 35.39
N VAL E 59 -1.65 -22.17 34.82
CA VAL E 59 -2.99 -22.66 35.12
C VAL E 59 -3.16 -24.09 34.63
N TYR E 60 -2.70 -24.38 33.41
CA TYR E 60 -2.83 -25.73 32.87
C TYR E 60 -2.07 -26.73 33.73
N ASN E 61 -0.84 -26.38 34.14
CA ASN E 61 -0.02 -27.34 34.87
C ASN E 61 -0.53 -27.54 36.29
N LEU E 62 -1.19 -26.55 36.87
CA LEU E 62 -1.66 -26.67 38.25
C LEU E 62 -3.08 -27.19 38.37
N VAL E 63 -3.91 -27.07 37.34
CA VAL E 63 -5.32 -27.40 37.48
C VAL E 63 -5.77 -28.40 36.41
N LEU E 64 -5.55 -28.08 35.14
CA LEU E 64 -6.25 -28.76 34.06
C LEU E 64 -5.66 -30.10 33.68
N LYS E 65 -4.33 -30.26 33.71
CA LYS E 65 -3.73 -31.47 33.16
C LYS E 65 -4.12 -32.69 33.99
N PRO E 66 -4.06 -33.87 33.40
CA PRO E 66 -4.53 -35.07 34.11
C PRO E 66 -3.78 -35.29 35.41
N ASP E 67 -4.51 -35.75 36.43
CA ASP E 67 -3.96 -36.07 37.74
C ASP E 67 -3.21 -34.89 38.35
N ALA E 68 -3.70 -33.67 38.12
CA ALA E 68 -3.07 -32.50 38.70
C ALA E 68 -3.67 -32.17 40.07
N LEU E 69 -4.99 -32.31 40.19
CA LEU E 69 -5.67 -32.07 41.46
C LEU E 69 -5.93 -33.37 42.21
N VAL E 70 -6.59 -34.33 41.57
CA VAL E 70 -6.88 -35.63 42.16
C VAL E 70 -6.49 -36.70 41.15
N GLU E 71 -6.21 -37.90 41.66
CA GLU E 71 -5.77 -38.98 40.79
C GLU E 71 -6.97 -39.62 40.11
N GLY E 72 -6.82 -39.93 38.82
CA GLY E 72 -7.88 -40.49 38.04
C GLY E 72 -8.85 -39.48 37.47
N VAL E 73 -8.65 -38.20 37.73
CA VAL E 73 -9.52 -37.13 37.25
C VAL E 73 -8.69 -36.17 36.42
N ASP E 74 -9.17 -35.87 35.21
CA ASP E 74 -8.57 -34.84 34.37
C ASP E 74 -9.64 -33.86 33.94
N LEU E 75 -9.25 -32.59 33.78
CA LEU E 75 -10.17 -31.53 33.42
C LEU E 75 -9.73 -30.81 32.15
N SER E 76 -9.09 -31.53 31.22
CA SER E 76 -8.52 -30.91 30.04
C SER E 76 -9.57 -30.48 29.02
N PHE E 77 -10.85 -30.73 29.26
CA PHE E 77 -11.88 -30.21 28.36
C PHE E 77 -12.16 -28.74 28.64
N LEU E 78 -11.64 -28.21 29.74
CA LEU E 78 -11.79 -26.80 30.09
C LEU E 78 -10.70 -25.93 29.48
N ASN E 79 -9.83 -26.50 28.66
CA ASN E 79 -8.68 -25.77 28.15
C ASN E 79 -9.10 -24.52 27.40
N PHE E 80 -10.06 -24.66 26.47
CA PHE E 80 -10.44 -23.53 25.64
C PHE E 80 -11.04 -22.41 26.47
N ILE E 81 -11.97 -22.73 27.36
CA ILE E 81 -12.62 -21.71 28.17
C ILE E 81 -11.59 -21.01 29.06
N THR E 82 -10.68 -21.77 29.67
CA THR E 82 -9.69 -21.14 30.54
C THR E 82 -8.76 -20.23 29.74
N PHE E 83 -8.28 -20.71 28.59
CA PHE E 83 -7.38 -19.90 27.77
C PHE E 83 -8.04 -18.59 27.38
N ILE E 84 -9.25 -18.67 26.82
CA ILE E 84 -9.88 -17.46 26.31
C ILE E 84 -10.28 -16.52 27.45
N GLY E 85 -10.71 -17.07 28.59
CA GLY E 85 -11.02 -16.21 29.72
C GLY E 85 -9.79 -15.44 30.19
N VAL E 86 -8.66 -16.13 30.32
CA VAL E 86 -7.44 -15.46 30.73
C VAL E 86 -7.07 -14.37 29.74
N ILE E 87 -7.12 -14.70 28.44
CA ILE E 87 -6.71 -13.73 27.42
C ILE E 87 -7.60 -12.49 27.48
N ALA E 88 -8.92 -12.70 27.55
CA ALA E 88 -9.84 -11.57 27.54
C ALA E 88 -9.67 -10.70 28.77
N ALA E 89 -9.60 -11.32 29.96
CA ALA E 89 -9.44 -10.54 31.18
C ALA E 89 -8.14 -9.75 31.15
N LEU E 90 -7.06 -10.39 30.69
CA LEU E 90 -5.77 -9.71 30.64
C LEU E 90 -5.82 -8.53 29.67
N VAL E 91 -6.43 -8.72 28.50
CA VAL E 91 -6.49 -7.65 27.51
C VAL E 91 -7.26 -6.46 28.08
N GLN E 92 -8.41 -6.73 28.69
CA GLN E 92 -9.18 -5.62 29.26
C GLN E 92 -8.45 -4.93 30.39
N ILE E 93 -7.78 -5.68 31.27
CA ILE E 93 -7.06 -5.06 32.37
C ILE E 93 -5.96 -4.15 31.85
N LEU E 94 -5.20 -4.62 30.87
CA LEU E 94 -4.11 -3.80 30.36
C LEU E 94 -4.65 -2.59 29.59
N GLU E 95 -5.79 -2.77 28.90
CA GLU E 95 -6.42 -1.63 28.25
C GLU E 95 -6.80 -0.56 29.25
N MET E 96 -7.41 -0.95 30.36
CA MET E 96 -7.75 0.01 31.40
C MET E 96 -6.52 0.67 32.00
N ILE E 97 -5.47 -0.12 32.24
CA ILE E 97 -4.25 0.43 32.85
C ILE E 97 -3.64 1.50 31.96
N LEU E 98 -3.50 1.20 30.66
CA LEU E 98 -2.88 2.17 29.76
C LEU E 98 -3.66 3.47 29.69
N ASP E 99 -4.99 3.39 29.59
CA ASP E 99 -5.79 4.61 29.51
C ASP E 99 -5.75 5.38 30.83
N ARG E 100 -5.65 4.68 31.96
CA ARG E 100 -5.72 5.36 33.25
C ARG E 100 -4.40 6.05 33.59
N PHE E 101 -3.29 5.29 33.59
CA PHE E 101 -2.02 5.83 34.08
C PHE E 101 -1.11 6.39 33.00
N PHE E 102 -1.11 5.81 31.80
CA PHE E 102 -0.20 6.25 30.74
C PHE E 102 -1.00 6.58 29.48
N PRO E 103 -1.58 7.78 29.42
CA PRO E 103 -2.27 8.21 28.19
C PRO E 103 -1.34 8.21 26.98
N PRO E 104 -0.08 8.62 27.12
CA PRO E 104 0.81 8.57 25.95
C PRO E 104 1.17 7.17 25.49
N LEU E 105 1.14 6.17 26.39
CA LEU E 105 1.30 4.80 25.97
C LEU E 105 -0.01 4.23 25.41
N TYR E 106 -1.14 4.73 25.89
CA TYR E 106 -2.43 4.38 25.31
C TYR E 106 -2.49 4.81 23.85
N ASN E 107 -2.15 6.08 23.59
CA ASN E 107 -2.15 6.59 22.24
C ASN E 107 -1.23 5.77 21.33
N ALA E 108 -0.21 5.15 21.91
CA ALA E 108 0.75 4.40 21.11
C ALA E 108 0.26 2.99 20.81
N LEU E 109 -0.16 2.26 21.85
CA LEU E 109 -0.51 0.85 21.68
C LEU E 109 -1.85 0.44 22.26
N GLY E 110 -2.40 1.15 23.24
CA GLY E 110 -3.63 0.71 23.87
C GLY E 110 -4.87 0.89 23.02
N ILE E 111 -4.83 1.81 22.05
CA ILE E 111 -6.03 2.14 21.27
C ILE E 111 -6.48 0.98 20.41
N PHE E 112 -5.59 0.02 20.16
CA PHE E 112 -5.88 -1.07 19.23
C PHE E 112 -6.56 -2.26 19.91
N LEU E 113 -6.75 -2.19 21.23
CA LEU E 113 -6.85 -3.34 22.11
C LEU E 113 -8.17 -4.10 22.03
N PRO E 114 -9.31 -3.44 21.83
CA PRO E 114 -10.59 -4.17 21.95
C PRO E 114 -10.69 -5.42 21.11
N LEU E 115 -10.04 -5.43 19.93
CA LEU E 115 -10.21 -6.55 19.01
C LEU E 115 -9.15 -7.63 19.16
N ILE E 116 -8.02 -7.33 19.82
CA ILE E 116 -6.92 -8.30 19.86
C ILE E 116 -7.21 -9.47 20.78
N THR E 117 -8.29 -9.42 21.56
CA THR E 117 -8.76 -10.63 22.23
C THR E 117 -9.16 -11.67 21.21
N VAL E 118 -9.90 -11.27 20.18
CA VAL E 118 -10.21 -12.13 19.05
C VAL E 118 -9.07 -11.99 18.04
N ASN E 119 -8.00 -12.74 18.28
CA ASN E 119 -6.83 -12.74 17.40
C ASN E 119 -6.25 -14.14 17.45
N CYS E 120 -6.31 -14.86 16.34
CA CYS E 120 -5.98 -16.27 16.36
C CYS E 120 -4.55 -16.52 16.82
N ALA E 121 -3.67 -15.52 16.70
CA ALA E 121 -2.27 -15.73 17.07
C ALA E 121 -2.11 -16.04 18.55
N ILE E 122 -2.82 -15.31 19.42
CA ILE E 122 -2.66 -15.53 20.86
C ILE E 122 -3.15 -16.93 21.24
N PHE E 123 -4.36 -17.27 20.80
CA PHE E 123 -4.94 -18.55 21.15
C PHE E 123 -4.13 -19.70 20.56
N GLY E 124 -3.65 -19.55 19.33
CA GLY E 124 -2.82 -20.59 18.74
C GLY E 124 -1.49 -20.73 19.43
N GLY E 125 -0.91 -19.63 19.88
CA GLY E 125 0.32 -19.71 20.65
C GLY E 125 0.12 -20.48 21.94
N VAL E 126 -0.98 -20.20 22.65
CA VAL E 126 -1.27 -20.94 23.88
C VAL E 126 -1.47 -22.42 23.58
N SER E 127 -2.21 -22.72 22.50
CA SER E 127 -2.46 -24.12 22.15
C SER E 127 -1.17 -24.85 21.81
N PHE E 128 -0.27 -24.21 21.05
CA PHE E 128 1.00 -24.82 20.72
C PHE E 128 1.86 -25.01 21.96
N MET E 129 1.84 -24.03 22.88
CA MET E 129 2.54 -24.21 24.14
C MET E 129 2.06 -25.47 24.85
N VAL E 130 0.74 -25.65 24.94
CA VAL E 130 0.21 -26.82 25.62
C VAL E 130 0.61 -28.09 24.89
N GLN E 131 0.54 -28.10 23.56
CA GLN E 131 0.91 -29.28 22.80
C GLN E 131 2.37 -29.65 23.03
N ARG E 132 3.27 -28.66 23.03
CA ARG E 132 4.69 -28.92 23.12
C ARG E 132 5.17 -29.12 24.55
N ASP E 133 4.34 -28.79 25.55
CA ASP E 133 4.68 -29.06 26.95
C ASP E 133 5.96 -28.34 27.35
N TYR E 134 5.96 -27.02 27.23
CA TYR E 134 7.11 -26.22 27.60
C TYR E 134 7.22 -26.08 29.11
N SER E 135 8.38 -25.61 29.55
CA SER E 135 8.53 -25.15 30.93
C SER E 135 8.03 -23.72 31.06
N PHE E 136 8.17 -23.16 32.26
CA PHE E 136 7.70 -21.78 32.48
C PHE E 136 8.60 -20.79 31.74
N ALA E 137 9.92 -20.95 31.89
CA ALA E 137 10.85 -20.07 31.17
C ALA E 137 10.72 -20.25 29.67
N GLU E 138 10.57 -21.51 29.22
CA GLU E 138 10.38 -21.75 27.80
C GLU E 138 9.11 -21.09 27.30
N SER E 139 8.04 -21.11 28.10
CA SER E 139 6.80 -20.43 27.73
C SER E 139 7.01 -18.94 27.60
N VAL E 140 7.72 -18.33 28.54
CA VAL E 140 8.00 -16.89 28.46
C VAL E 140 8.74 -16.57 27.18
N VAL E 141 9.83 -17.31 26.91
CA VAL E 141 10.64 -17.03 25.73
C VAL E 141 9.83 -17.25 24.46
N TYR E 142 9.04 -18.32 24.41
CA TYR E 142 8.26 -18.63 23.22
C TYR E 142 7.22 -17.55 22.94
N GLY E 143 6.52 -17.09 23.98
CA GLY E 143 5.56 -16.02 23.77
C GLY E 143 6.21 -14.74 23.27
N PHE E 144 7.33 -14.37 23.91
CA PHE E 144 8.02 -13.14 23.48
C PHE E 144 8.48 -13.26 22.03
N GLY E 145 9.07 -14.39 21.67
CA GLY E 145 9.55 -14.56 20.30
C GLY E 145 8.43 -14.56 19.29
N SER E 146 7.31 -15.22 19.60
CA SER E 146 6.18 -15.22 18.69
C SER E 146 5.65 -13.81 18.47
N GLY E 147 5.50 -13.04 19.55
CA GLY E 147 5.07 -11.66 19.39
C GLY E 147 6.03 -10.86 18.53
N VAL E 148 7.33 -11.05 18.74
CA VAL E 148 8.32 -10.30 17.97
C VAL E 148 8.21 -10.65 16.49
N GLY E 149 8.06 -11.94 16.18
CA GLY E 149 7.93 -12.33 14.79
C GLY E 149 6.68 -11.76 14.13
N TRP E 150 5.56 -11.78 14.85
CA TRP E 150 4.33 -11.20 14.31
C TRP E 150 4.51 -9.71 14.04
N MET E 151 5.15 -9.00 14.97
CA MET E 151 5.42 -7.58 14.75
C MET E 151 6.28 -7.37 13.51
N LEU E 152 7.33 -8.17 13.36
CA LEU E 152 8.20 -8.04 12.20
C LEU E 152 7.42 -8.23 10.91
N ALA E 153 6.58 -9.25 10.85
CA ALA E 153 5.82 -9.52 9.64
C ALA E 153 4.88 -8.37 9.30
N ILE E 154 4.13 -7.88 10.30
CA ILE E 154 3.16 -6.83 10.01
C ILE E 154 3.87 -5.54 9.61
N VAL E 155 5.01 -5.24 10.23
CA VAL E 155 5.74 -4.03 9.86
C VAL E 155 6.30 -4.14 8.45
N ALA E 156 6.77 -5.33 8.06
CA ALA E 156 7.24 -5.51 6.69
C ALA E 156 6.10 -5.31 5.69
N LEU E 157 4.92 -5.86 5.99
CA LEU E 157 3.79 -5.66 5.10
C LEU E 157 3.42 -4.19 5.00
N ALA E 158 3.45 -3.47 6.12
CA ALA E 158 3.15 -2.04 6.09
C ALA E 158 4.17 -1.29 5.23
N GLY E 159 5.44 -1.64 5.35
CA GLY E 159 6.45 -1.01 4.52
C GLY E 159 6.21 -1.24 3.04
N ILE E 160 5.87 -2.47 2.67
CA ILE E 160 5.57 -2.76 1.27
C ILE E 160 4.37 -1.93 0.81
N ARG E 161 3.31 -1.90 1.61
CA ARG E 161 2.11 -1.19 1.19
C ARG E 161 2.35 0.30 1.08
N GLU E 162 3.25 0.86 1.89
CA GLU E 162 3.61 2.26 1.71
C GLU E 162 4.45 2.46 0.45
N LYS E 163 5.36 1.53 0.16
CA LYS E 163 6.08 1.60 -1.11
C LYS E 163 5.13 1.57 -2.29
N MET E 164 3.98 0.92 -2.14
CA MET E 164 3.03 0.75 -3.23
C MET E 164 2.22 2.02 -3.52
N LYS E 165 2.55 3.16 -2.91
CA LYS E 165 1.83 4.38 -3.23
C LYS E 165 2.00 4.76 -4.69
N TYR E 166 3.06 4.28 -5.34
CA TYR E 166 3.36 4.58 -6.74
C TYR E 166 2.77 3.54 -7.68
N SER E 167 2.08 2.53 -7.17
CA SER E 167 1.55 1.47 -8.01
C SER E 167 0.27 1.91 -8.72
N ASP E 168 -0.11 1.14 -9.73
CA ASP E 168 -1.35 1.35 -10.49
C ASP E 168 -2.13 0.05 -10.50
N VAL E 169 -2.92 -0.17 -9.45
CA VAL E 169 -3.63 -1.44 -9.28
C VAL E 169 -4.98 -1.35 -9.98
N PRO E 170 -5.44 -2.41 -10.65
CA PRO E 170 -6.77 -2.37 -11.27
C PRO E 170 -7.84 -2.07 -10.24
N PRO E 171 -8.90 -1.36 -10.61
CA PRO E 171 -9.90 -0.96 -9.61
C PRO E 171 -10.48 -2.11 -8.81
N GLY E 172 -10.70 -3.26 -9.43
CA GLY E 172 -11.25 -4.40 -8.73
C GLY E 172 -10.31 -5.04 -7.74
N LEU E 173 -9.02 -4.72 -7.80
CA LEU E 173 -8.04 -5.28 -6.89
C LEU E 173 -7.60 -4.32 -5.79
N ARG E 174 -7.91 -3.03 -5.92
CA ARG E 174 -7.49 -2.07 -4.92
C ARG E 174 -7.98 -2.49 -3.54
N GLY E 175 -7.04 -2.56 -2.59
CA GLY E 175 -7.38 -2.97 -1.24
C GLY E 175 -7.21 -4.46 -0.99
N LEU E 176 -8.33 -5.14 -0.78
CA LEU E 176 -8.28 -6.50 -0.24
C LEU E 176 -7.56 -7.45 -1.18
N GLY E 177 -7.91 -7.45 -2.47
CA GLY E 177 -7.34 -8.43 -3.38
C GLY E 177 -5.84 -8.29 -3.54
N ILE E 178 -5.37 -7.06 -3.76
CA ILE E 178 -3.94 -6.85 -3.91
C ILE E 178 -3.20 -7.10 -2.61
N THR E 179 -3.80 -6.79 -1.45
CA THR E 179 -3.13 -7.10 -0.20
C THR E 179 -3.04 -8.61 0.01
N PHE E 180 -4.07 -9.35 -0.39
CA PHE E 180 -4.00 -10.81 -0.34
C PHE E 180 -2.87 -11.33 -1.21
N ILE E 181 -2.75 -10.80 -2.42
CA ILE E 181 -1.68 -11.26 -3.31
C ILE E 181 -0.31 -10.91 -2.73
N THR E 182 -0.18 -9.73 -2.13
CA THR E 182 1.08 -9.33 -1.52
C THR E 182 1.44 -10.25 -0.36
N ALA E 183 0.46 -10.60 0.47
CA ALA E 183 0.71 -11.52 1.57
C ALA E 183 1.12 -12.90 1.06
N GLY E 184 0.48 -13.37 -0.02
CA GLY E 184 0.91 -14.63 -0.61
C GLY E 184 2.35 -14.57 -1.10
N LEU E 185 2.73 -13.47 -1.73
CA LEU E 185 4.11 -13.31 -2.19
C LEU E 185 5.08 -13.29 -1.01
N MET E 186 4.70 -12.64 0.09
CA MET E 186 5.55 -12.65 1.29
C MET E 186 5.71 -14.06 1.83
N ALA E 187 4.63 -14.82 1.88
CA ALA E 187 4.72 -16.22 2.32
C ALA E 187 5.61 -17.01 1.37
N LEU E 188 5.61 -16.66 0.09
CA LEU E 188 6.53 -17.31 -0.86
C LEU E 188 7.98 -17.10 -0.47
N GLY E 189 8.35 -15.88 -0.05
CA GLY E 189 9.73 -15.61 0.29
C GLY E 189 10.11 -16.13 1.67
N PHE E 190 9.15 -16.25 2.59
CA PHE E 190 9.47 -16.75 3.91
C PHE E 190 9.74 -18.25 3.94
N MET E 191 9.52 -18.97 2.84
CA MET E 191 9.78 -20.40 2.84
C MET E 191 11.26 -20.75 2.80
N SER E 192 12.15 -19.75 2.84
CA SER E 192 13.58 -20.04 2.86
C SER E 192 13.98 -20.78 4.13
N PHE E 193 13.22 -20.61 5.21
CA PHE E 193 13.53 -21.28 6.47
C PHE E 193 12.82 -22.61 6.62
N SER E 194 12.10 -23.08 5.60
CA SER E 194 11.18 -24.20 5.78
C SER E 194 11.92 -25.45 6.25
N GLY E 195 13.06 -25.78 5.65
CA GLY E 195 13.76 -26.99 5.97
C GLY E 195 14.72 -26.93 7.13
N VAL E 196 14.80 -25.80 7.83
CA VAL E 196 15.77 -25.66 8.90
C VAL E 196 15.32 -26.48 10.10
N GLN E 197 16.20 -27.35 10.57
CA GLN E 197 15.92 -28.26 11.69
C GLN E 197 16.44 -27.69 13.01
N LEU E 198 15.96 -26.51 13.38
CA LEU E 198 16.45 -25.85 14.58
C LEU E 198 15.77 -26.41 15.82
N MET F 1 -18.54 -40.10 37.32
CA MET F 1 -19.60 -39.17 37.78
C MET F 1 -18.98 -38.00 38.55
N SER F 2 -17.96 -38.29 39.34
CA SER F 2 -17.27 -37.24 40.09
C SER F 2 -16.65 -36.21 39.16
N THR F 3 -16.16 -36.66 38.00
CA THR F 3 -15.56 -35.74 37.05
C THR F 3 -16.54 -34.65 36.64
N ILE F 4 -17.83 -34.98 36.53
CA ILE F 4 -18.82 -33.99 36.16
C ILE F 4 -18.91 -32.89 37.23
N ILE F 5 -18.96 -33.29 38.50
CA ILE F 5 -19.01 -32.32 39.58
C ILE F 5 -17.76 -31.47 39.60
N PHE F 6 -16.59 -32.10 39.43
CA PHE F 6 -15.35 -31.34 39.41
C PHE F 6 -15.35 -30.33 38.26
N GLY F 7 -15.81 -30.74 37.09
CA GLY F 7 -15.86 -29.82 35.96
C GLY F 7 -16.78 -28.64 36.22
N VAL F 8 -17.97 -28.91 36.76
CA VAL F 8 -18.90 -27.82 37.06
C VAL F 8 -18.26 -26.84 38.03
N VAL F 9 -17.70 -27.36 39.13
CA VAL F 9 -17.16 -26.49 40.17
C VAL F 9 -15.99 -25.68 39.62
N MET F 10 -15.10 -26.32 38.87
CA MET F 10 -13.92 -25.62 38.37
C MET F 10 -14.29 -24.57 37.34
N PHE F 11 -15.22 -24.89 36.43
CA PHE F 11 -15.70 -23.91 35.47
C PHE F 11 -16.22 -22.67 36.19
N THR F 12 -17.12 -22.88 37.16
CA THR F 12 -17.71 -21.75 37.86
C THR F 12 -16.65 -20.96 38.61
N LEU F 13 -15.73 -21.65 39.30
CA LEU F 13 -14.72 -20.95 40.07
C LEU F 13 -13.80 -20.14 39.18
N ILE F 14 -13.38 -20.69 38.05
CA ILE F 14 -12.47 -19.98 37.15
C ILE F 14 -13.15 -18.73 36.61
N ILE F 15 -14.39 -18.87 36.14
CA ILE F 15 -15.10 -17.71 35.60
C ILE F 15 -15.27 -16.65 36.67
N LEU F 16 -15.67 -17.05 37.88
CA LEU F 16 -15.89 -16.09 38.95
C LEU F 16 -14.60 -15.38 39.33
N ALA F 17 -13.49 -16.11 39.39
CA ALA F 17 -12.22 -15.50 39.73
C ALA F 17 -11.82 -14.46 38.70
N LEU F 18 -11.95 -14.80 37.41
CA LEU F 18 -11.61 -13.83 36.37
C LEU F 18 -12.49 -12.59 36.48
N VAL F 19 -13.79 -12.79 36.69
CA VAL F 19 -14.71 -11.65 36.78
C VAL F 19 -14.33 -10.76 37.96
N LEU F 20 -14.03 -11.37 39.11
CA LEU F 20 -13.68 -10.58 40.28
C LEU F 20 -12.39 -9.81 40.08
N VAL F 21 -11.39 -10.44 39.45
CA VAL F 21 -10.14 -9.72 39.19
C VAL F 21 -10.39 -8.52 38.29
N ILE F 22 -11.17 -8.71 37.22
CA ILE F 22 -11.40 -7.58 36.32
C ILE F 22 -12.20 -6.49 37.02
N LEU F 23 -13.15 -6.87 37.89
CA LEU F 23 -13.93 -5.86 38.61
C LEU F 23 -13.05 -5.07 39.56
N PHE F 24 -12.13 -5.74 40.25
CA PHE F 24 -11.20 -5.04 41.13
C PHE F 24 -10.32 -4.08 40.34
N ALA F 25 -9.82 -4.53 39.18
CA ALA F 25 -8.99 -3.66 38.35
C ALA F 25 -9.78 -2.43 37.92
N LYS F 26 -11.04 -2.61 37.51
CA LYS F 26 -11.85 -1.47 37.13
C LYS F 26 -12.07 -0.53 38.31
N SER F 27 -12.38 -1.09 39.48
CA SER F 27 -12.62 -0.24 40.64
C SER F 27 -11.40 0.58 41.00
N LYS F 28 -10.20 0.04 40.81
CA LYS F 28 -8.98 0.77 41.16
C LYS F 28 -8.50 1.72 40.07
N LEU F 29 -8.76 1.44 38.79
CA LEU F 29 -8.14 2.21 37.72
C LEU F 29 -9.03 3.35 37.22
N VAL F 30 -10.20 3.02 36.68
CA VAL F 30 -10.99 4.06 35.99
C VAL F 30 -11.54 5.04 37.03
N PRO F 31 -11.56 6.34 36.73
CA PRO F 31 -12.14 7.30 37.69
C PRO F 31 -13.66 7.28 37.66
N THR F 32 -14.26 7.65 38.78
CA THR F 32 -15.71 7.66 38.93
C THR F 32 -16.26 9.02 39.32
N GLY F 33 -15.41 10.04 39.50
CA GLY F 33 -15.88 11.35 39.88
C GLY F 33 -16.45 12.13 38.72
N ASP F 34 -17.05 13.27 39.05
CA ASP F 34 -17.65 14.13 38.04
C ASP F 34 -16.60 15.04 37.41
N ILE F 35 -16.90 15.51 36.21
CA ILE F 35 -16.00 16.38 35.45
C ILE F 35 -16.78 17.60 35.00
N THR F 36 -16.04 18.64 34.62
CA THR F 36 -16.61 19.95 34.29
C THR F 36 -16.15 20.40 32.92
N ILE F 37 -17.00 21.18 32.26
CA ILE F 37 -16.67 21.83 30.99
C ILE F 37 -17.06 23.29 31.09
N SER F 38 -16.20 24.15 30.54
CA SER F 38 -16.38 25.59 30.62
C SER F 38 -16.59 26.16 29.22
N ILE F 39 -17.26 27.30 29.15
CA ILE F 39 -17.60 27.96 27.89
C ILE F 39 -17.05 29.38 27.95
N ASN F 40 -16.18 29.70 27.00
CA ASN F 40 -15.65 31.06 26.83
C ASN F 40 -15.00 31.59 28.10
N GLY F 41 -14.58 30.70 29.00
CA GLY F 41 -13.86 31.11 30.19
C GLY F 41 -14.73 31.67 31.30
N ASP F 42 -16.04 31.69 31.12
CA ASP F 42 -16.92 32.25 32.15
C ASP F 42 -17.02 31.29 33.33
N PRO F 43 -16.97 31.78 34.57
CA PRO F 43 -17.32 30.95 35.73
C PRO F 43 -18.80 30.59 35.79
N GLU F 44 -19.62 31.13 34.90
CA GLU F 44 -21.04 30.84 34.84
C GLU F 44 -21.35 30.10 33.54
N LYS F 45 -22.50 29.42 33.53
CA LYS F 45 -22.93 28.60 32.41
C LYS F 45 -22.08 27.34 32.26
N ALA F 46 -21.35 26.97 33.31
CA ALA F 46 -20.57 25.74 33.28
C ALA F 46 -21.49 24.54 33.40
N ILE F 47 -21.02 23.40 32.90
CA ILE F 47 -21.78 22.15 32.89
C ILE F 47 -20.95 21.06 33.53
N VAL F 48 -21.56 20.30 34.44
CA VAL F 48 -20.90 19.21 35.13
C VAL F 48 -21.71 17.94 34.91
N THR F 49 -21.03 16.90 34.43
CA THR F 49 -21.67 15.61 34.18
C THR F 49 -20.73 14.50 34.62
N GLN F 50 -21.21 13.27 34.49
CA GLN F 50 -20.36 12.11 34.67
C GLN F 50 -19.49 11.92 33.43
N PRO F 51 -18.29 11.37 33.58
CA PRO F 51 -17.40 11.24 32.42
C PRO F 51 -17.92 10.22 31.42
N GLY F 52 -17.51 10.41 30.17
CA GLY F 52 -17.84 9.49 29.09
C GLY F 52 -18.86 10.04 28.13
N GLY F 53 -18.86 9.47 26.92
CA GLY F 53 -19.78 9.88 25.89
C GLY F 53 -19.31 11.08 25.10
N LYS F 54 -20.12 11.46 24.14
CA LYS F 54 -19.81 12.61 23.29
C LYS F 54 -20.14 13.91 24.01
N LEU F 55 -19.54 15.00 23.53
CA LEU F 55 -19.80 16.31 24.11
C LEU F 55 -21.21 16.79 23.78
N LEU F 56 -21.79 16.26 22.70
CA LEU F 56 -23.14 16.65 22.32
C LEU F 56 -24.16 16.30 23.40
N THR F 57 -23.97 15.18 24.10
CA THR F 57 -24.92 14.81 25.14
C THR F 57 -24.96 15.86 26.23
N ALA F 58 -23.79 16.32 26.69
CA ALA F 58 -23.74 17.37 27.70
C ALA F 58 -24.31 18.68 27.18
N LEU F 59 -23.97 19.06 25.94
CA LEU F 59 -24.42 20.36 25.45
C LEU F 59 -25.92 20.37 25.15
N ALA F 60 -26.50 19.20 24.86
CA ALA F 60 -27.93 19.16 24.57
C ALA F 60 -28.76 19.44 25.82
N GLY F 61 -28.26 19.05 27.00
CA GLY F 61 -29.01 19.29 28.21
C GLY F 61 -29.26 20.76 28.46
N ALA F 62 -28.27 21.60 28.19
CA ALA F 62 -28.40 23.04 28.38
C ALA F 62 -29.06 23.73 27.19
N GLY F 63 -29.38 23.01 26.14
CA GLY F 63 -30.00 23.59 24.96
C GLY F 63 -29.04 24.24 23.99
N VAL F 64 -27.74 24.15 24.22
CA VAL F 64 -26.74 24.74 23.32
C VAL F 64 -26.43 23.72 22.22
N PHE F 65 -27.25 23.74 21.16
CA PHE F 65 -27.09 22.75 20.10
C PHE F 65 -26.06 23.15 19.05
N VAL F 66 -25.70 24.44 19.00
CA VAL F 66 -24.78 24.95 17.99
C VAL F 66 -25.21 24.47 16.62
N SER F 67 -26.52 24.52 16.36
CA SER F 67 -27.09 24.19 15.06
C SER F 67 -26.87 22.73 14.67
N SER F 68 -26.71 21.84 15.65
CA SER F 68 -26.60 20.41 15.36
C SER F 68 -27.87 19.93 14.67
N ALA F 69 -27.75 19.56 13.39
CA ALA F 69 -28.91 19.26 12.56
C ALA F 69 -29.17 17.76 12.40
N CYS F 70 -28.43 16.91 13.07
CA CYS F 70 -28.65 15.47 12.95
C CYS F 70 -27.91 14.74 14.06
N GLY F 71 -28.46 13.59 14.44
CA GLY F 71 -27.82 12.69 15.38
C GLY F 71 -26.87 11.71 14.74
N GLY F 72 -26.81 11.68 13.41
CA GLY F 72 -25.92 10.76 12.72
C GLY F 72 -25.75 11.20 11.28
N GLY F 73 -24.84 10.52 10.60
CA GLY F 73 -24.53 10.86 9.21
C GLY F 73 -23.51 11.97 9.13
N GLY F 74 -23.87 13.14 9.63
CA GLY F 74 -22.94 14.26 9.65
C GLY F 74 -22.61 14.84 8.29
N SER F 75 -23.50 14.69 7.31
CA SER F 75 -23.22 15.24 5.99
C SER F 75 -23.09 16.75 6.01
N CYS F 76 -23.79 17.41 6.94
CA CYS F 76 -23.75 18.87 7.00
C CYS F 76 -22.41 19.38 7.51
N GLY F 77 -21.84 18.74 8.52
CA GLY F 77 -20.59 19.21 9.10
C GLY F 77 -20.70 20.51 9.87
N GLN F 78 -21.90 20.86 10.36
CA GLN F 78 -22.07 22.09 11.10
C GLN F 78 -21.57 21.97 12.53
N CYS F 79 -21.27 20.75 12.98
CA CYS F 79 -21.03 20.49 14.39
C CYS F 79 -19.58 20.70 14.79
N ARG F 80 -19.04 21.90 14.55
CA ARG F 80 -17.66 22.19 14.92
C ARG F 80 -17.60 23.23 16.03
N VAL F 81 -16.63 23.07 16.92
CA VAL F 81 -16.41 23.98 18.04
C VAL F 81 -14.91 24.10 18.28
N LYS F 82 -14.49 25.28 18.74
CA LYS F 82 -13.09 25.50 19.09
C LYS F 82 -12.88 25.10 20.54
N ILE F 83 -12.09 24.05 20.76
CA ILE F 83 -11.74 23.58 22.09
C ILE F 83 -10.40 24.19 22.46
N LYS F 84 -10.34 24.87 23.61
CA LYS F 84 -9.16 25.65 23.97
C LYS F 84 -8.14 24.85 24.77
N SER F 85 -8.59 23.92 25.60
CA SER F 85 -7.69 23.19 26.48
C SER F 85 -7.03 22.03 25.73
N GLY F 86 -5.94 21.52 26.31
CA GLY F 86 -5.22 20.41 25.73
C GLY F 86 -5.92 19.09 25.93
N GLY F 87 -7.07 18.92 25.27
CA GLY F 87 -7.85 17.71 25.39
C GLY F 87 -7.44 16.66 24.38
N GLY F 88 -8.38 15.79 24.05
CA GLY F 88 -8.10 14.72 23.11
C GLY F 88 -7.78 15.25 21.72
N ASP F 89 -7.04 14.42 20.98
CA ASP F 89 -6.63 14.80 19.63
C ASP F 89 -7.80 14.73 18.66
N ILE F 90 -7.63 15.36 17.52
CA ILE F 90 -8.66 15.33 16.47
C ILE F 90 -8.60 13.97 15.79
N LEU F 91 -9.73 13.27 15.76
CA LEU F 91 -9.75 11.91 15.24
C LEU F 91 -9.70 11.91 13.72
N PRO F 92 -9.31 10.79 13.11
CA PRO F 92 -9.26 10.73 11.64
C PRO F 92 -10.59 10.99 10.96
N THR F 93 -11.71 10.86 11.67
CA THR F 93 -13.01 11.01 11.05
C THR F 93 -13.45 12.47 10.93
N GLU F 94 -12.67 13.41 11.47
CA GLU F 94 -13.05 14.81 11.46
C GLU F 94 -12.37 15.62 10.36
N LEU F 95 -11.31 15.10 9.75
CA LEU F 95 -10.56 15.86 8.77
C LEU F 95 -11.34 16.11 7.48
N ASP F 96 -12.39 15.34 7.21
CA ASP F 96 -13.20 15.59 6.03
C ASP F 96 -13.93 16.92 6.11
N HIS F 97 -14.26 17.37 7.31
CA HIS F 97 -14.96 18.64 7.51
C HIS F 97 -14.07 19.74 8.08
N ILE F 98 -12.96 19.39 8.70
CA ILE F 98 -12.05 20.36 9.31
C ILE F 98 -10.72 20.29 8.57
N SER F 99 -10.26 21.44 8.07
CA SER F 99 -8.99 21.51 7.39
C SER F 99 -7.85 21.45 8.40
N LYS F 100 -6.63 21.25 7.89
CA LYS F 100 -5.46 21.19 8.77
C LYS F 100 -5.25 22.50 9.51
N GLY F 101 -5.43 23.63 8.82
CA GLY F 101 -5.29 24.91 9.49
C GLY F 101 -6.32 25.09 10.60
N GLU F 102 -7.57 24.71 10.34
CA GLU F 102 -8.60 24.78 11.37
C GLU F 102 -8.27 23.87 12.56
N ALA F 103 -7.79 22.66 12.29
CA ALA F 103 -7.37 21.78 13.38
C ALA F 103 -6.25 22.42 14.18
N ARG F 104 -5.31 23.08 13.51
CA ARG F 104 -4.27 23.81 14.21
C ARG F 104 -4.86 24.93 15.07
N GLU F 105 -6.01 25.46 14.67
CA GLU F 105 -6.69 26.49 15.46
C GLU F 105 -7.49 25.93 16.61
N GLY F 106 -7.63 24.60 16.70
CA GLY F 106 -8.39 23.98 17.78
C GLY F 106 -9.80 23.59 17.42
N GLU F 107 -10.18 23.68 16.16
CA GLU F 107 -11.53 23.29 15.76
C GLU F 107 -11.71 21.78 15.92
N ARG F 108 -12.84 21.38 16.51
CA ARG F 108 -13.15 19.98 16.73
C ARG F 108 -14.64 19.77 16.50
N LEU F 109 -15.00 18.53 16.20
CA LEU F 109 -16.40 18.17 16.00
C LEU F 109 -16.99 17.71 17.34
N ALA F 110 -18.03 18.40 17.79
CA ALA F 110 -18.64 18.08 19.07
C ALA F 110 -19.21 16.66 19.09
N CYS F 111 -19.66 16.15 17.96
CA CYS F 111 -20.30 14.83 17.93
C CYS F 111 -19.30 13.70 18.15
N GLN F 112 -18.02 13.92 17.89
CA GLN F 112 -17.00 12.88 18.02
C GLN F 112 -16.16 12.99 19.28
N VAL F 113 -15.96 14.20 19.82
CA VAL F 113 -15.06 14.37 20.95
C VAL F 113 -15.64 13.68 22.18
N ALA F 114 -14.79 12.96 22.90
CA ALA F 114 -15.19 12.30 24.14
C ALA F 114 -14.98 13.27 25.29
N VAL F 115 -15.92 13.27 26.25
CA VAL F 115 -15.90 14.23 27.34
C VAL F 115 -15.54 13.54 28.65
N LYS F 116 -14.76 12.47 28.57
CA LYS F 116 -14.33 11.74 29.77
C LYS F 116 -13.37 12.54 30.64
N ALA F 117 -12.98 13.74 30.22
CA ALA F 117 -12.07 14.56 31.00
C ALA F 117 -12.48 16.02 30.88
N ASP F 118 -12.01 16.83 31.81
CA ASP F 118 -12.35 18.25 31.81
C ASP F 118 -11.79 18.92 30.55
N MET F 119 -12.55 19.89 30.04
CA MET F 119 -12.16 20.60 28.83
C MET F 119 -12.73 22.01 28.87
N ASP F 120 -12.18 22.88 28.02
CA ASP F 120 -12.60 24.27 27.91
C ASP F 120 -13.04 24.55 26.49
N LEU F 121 -14.15 25.28 26.34
CA LEU F 121 -14.76 25.54 25.04
C LEU F 121 -14.90 27.04 24.82
N GLU F 122 -14.79 27.44 23.55
CA GLU F 122 -15.02 28.82 23.12
C GLU F 122 -15.95 28.80 21.92
N LEU F 123 -16.97 29.64 21.95
CA LEU F 123 -17.94 29.72 20.87
C LEU F 123 -17.85 31.08 20.20
N PRO F 124 -17.70 31.13 18.87
CA PRO F 124 -17.47 32.42 18.21
C PRO F 124 -18.69 33.32 18.23
N GLU F 125 -18.42 34.62 18.23
CA GLU F 125 -19.44 35.66 18.02
C GLU F 125 -20.53 35.67 19.08
N GLU F 126 -20.29 35.04 20.23
CA GLU F 126 -21.20 35.11 21.37
C GLU F 126 -22.64 34.76 20.96
N ILE F 127 -22.82 33.51 20.57
CA ILE F 127 -24.09 33.03 20.03
C ILE F 127 -25.14 32.86 21.12
N PHE F 128 -24.80 33.24 22.36
CA PHE F 128 -25.70 33.01 23.48
C PHE F 128 -27.04 33.71 23.35
N GLY F 129 -27.24 34.53 22.32
CA GLY F 129 -28.52 35.14 22.08
C GLY F 129 -29.56 34.24 21.48
N VAL F 130 -29.19 33.00 21.15
CA VAL F 130 -30.15 32.05 20.58
C VAL F 130 -31.22 31.74 21.61
N LYS F 131 -32.48 31.69 21.15
CA LYS F 131 -33.60 31.46 22.04
C LYS F 131 -34.72 30.75 21.28
N LYS F 132 -35.62 30.13 22.03
CA LYS F 132 -36.80 29.48 21.48
C LYS F 132 -38.01 30.36 21.74
N TRP F 133 -39.00 30.30 20.84
CA TRP F 133 -40.14 31.19 20.87
C TRP F 133 -41.43 30.42 20.68
N GLU F 134 -42.49 30.93 21.30
CA GLU F 134 -43.86 30.48 21.03
C GLU F 134 -44.48 31.47 20.05
N CYS F 135 -44.94 30.95 18.91
CA CYS F 135 -45.33 31.79 17.78
C CYS F 135 -46.72 31.41 17.29
N THR F 136 -47.37 32.38 16.64
CA THR F 136 -48.69 32.21 16.06
C THR F 136 -48.63 32.45 14.56
N VAL F 137 -49.21 31.54 13.80
CA VAL F 137 -49.22 31.68 12.34
C VAL F 137 -50.08 32.88 11.97
N ILE F 138 -49.49 33.82 11.22
CA ILE F 138 -50.25 34.98 10.76
C ILE F 138 -50.94 34.68 9.44
N SER F 139 -50.21 34.11 8.49
CA SER F 139 -50.77 33.75 7.19
C SER F 139 -49.87 32.70 6.56
N ASN F 140 -50.51 31.78 5.84
CA ASN F 140 -49.79 30.65 5.24
C ASN F 140 -50.29 30.39 3.82
N ASP F 141 -50.42 31.45 3.03
CA ASP F 141 -51.00 31.39 1.69
C ASP F 141 -49.95 31.00 0.66
N ASN F 142 -50.41 30.84 -0.58
CA ASN F 142 -49.57 30.41 -1.70
C ASN F 142 -49.45 31.56 -2.70
N LYS F 143 -48.25 31.72 -3.27
CA LYS F 143 -48.02 32.69 -4.33
C LYS F 143 -47.72 32.04 -5.67
N ALA F 144 -47.65 30.71 -5.73
CA ALA F 144 -47.31 30.01 -6.96
C ALA F 144 -47.92 28.61 -6.89
N THR F 145 -47.44 27.72 -7.77
CA THR F 145 -48.09 26.43 -7.92
C THR F 145 -47.48 25.38 -6.99
N PHE F 146 -46.31 25.64 -6.41
CA PHE F 146 -45.64 24.66 -5.58
C PHE F 146 -44.94 25.22 -4.35
N ILE F 147 -45.14 26.48 -4.02
CA ILE F 147 -44.51 27.07 -2.83
C ILE F 147 -45.58 27.79 -2.01
N LYS F 148 -45.31 27.95 -0.72
CA LYS F 148 -46.25 28.56 0.21
C LYS F 148 -45.49 29.53 1.11
N GLU F 149 -46.13 30.65 1.45
CA GLU F 149 -45.51 31.73 2.21
C GLU F 149 -45.99 31.65 3.65
N LEU F 150 -45.07 31.27 4.54
CA LEU F 150 -45.39 31.12 5.96
C LEU F 150 -44.98 32.39 6.71
N LYS F 151 -45.88 32.92 7.53
CA LYS F 151 -45.62 34.09 8.36
C LYS F 151 -45.81 33.71 9.82
N LEU F 152 -44.97 34.26 10.70
CA LEU F 152 -44.99 33.94 12.12
C LEU F 152 -45.03 35.22 12.94
N ALA F 153 -45.59 35.14 14.13
CA ALA F 153 -45.68 36.29 15.03
C ALA F 153 -44.81 36.06 16.26
N ILE F 154 -44.19 37.12 16.72
CA ILE F 154 -43.37 37.12 17.94
C ILE F 154 -44.13 37.91 19.00
N PRO F 155 -44.42 37.33 20.17
CA PRO F 155 -45.32 37.98 21.11
C PRO F 155 -44.74 39.28 21.68
N ASP F 156 -45.64 40.16 22.08
CA ASP F 156 -45.29 41.42 22.75
C ASP F 156 -44.50 42.36 21.84
N GLY F 157 -44.62 42.17 20.52
CA GLY F 157 -43.96 43.08 19.60
C GLY F 157 -42.46 43.01 19.60
N GLU F 158 -41.88 41.96 20.20
CA GLU F 158 -40.44 41.83 20.24
C GLU F 158 -39.88 41.48 18.86
N SER F 159 -38.59 41.75 18.68
CA SER F 159 -37.90 41.50 17.42
C SER F 159 -36.67 40.64 17.68
N VAL F 160 -36.53 39.58 16.88
CA VAL F 160 -35.42 38.65 17.02
C VAL F 160 -34.19 39.23 16.34
N PRO F 161 -33.04 39.27 17.01
CA PRO F 161 -31.82 39.77 16.34
C PRO F 161 -31.32 38.77 15.32
N PHE F 162 -31.11 39.24 14.09
CA PHE F 162 -30.66 38.39 13.00
C PHE F 162 -29.99 39.23 11.93
N ARG F 163 -29.46 38.55 10.92
CA ARG F 163 -28.90 39.19 9.74
C ARG F 163 -29.47 38.51 8.50
N ALA F 164 -29.56 39.28 7.41
CA ALA F 164 -30.19 38.78 6.21
C ALA F 164 -29.50 37.52 5.70
N GLY F 165 -30.30 36.59 5.21
CA GLY F 165 -29.79 35.33 4.69
C GLY F 165 -29.67 34.22 5.70
N GLY F 166 -30.07 34.44 6.96
CA GLY F 166 -29.99 33.40 7.96
C GLY F 166 -31.17 32.45 7.92
N TYR F 167 -31.08 31.40 8.72
CA TYR F 167 -32.12 30.38 8.83
C TYR F 167 -32.43 30.11 10.29
N ILE F 168 -33.55 29.41 10.51
CA ILE F 168 -34.08 29.16 11.84
C ILE F 168 -34.38 27.68 12.00
N GLN F 169 -34.46 27.25 13.26
CA GLN F 169 -34.86 25.88 13.58
C GLN F 169 -36.37 25.82 13.78
N ILE F 170 -36.98 24.75 13.29
CA ILE F 170 -38.43 24.57 13.32
C ILE F 170 -38.74 23.13 13.68
N GLU F 171 -39.77 22.94 14.50
CA GLU F 171 -40.12 21.63 15.03
C GLU F 171 -41.59 21.34 14.77
N ALA F 172 -41.91 20.05 14.68
CA ALA F 172 -43.28 19.59 14.44
C ALA F 172 -43.57 18.38 15.30
N PRO F 173 -44.84 18.17 15.66
CA PRO F 173 -45.20 16.97 16.43
C PRO F 173 -45.54 15.80 15.52
N ALA F 174 -45.93 14.69 16.15
CA ALA F 174 -46.45 13.55 15.40
C ALA F 174 -47.74 13.94 14.70
N HIS F 175 -47.89 13.51 13.46
CA HIS F 175 -49.00 13.97 12.63
C HIS F 175 -49.22 13.03 11.47
N HIS F 176 -50.39 13.17 10.84
CA HIS F 176 -50.70 12.54 9.57
C HIS F 176 -51.50 13.52 8.73
N VAL F 177 -51.15 13.63 7.45
CA VAL F 177 -51.80 14.58 6.55
C VAL F 177 -51.94 13.96 5.18
N LYS F 178 -52.97 14.40 4.45
CA LYS F 178 -53.20 13.99 3.07
C LYS F 178 -53.32 15.23 2.20
N TYR F 179 -52.79 15.15 0.98
CA TYR F 179 -52.62 16.32 0.15
C TYR F 179 -53.93 16.88 -0.37
N ALA F 180 -55.02 16.09 -0.34
CA ALA F 180 -56.30 16.59 -0.83
C ALA F 180 -56.84 17.72 0.03
N ASP F 181 -56.34 17.90 1.25
CA ASP F 181 -56.86 18.89 2.16
C ASP F 181 -56.27 20.28 1.97
N PHE F 182 -55.25 20.42 1.12
CA PHE F 182 -54.60 21.71 0.94
C PHE F 182 -55.51 22.69 0.21
N ASP F 183 -55.19 23.97 0.32
CA ASP F 183 -56.02 25.06 -0.19
C ASP F 183 -55.54 25.61 -1.52
N VAL F 184 -55.07 24.76 -2.42
CA VAL F 184 -54.54 25.20 -3.71
C VAL F 184 -55.69 25.83 -4.51
N PRO F 185 -55.53 27.05 -5.03
CA PRO F 185 -56.61 27.67 -5.80
C PRO F 185 -56.70 27.09 -7.22
N GLU F 186 -57.67 27.61 -7.96
CA GLU F 186 -58.00 27.03 -9.27
C GLU F 186 -56.83 27.13 -10.24
N LYS F 187 -56.18 28.29 -10.31
CA LYS F 187 -55.13 28.49 -11.31
C LYS F 187 -53.96 27.54 -11.11
N TYR F 188 -53.63 27.23 -9.86
CA TYR F 188 -52.55 26.30 -9.56
C TYR F 188 -53.03 24.86 -9.54
N ARG F 189 -54.34 24.63 -9.35
CA ARG F 189 -54.86 23.28 -9.27
C ARG F 189 -54.74 22.55 -10.60
N GLY F 190 -54.63 23.29 -11.71
CA GLY F 190 -54.54 22.66 -13.02
C GLY F 190 -53.39 21.70 -13.15
N ASP F 191 -52.27 21.97 -12.46
CA ASP F 191 -51.12 21.07 -12.50
C ASP F 191 -51.22 19.95 -11.48
N TRP F 192 -51.80 20.22 -10.31
CA TRP F 192 -51.88 19.18 -9.27
C TRP F 192 -52.72 18.00 -9.74
N ASP F 193 -53.88 18.27 -10.34
CA ASP F 193 -54.78 17.20 -10.73
C ASP F 193 -54.23 16.39 -11.89
N LYS F 194 -53.28 16.92 -12.66
CA LYS F 194 -52.69 16.17 -13.76
C LYS F 194 -51.93 14.95 -13.23
N PHE F 195 -51.13 15.15 -12.19
CA PHE F 195 -50.44 14.05 -11.53
C PHE F 195 -51.30 13.41 -10.44
N ASN F 196 -52.45 13.99 -10.11
CA ASN F 196 -53.30 13.49 -9.04
C ASN F 196 -52.55 13.46 -7.72
N LEU F 197 -51.88 14.58 -7.41
CA LEU F 197 -51.06 14.65 -6.21
C LEU F 197 -51.89 14.54 -4.94
N PHE F 198 -53.21 14.71 -5.03
CA PHE F 198 -54.07 14.54 -3.85
C PHE F 198 -54.04 13.12 -3.32
N ARG F 199 -53.57 12.16 -4.13
CA ARG F 199 -53.56 10.76 -3.73
C ARG F 199 -52.56 10.47 -2.61
N TYR F 200 -51.59 11.36 -2.39
CA TYR F 200 -50.48 11.07 -1.50
C TYR F 200 -50.81 11.42 -0.06
N GLU F 201 -50.10 10.76 0.86
CA GLU F 201 -50.24 11.01 2.29
C GLU F 201 -48.93 10.64 2.98
N SER F 202 -48.74 11.18 4.18
CA SER F 202 -47.51 10.93 4.93
C SER F 202 -47.80 11.02 6.42
N LYS F 203 -46.90 10.47 7.22
CA LYS F 203 -47.08 10.42 8.66
C LYS F 203 -45.73 10.25 9.35
N VAL F 204 -45.72 10.50 10.65
CA VAL F 204 -44.58 10.21 11.51
C VAL F 204 -45.09 10.02 12.93
N ASP F 205 -44.47 9.09 13.65
CA ASP F 205 -44.95 8.70 14.97
C ASP F 205 -44.28 9.45 16.11
N GLU F 206 -43.37 10.37 15.82
CA GLU F 206 -42.63 11.08 16.86
C GLU F 206 -42.31 12.48 16.36
N PRO F 207 -42.04 13.42 17.27
CA PRO F 207 -41.74 14.79 16.84
C PRO F 207 -40.43 14.88 16.08
N ILE F 208 -40.33 15.90 15.24
CA ILE F 208 -39.22 16.06 14.31
C ILE F 208 -38.74 17.51 14.33
N ILE F 209 -37.57 17.73 13.74
CA ILE F 209 -36.92 19.03 13.73
C ILE F 209 -36.21 19.23 12.40
N ARG F 210 -36.27 20.45 11.87
CA ARG F 210 -35.61 20.77 10.61
C ARG F 210 -35.20 22.25 10.64
N ALA F 211 -34.44 22.65 9.63
CA ALA F 211 -33.95 24.01 9.48
C ALA F 211 -34.51 24.62 8.19
N TYR F 212 -34.91 25.89 8.27
CA TYR F 212 -35.51 26.56 7.12
C TYR F 212 -35.09 28.02 7.10
N SER F 213 -35.10 28.62 5.91
CA SER F 213 -34.56 29.96 5.71
C SER F 213 -35.63 31.03 5.85
N MET F 214 -35.20 32.22 6.26
CA MET F 214 -36.08 33.34 6.55
C MET F 214 -36.11 34.31 5.37
N ALA F 215 -37.23 35.03 5.25
CA ALA F 215 -37.50 35.85 4.07
C ALA F 215 -37.86 37.29 4.42
N ASN F 216 -37.20 37.89 5.41
CA ASN F 216 -37.43 39.29 5.73
C ASN F 216 -36.14 39.89 6.28
N TYR F 217 -36.03 41.21 6.19
CA TYR F 217 -34.82 41.91 6.60
C TYR F 217 -35.05 42.63 7.92
N PRO F 218 -33.99 43.13 8.55
CA PRO F 218 -34.08 43.53 9.96
C PRO F 218 -35.18 44.53 10.27
N GLU F 219 -35.45 45.50 9.39
CA GLU F 219 -36.42 46.54 9.69
C GLU F 219 -37.85 46.12 9.36
N GLU F 220 -38.07 44.89 8.89
CA GLU F 220 -39.41 44.31 8.83
C GLU F 220 -39.74 43.76 10.22
N PHE F 221 -40.12 44.69 11.10
CA PHE F 221 -40.13 44.43 12.52
C PHE F 221 -41.23 43.45 12.91
N GLY F 222 -40.93 42.63 13.93
CA GLY F 222 -41.95 41.94 14.70
C GLY F 222 -42.37 40.59 14.18
N ILE F 223 -41.93 40.16 13.00
CA ILE F 223 -42.39 38.92 12.40
C ILE F 223 -41.24 38.17 11.73
N ILE F 224 -41.43 36.87 11.58
CA ILE F 224 -40.53 36.00 10.83
C ILE F 224 -41.36 35.24 9.81
N MET F 225 -40.88 35.20 8.58
CA MET F 225 -41.61 34.55 7.49
C MET F 225 -40.64 33.73 6.65
N LEU F 226 -41.19 32.71 5.99
CA LEU F 226 -40.39 31.75 5.23
C LEU F 226 -41.16 31.35 3.97
N ASN F 227 -40.41 30.81 3.00
CA ASN F 227 -40.97 30.26 1.78
C ASN F 227 -40.64 28.78 1.72
N VAL F 228 -41.66 27.95 1.53
CA VAL F 228 -41.52 26.50 1.62
C VAL F 228 -42.07 25.88 0.33
N ARG F 229 -41.34 24.90 -0.20
CA ARG F 229 -41.76 24.18 -1.39
C ARG F 229 -42.30 22.81 -1.02
N ILE F 230 -43.22 22.29 -1.85
CA ILE F 230 -43.72 20.94 -1.64
C ILE F 230 -42.61 19.93 -1.94
N ALA F 231 -42.77 18.73 -1.39
CA ALA F 231 -41.74 17.68 -1.44
C ALA F 231 -42.34 16.37 -1.96
N THR F 232 -43.01 16.45 -3.11
CA THR F 232 -43.65 15.28 -3.67
C THR F 232 -42.61 14.22 -4.04
N PRO F 233 -42.96 12.94 -4.01
CA PRO F 233 -41.98 11.89 -4.30
C PRO F 233 -41.58 11.89 -5.76
N PRO F 234 -40.45 11.27 -6.10
CA PRO F 234 -40.09 11.12 -7.51
C PRO F 234 -41.09 10.26 -8.25
N PRO F 235 -41.27 10.47 -9.56
CA PRO F 235 -42.28 9.69 -10.30
C PRO F 235 -41.85 8.27 -10.64
N ASN F 236 -40.55 7.97 -10.66
CA ASN F 236 -40.10 6.63 -11.01
C ASN F 236 -40.42 5.61 -9.94
N ASN F 237 -40.44 6.01 -8.67
CA ASN F 237 -40.82 5.14 -7.56
C ASN F 237 -41.88 5.85 -6.72
N PRO F 238 -43.10 5.98 -7.25
CA PRO F 238 -44.13 6.77 -6.57
C PRO F 238 -44.74 6.12 -5.34
N ASN F 239 -44.33 4.89 -5.01
CA ASN F 239 -44.92 4.21 -3.86
C ASN F 239 -44.52 4.85 -2.53
N VAL F 240 -43.44 5.62 -2.51
CA VAL F 240 -42.94 6.21 -1.27
C VAL F 240 -43.73 7.48 -0.96
N PRO F 241 -43.87 7.85 0.30
CA PRO F 241 -44.67 9.03 0.65
C PRO F 241 -43.89 10.31 0.45
N PRO F 242 -44.55 11.47 0.50
CA PRO F 242 -43.84 12.74 0.34
C PRO F 242 -43.07 13.11 1.60
N GLY F 243 -42.48 14.31 1.56
CA GLY F 243 -41.75 14.80 2.71
C GLY F 243 -42.66 15.07 3.90
N GLN F 244 -42.06 15.04 5.09
CA GLN F 244 -42.82 15.17 6.32
C GLN F 244 -43.03 16.64 6.72
N MET F 245 -41.92 17.36 6.90
CA MET F 245 -42.02 18.69 7.49
C MET F 245 -42.69 19.69 6.54
N SER F 246 -42.37 19.62 5.25
CA SER F 246 -43.01 20.53 4.30
C SER F 246 -44.51 20.31 4.27
N SER F 247 -44.94 19.04 4.27
CA SER F 247 -46.36 18.74 4.34
C SER F 247 -46.97 19.27 5.63
N TYR F 248 -46.25 19.14 6.74
CA TYR F 248 -46.75 19.68 8.01
C TYR F 248 -46.97 21.18 7.92
N ILE F 249 -45.99 21.90 7.40
CA ILE F 249 -46.08 23.35 7.32
C ILE F 249 -47.21 23.77 6.39
N TRP F 250 -47.42 23.01 5.31
CA TRP F 250 -48.48 23.34 4.37
C TRP F 250 -49.87 23.17 4.97
N SER F 251 -49.98 22.54 6.14
CA SER F 251 -51.30 22.24 6.71
C SER F 251 -51.84 23.39 7.55
N LEU F 252 -50.97 24.14 8.20
CA LEU F 252 -51.42 25.14 9.17
C LEU F 252 -52.10 26.32 8.47
N LYS F 253 -52.75 27.16 9.27
CA LYS F 253 -53.45 28.34 8.80
C LYS F 253 -53.33 29.43 9.84
N ALA F 254 -54.03 30.54 9.59
CA ALA F 254 -53.95 31.69 10.48
C ALA F 254 -54.38 31.33 11.90
N GLY F 255 -53.63 31.84 12.87
CA GLY F 255 -53.96 31.66 14.27
C GLY F 255 -53.47 30.37 14.89
N ASP F 256 -52.81 29.50 14.11
CA ASP F 256 -52.35 28.23 14.65
C ASP F 256 -51.13 28.42 15.53
N LYS F 257 -50.95 27.52 16.49
CA LYS F 257 -49.83 27.58 17.41
C LYS F 257 -48.63 26.84 16.85
N CYS F 258 -47.45 27.42 17.03
CA CYS F 258 -46.23 26.83 16.49
C CYS F 258 -45.04 27.34 17.29
N THR F 259 -43.93 26.60 17.20
CA THR F 259 -42.72 26.91 17.93
C THR F 259 -41.52 26.89 17.00
N ILE F 260 -40.64 27.88 17.18
CA ILE F 260 -39.41 27.99 16.40
C ILE F 260 -38.27 28.27 17.35
N SER F 261 -37.04 28.24 16.82
CA SER F 261 -35.85 28.50 17.62
C SER F 261 -34.63 28.57 16.71
N GLY F 262 -33.48 28.88 17.30
CA GLY F 262 -32.20 28.71 16.66
C GLY F 262 -32.00 29.49 15.38
N PRO F 263 -31.95 30.82 15.47
CA PRO F 263 -31.58 31.62 14.29
C PRO F 263 -30.09 31.57 14.04
N PHE F 264 -29.71 30.91 12.94
CA PHE F 264 -28.31 30.78 12.56
C PHE F 264 -28.14 31.24 11.11
N GLY F 265 -26.89 31.34 10.68
CA GLY F 265 -26.61 31.72 9.31
C GLY F 265 -25.14 31.95 9.02
N GLU F 266 -24.74 31.64 7.79
CA GLU F 266 -23.39 31.94 7.30
C GLU F 266 -23.40 32.48 5.88
N PHE F 267 -24.57 32.85 5.35
CA PHE F 267 -24.72 33.38 4.00
C PHE F 267 -24.79 34.91 3.99
N PHE F 268 -24.05 35.57 4.88
CA PHE F 268 -24.16 37.01 5.04
C PHE F 268 -23.36 37.73 3.96
N ALA F 269 -23.87 38.89 3.53
CA ALA F 269 -23.22 39.65 2.48
C ALA F 269 -21.93 40.29 2.98
N LYS F 270 -21.01 40.55 2.06
CA LYS F 270 -19.74 41.16 2.40
C LYS F 270 -19.86 42.69 2.35
N ASP F 271 -18.87 43.35 2.95
CA ASP F 271 -18.90 44.79 3.15
C ASP F 271 -17.91 45.53 2.27
N THR F 272 -17.82 45.19 0.98
CA THR F 272 -16.92 45.89 0.09
C THR F 272 -17.69 46.86 -0.80
N ASP F 273 -16.95 47.54 -1.67
CA ASP F 273 -17.54 48.48 -2.62
C ASP F 273 -17.81 47.84 -3.98
N ALA F 274 -17.56 46.55 -4.14
CA ALA F 274 -17.70 45.90 -5.42
C ALA F 274 -19.17 45.72 -5.79
N GLU F 275 -19.42 45.47 -7.06
CA GLU F 275 -20.77 45.23 -7.55
C GLU F 275 -21.32 43.93 -6.98
N MET F 276 -22.65 43.86 -6.86
CA MET F 276 -23.34 42.68 -6.38
C MET F 276 -24.26 42.16 -7.47
N VAL F 277 -24.21 40.86 -7.72
CA VAL F 277 -25.06 40.21 -8.71
C VAL F 277 -25.82 39.10 -8.00
N PHE F 278 -27.15 39.14 -8.09
CA PHE F 278 -28.01 38.17 -7.44
C PHE F 278 -28.67 37.28 -8.48
N ILE F 279 -28.36 35.99 -8.42
CA ILE F 279 -28.90 34.98 -9.32
C ILE F 279 -29.68 33.98 -8.49
N GLY F 280 -30.94 33.76 -8.88
CA GLY F 280 -31.82 32.90 -8.11
C GLY F 280 -32.79 32.16 -9.01
N GLY F 281 -33.44 31.16 -8.43
CA GLY F 281 -34.42 30.37 -9.16
C GLY F 281 -35.32 29.57 -8.25
N GLY F 282 -36.60 29.50 -8.60
CA GLY F 282 -37.55 28.71 -7.83
C GLY F 282 -37.75 29.16 -6.41
N ALA F 283 -37.59 28.22 -5.46
CA ALA F 283 -37.94 28.48 -4.07
C ALA F 283 -36.91 29.35 -3.35
N GLY F 284 -35.80 29.69 -3.99
CA GLY F 284 -34.75 30.43 -3.32
C GLY F 284 -35.04 31.92 -3.19
N MET F 285 -36.27 32.33 -3.52
CA MET F 285 -36.63 33.74 -3.54
C MET F 285 -36.39 34.40 -2.18
N ALA F 286 -36.47 33.65 -1.09
CA ALA F 286 -36.47 34.24 0.23
C ALA F 286 -35.17 34.98 0.56
N PRO F 287 -34.02 34.30 0.62
CA PRO F 287 -32.78 35.05 0.95
C PRO F 287 -32.45 36.12 -0.06
N MET F 288 -32.80 35.92 -1.33
CA MET F 288 -32.54 36.95 -2.33
C MET F 288 -33.32 38.21 -2.01
N ARG F 289 -34.60 38.07 -1.70
CA ARG F 289 -35.39 39.22 -1.29
C ARG F 289 -34.83 39.85 -0.03
N SER F 290 -34.42 39.03 0.93
CA SER F 290 -33.86 39.56 2.16
C SER F 290 -32.65 40.45 1.89
N HIS F 291 -31.68 39.94 1.12
CA HIS F 291 -30.47 40.70 0.82
C HIS F 291 -30.81 41.97 0.03
N ILE F 292 -31.70 41.84 -0.96
CA ILE F 292 -32.01 42.99 -1.81
C ILE F 292 -32.65 44.09 -0.99
N PHE F 293 -33.60 43.72 -0.13
CA PHE F 293 -34.25 44.72 0.71
C PHE F 293 -33.26 45.33 1.69
N ASP F 294 -32.39 44.50 2.28
CA ASP F 294 -31.43 45.00 3.26
C ASP F 294 -30.51 46.04 2.64
N GLN F 295 -29.90 45.73 1.49
CA GLN F 295 -28.92 46.63 0.92
C GLN F 295 -29.54 47.93 0.43
N LEU F 296 -30.83 47.93 0.13
CA LEU F 296 -31.46 49.09 -0.50
C LEU F 296 -32.24 49.96 0.48
N LYS F 297 -32.78 49.37 1.56
CA LYS F 297 -33.62 50.10 2.49
C LYS F 297 -32.91 50.43 3.79
N ARG F 298 -32.34 49.43 4.46
CA ARG F 298 -31.69 49.70 5.74
C ARG F 298 -30.35 50.39 5.54
N LEU F 299 -29.44 49.77 4.79
CA LEU F 299 -28.13 50.34 4.56
C LEU F 299 -28.14 51.51 3.58
N LYS F 300 -29.16 51.60 2.73
CA LYS F 300 -29.29 52.72 1.80
C LYS F 300 -28.02 52.88 0.95
N SER F 301 -27.44 51.76 0.51
CA SER F 301 -26.18 51.81 -0.19
C SER F 301 -26.36 52.28 -1.62
N LYS F 302 -25.26 52.73 -2.23
CA LYS F 302 -25.22 53.17 -3.61
C LYS F 302 -24.50 52.16 -4.51
N ARG F 303 -24.24 50.96 -4.01
CA ARG F 303 -23.57 49.95 -4.81
C ARG F 303 -24.48 49.47 -5.94
N LYS F 304 -23.87 49.13 -7.06
CA LYS F 304 -24.61 48.55 -8.18
C LYS F 304 -25.12 47.17 -7.80
N MET F 305 -26.37 46.87 -8.16
CA MET F 305 -26.98 45.59 -7.86
C MET F 305 -27.90 45.19 -8.99
N SER F 306 -28.14 43.89 -9.11
CA SER F 306 -29.06 43.35 -10.10
C SER F 306 -29.51 41.98 -9.65
N TYR F 307 -30.74 41.63 -9.98
CA TYR F 307 -31.34 40.36 -9.58
C TYR F 307 -31.84 39.64 -10.82
N TRP F 308 -31.33 38.42 -11.05
CA TRP F 308 -31.73 37.58 -12.16
C TRP F 308 -32.44 36.36 -11.58
N TYR F 309 -33.67 36.12 -12.03
CA TYR F 309 -34.54 35.10 -11.45
C TYR F 309 -34.95 34.12 -12.54
N GLY F 310 -34.85 32.82 -12.23
CA GLY F 310 -35.26 31.78 -13.16
C GLY F 310 -36.58 31.14 -12.75
N ALA F 311 -37.62 31.39 -13.53
CA ALA F 311 -38.95 30.90 -13.24
C ALA F 311 -39.32 29.75 -14.19
N ARG F 312 -40.57 29.30 -14.09
CA ARG F 312 -41.11 28.26 -14.96
C ARG F 312 -42.12 28.82 -15.95
N SER F 313 -43.08 29.61 -15.47
CA SER F 313 -44.14 30.15 -16.31
C SER F 313 -44.57 31.49 -15.73
N LYS F 314 -45.38 32.21 -16.51
CA LYS F 314 -45.83 33.53 -16.09
C LYS F 314 -46.68 33.45 -14.82
N ARG F 315 -47.18 32.27 -14.48
CA ARG F 315 -47.93 32.09 -13.25
C ARG F 315 -47.10 31.52 -12.10
N GLU F 316 -45.78 31.40 -12.28
CA GLU F 316 -44.91 30.85 -11.27
C GLU F 316 -44.14 31.91 -10.49
N MET F 317 -44.22 33.18 -10.92
CA MET F 317 -43.43 34.26 -10.34
C MET F 317 -44.26 35.11 -9.38
N PHE F 318 -43.55 35.75 -8.45
CA PHE F 318 -44.18 36.55 -7.41
C PHE F 318 -43.22 37.64 -6.94
N TYR F 319 -43.76 38.57 -6.17
CA TYR F 319 -43.03 39.72 -5.61
C TYR F 319 -42.57 40.70 -6.69
N VAL F 320 -43.13 40.62 -7.90
CA VAL F 320 -42.75 41.58 -8.93
C VAL F 320 -43.22 42.97 -8.55
N GLU F 321 -44.37 43.07 -7.88
CA GLU F 321 -44.82 44.39 -7.42
C GLU F 321 -43.85 44.98 -6.41
N ASP F 322 -42.96 44.17 -5.84
CA ASP F 322 -41.91 44.69 -4.98
C ASP F 322 -40.64 45.00 -5.76
N PHE F 323 -40.23 44.07 -6.64
CA PHE F 323 -38.98 44.26 -7.38
C PHE F 323 -39.07 45.42 -8.37
N ASP F 324 -40.19 45.54 -9.09
CA ASP F 324 -40.36 46.67 -10.01
C ASP F 324 -40.37 47.99 -9.24
N GLY F 325 -41.02 48.01 -8.07
CA GLY F 325 -41.00 49.22 -7.27
C GLY F 325 -39.61 49.58 -6.79
N LEU F 326 -38.82 48.57 -6.42
CA LEU F 326 -37.44 48.82 -6.04
C LEU F 326 -36.64 49.37 -7.22
N ALA F 327 -36.80 48.77 -8.39
CA ALA F 327 -36.06 49.20 -9.56
C ALA F 327 -36.39 50.64 -9.95
N ALA F 328 -37.57 51.13 -9.57
CA ALA F 328 -37.97 52.50 -9.85
C ALA F 328 -37.55 53.47 -8.76
N GLU F 329 -37.68 53.09 -7.49
CA GLU F 329 -37.30 53.96 -6.39
C GLU F 329 -35.79 54.07 -6.25
N ASN F 330 -35.04 53.09 -6.72
CA ASN F 330 -33.58 53.12 -6.68
C ASN F 330 -33.05 52.80 -8.07
N ASP F 331 -32.12 53.63 -8.55
CA ASP F 331 -31.52 53.43 -9.87
C ASP F 331 -30.35 52.45 -9.84
N ASN F 332 -29.98 51.95 -8.67
CA ASN F 332 -28.86 51.02 -8.54
C ASN F 332 -29.29 49.56 -8.61
N PHE F 333 -30.56 49.29 -8.89
CA PHE F 333 -31.08 47.93 -8.94
C PHE F 333 -31.75 47.69 -10.29
N VAL F 334 -31.64 46.46 -10.78
CA VAL F 334 -32.26 46.04 -12.03
C VAL F 334 -32.70 44.59 -11.88
N TRP F 335 -33.85 44.26 -12.46
CA TRP F 335 -34.44 42.93 -12.33
C TRP F 335 -34.71 42.35 -13.70
N HIS F 336 -34.41 41.05 -13.86
CA HIS F 336 -34.69 40.33 -15.08
C HIS F 336 -35.12 38.91 -14.73
N CYS F 337 -36.01 38.35 -15.56
CA CYS F 337 -36.54 37.01 -15.33
C CYS F 337 -36.59 36.25 -16.64
N ALA F 338 -36.26 34.96 -16.58
CA ALA F 338 -36.36 34.06 -17.72
C ALA F 338 -37.01 32.76 -17.25
N LEU F 339 -37.82 32.18 -18.14
CA LEU F 339 -38.59 30.99 -17.81
C LEU F 339 -38.39 29.93 -18.88
N SER F 340 -38.45 28.67 -18.46
CA SER F 340 -38.16 27.55 -19.36
C SER F 340 -39.40 26.97 -20.03
N ASP F 341 -40.60 27.31 -19.56
CA ASP F 341 -41.85 26.72 -20.04
C ASP F 341 -42.83 27.81 -20.41
N PRO F 342 -42.60 28.52 -21.52
CA PRO F 342 -43.58 29.49 -21.99
C PRO F 342 -44.73 28.83 -22.75
N GLN F 343 -45.90 28.75 -22.13
CA GLN F 343 -47.05 28.16 -22.80
C GLN F 343 -47.67 29.18 -23.76
N PRO F 344 -48.43 28.73 -24.75
CA PRO F 344 -49.02 29.68 -25.72
C PRO F 344 -49.89 30.74 -25.09
N GLU F 345 -50.56 30.44 -23.96
CA GLU F 345 -51.39 31.44 -23.31
C GLU F 345 -50.58 32.53 -22.63
N ASP F 346 -49.27 32.36 -22.51
CA ASP F 346 -48.43 33.42 -21.94
C ASP F 346 -48.07 34.47 -22.98
N ASN F 347 -47.76 34.04 -24.21
CA ASN F 347 -47.31 34.95 -25.26
C ASN F 347 -46.10 35.76 -24.77
N TRP F 348 -45.21 35.08 -24.06
CA TRP F 348 -44.07 35.75 -23.44
C TRP F 348 -43.12 36.26 -24.51
N THR F 349 -42.67 37.50 -24.35
CA THR F 349 -41.78 38.14 -25.32
C THR F 349 -40.39 38.41 -24.75
N GLY F 350 -40.12 38.02 -23.51
CA GLY F 350 -38.86 38.27 -22.87
C GLY F 350 -37.89 37.11 -23.03
N TYR F 351 -36.96 37.03 -22.09
CA TYR F 351 -35.94 36.00 -22.13
C TYR F 351 -36.54 34.62 -21.85
N THR F 352 -35.97 33.60 -22.49
CA THR F 352 -36.38 32.22 -22.27
C THR F 352 -35.14 31.38 -21.98
N GLY F 353 -35.38 30.13 -21.59
CA GLY F 353 -34.30 29.21 -21.29
C GLY F 353 -33.78 29.37 -19.88
N PHE F 354 -32.80 28.54 -19.55
CA PHE F 354 -32.20 28.58 -18.22
C PHE F 354 -31.53 29.93 -17.98
N ILE F 355 -31.58 30.39 -16.74
CA ILE F 355 -31.21 31.76 -16.42
C ILE F 355 -29.71 31.99 -16.63
N HIS F 356 -28.88 30.95 -16.47
CA HIS F 356 -27.44 31.16 -16.59
C HIS F 356 -27.05 31.57 -18.00
N ASN F 357 -27.65 30.92 -19.01
CA ASN F 357 -27.35 31.30 -20.39
C ASN F 357 -27.79 32.72 -20.68
N VAL F 358 -28.98 33.10 -20.19
CA VAL F 358 -29.46 34.46 -20.39
C VAL F 358 -28.49 35.46 -19.75
N LEU F 359 -28.08 35.19 -18.51
CA LEU F 359 -27.16 36.09 -17.83
C LEU F 359 -25.86 36.23 -18.61
N TYR F 360 -25.27 35.11 -19.03
CA TYR F 360 -24.02 35.18 -19.76
C TYR F 360 -24.18 35.94 -21.07
N GLU F 361 -25.23 35.65 -21.82
CA GLU F 361 -25.34 36.20 -23.16
C GLU F 361 -25.81 37.64 -23.16
N ASN F 362 -26.39 38.13 -22.06
CA ASN F 362 -26.90 39.49 -22.03
C ASN F 362 -26.05 40.44 -21.19
N TYR F 363 -25.39 39.95 -20.13
CA TYR F 363 -24.66 40.84 -19.24
C TYR F 363 -23.16 40.56 -19.19
N LEU F 364 -22.78 39.31 -18.92
CA LEU F 364 -21.41 39.03 -18.54
C LEU F 364 -20.46 38.95 -19.72
N LYS F 365 -20.91 38.49 -20.89
CA LYS F 365 -19.99 38.28 -21.99
C LYS F 365 -19.26 39.56 -22.37
N ASP F 366 -19.87 40.72 -22.11
CA ASP F 366 -19.26 42.01 -22.40
C ASP F 366 -18.90 42.79 -21.14
N HIS F 367 -18.93 42.15 -19.99
CA HIS F 367 -18.62 42.86 -18.74
C HIS F 367 -17.16 43.24 -18.71
N GLU F 368 -16.87 44.42 -18.17
CA GLU F 368 -15.51 44.94 -18.18
C GLU F 368 -14.57 44.06 -17.36
N ALA F 369 -14.99 43.70 -16.14
CA ALA F 369 -14.16 42.90 -15.23
C ALA F 369 -15.07 42.06 -14.35
N PRO F 370 -15.59 40.95 -14.88
CA PRO F 370 -16.53 40.13 -14.10
C PRO F 370 -15.92 39.53 -12.84
N GLU F 371 -14.59 39.39 -12.77
CA GLU F 371 -13.98 38.80 -11.58
C GLU F 371 -14.11 39.69 -10.35
N ASP F 372 -14.35 40.99 -10.52
CA ASP F 372 -14.45 41.90 -9.40
C ASP F 372 -15.82 41.89 -8.73
N CYS F 373 -16.82 41.32 -9.39
CA CYS F 373 -18.16 41.33 -8.83
C CYS F 373 -18.31 40.24 -7.77
N GLU F 374 -19.35 40.39 -6.95
CA GLU F 374 -19.71 39.41 -5.93
C GLU F 374 -21.01 38.73 -6.35
N TYR F 375 -21.03 37.41 -6.33
CA TYR F 375 -22.16 36.63 -6.80
C TYR F 375 -22.80 35.91 -5.62
N TYR F 376 -24.09 36.17 -5.40
CA TYR F 376 -24.88 35.52 -4.37
C TYR F 376 -25.88 34.58 -5.04
N MET F 377 -25.92 33.33 -4.56
CA MET F 377 -26.59 32.26 -5.28
C MET F 377 -27.51 31.46 -4.37
N CYS F 378 -28.59 30.94 -4.97
CA CYS F 378 -29.50 30.01 -4.32
C CYS F 378 -30.45 29.47 -5.39
N GLY F 379 -30.68 28.16 -5.36
CA GLY F 379 -31.55 27.52 -6.32
C GLY F 379 -31.30 26.03 -6.46
N PRO F 380 -31.88 25.43 -7.50
CA PRO F 380 -31.75 23.97 -7.70
C PRO F 380 -30.29 23.58 -7.85
N PRO F 381 -29.88 22.43 -7.29
CA PRO F 381 -28.45 22.07 -7.34
C PRO F 381 -27.87 22.00 -8.74
N MET F 382 -28.62 21.46 -9.71
CA MET F 382 -28.08 21.34 -11.06
C MET F 382 -27.88 22.70 -11.71
N MET F 383 -28.83 23.61 -11.50
CA MET F 383 -28.68 24.96 -12.05
C MET F 383 -27.56 25.70 -11.33
N ASN F 384 -27.35 25.41 -10.05
CA ASN F 384 -26.20 25.94 -9.33
C ASN F 384 -24.91 25.48 -9.98
N ALA F 385 -24.85 24.19 -10.33
CA ALA F 385 -23.66 23.64 -10.99
C ALA F 385 -23.44 24.31 -12.34
N ALA F 386 -24.50 24.51 -13.11
CA ALA F 386 -24.37 25.17 -14.41
C ALA F 386 -23.83 26.59 -14.23
N VAL F 387 -24.38 27.33 -13.27
CA VAL F 387 -23.95 28.70 -13.03
C VAL F 387 -22.50 28.72 -12.56
N ILE F 388 -22.13 27.78 -11.70
CA ILE F 388 -20.76 27.77 -11.17
C ILE F 388 -19.78 27.46 -12.28
N ASN F 389 -20.13 26.55 -13.20
CA ASN F 389 -19.26 26.29 -14.34
C ASN F 389 -19.12 27.52 -15.22
N MET F 390 -20.24 28.17 -15.53
CA MET F 390 -20.18 29.37 -16.36
C MET F 390 -19.29 30.43 -15.71
N LEU F 391 -19.38 30.58 -14.40
CA LEU F 391 -18.54 31.57 -13.71
C LEU F 391 -17.09 31.13 -13.64
N LYS F 392 -16.83 29.82 -13.56
CA LYS F 392 -15.46 29.35 -13.60
C LYS F 392 -14.80 29.71 -14.94
N ASN F 393 -15.53 29.54 -16.04
CA ASN F 393 -14.95 29.86 -17.33
C ASN F 393 -14.71 31.35 -17.52
N LEU F 394 -15.25 32.19 -16.64
CA LEU F 394 -15.00 33.63 -16.69
C LEU F 394 -13.90 34.09 -15.75
N GLY F 395 -13.24 33.17 -15.06
CA GLY F 395 -12.15 33.53 -14.18
C GLY F 395 -12.54 34.07 -12.83
N VAL F 396 -13.71 33.70 -12.32
CA VAL F 396 -14.16 34.16 -11.00
C VAL F 396 -13.74 33.13 -9.97
N GLU F 397 -12.89 33.54 -9.03
CA GLU F 397 -12.40 32.64 -7.99
C GLU F 397 -13.45 32.43 -6.91
N GLU F 398 -13.21 31.42 -6.08
CA GLU F 398 -14.20 31.01 -5.08
C GLU F 398 -14.49 32.08 -4.06
N GLU F 399 -13.52 32.94 -3.74
CA GLU F 399 -13.74 33.94 -2.70
C GLU F 399 -14.87 34.90 -3.05
N ASN F 400 -15.20 35.05 -4.32
CA ASN F 400 -16.24 35.97 -4.76
C ASN F 400 -17.56 35.28 -5.09
N ILE F 401 -17.65 33.97 -4.90
CA ILE F 401 -18.88 33.22 -5.15
C ILE F 401 -19.40 32.71 -3.81
N LEU F 402 -20.68 32.99 -3.53
CA LEU F 402 -21.31 32.62 -2.27
C LEU F 402 -22.61 31.90 -2.58
N LEU F 403 -22.87 30.82 -1.85
CA LEU F 403 -24.06 30.01 -2.08
C LEU F 403 -24.53 29.42 -0.76
N ASP F 404 -25.85 29.33 -0.61
CA ASP F 404 -26.49 28.67 0.52
C ASP F 404 -27.43 27.62 -0.07
N ASP F 405 -26.93 26.40 -0.23
CA ASP F 405 -27.63 25.35 -0.97
C ASP F 405 -28.69 24.74 -0.07
N PHE F 406 -29.93 24.73 -0.56
CA PHE F 406 -31.02 24.05 0.13
C PHE F 406 -30.81 22.55 0.09
N GLY F 407 -30.89 21.91 1.25
CA GLY F 407 -30.77 20.46 1.34
C GLY F 407 -29.36 19.94 1.25
N GLY F 408 -28.35 20.80 1.23
CA GLY F 408 -26.97 20.36 1.15
C GLY F 408 -26.62 19.81 -0.22
#